data_1T7L
#
_entry.id   1T7L
#
_cell.length_a   163.565
_cell.length_b   158.763
_cell.length_c   64.162
_cell.angle_alpha   90.00
_cell.angle_beta   90.00
_cell.angle_gamma   90.00
#
_symmetry.space_group_name_H-M   'P 21 21 2'
#
loop_
_entity.id
_entity.type
_entity.pdbx_description
1 polymer '5-methyltetrahydropteroyltriglutamate--homocysteine methyltransferase'
2 non-polymer 'SULFATE ION'
3 non-polymer MESO-ERYTHRITOL
4 water water
#
_entity_poly.entity_id   1
_entity_poly.type   'polypeptide(L)'
_entity_poly.pdbx_seq_one_letter_code
;MHHHHHHGKPIPNPLLGLDSTENLYFQQIDPFTKAYAFGFPKIGEKREFKKALEDFWKGKITEEQFEEEMNKLRMYMVEN
YRKNVDVIPSNELSYYDFVLDTAVMVGAVPERFGEYRGLSTYFDMARGGKALEMTKFFNTNYHYLVPEIETEEFYLLENK
PLEDYLFFKSKGIETAPWVIGPFTFLYLSKRNGEWIRRPNQMEKLLESLVSVYKEVFEKLVENGCKEILVNEPAFVCDLE
KAHWDLILNVYRELSEFPLTVFTYYDSVSDYEACVSLPVKRLHFDFVSNEENLKNLEKHGFPEDKKLVAGVINGRQPWKV
DLRKVASLVEKLGASAISNSCPLFHLPVTLELENNLPGGLKEKLAFAKEKLEELKMLKDFLEGKTFDLPNVSFEDFAVDL
QAVERVRNLPEDSFRREKEYTERDRIQRERLNLPLFPTTTIGSFPQTPEVRKMRSKYRKGEISKEEYEAFIKEQIKKAIE
LQEEIGLDVLVHGEFERTDMVEFFAEKLNGIATTQNGWVLSYGSRCYRPPIIYGTVTRPEPMTLKEITYAQSLTEKPVKG
MLTGPVTIMSWSYYREDIPEREIAYQIALAINEEVKDLEEAGIKIVQIDEPAFREKAPIKKSKWPEYFEWAINAFNLAAN
ARPETQIHAHMCYSDFNEIIEYIHQLEFDVISIEASRSKGEIISAFENFKGWIKQIGVGVWDIHSPAVPSINEMREIVER
VLRVLPKELIWINPDCGLKTRNWDEVIPSLRNMVALAKEMREKFES
;
_entity_poly.pdbx_strand_id   A,B
#
# COMPACT_ATOMS: atom_id res chain seq x y z
N PHE A 32 -22.42 -4.72 42.11
CA PHE A 32 -22.60 -3.55 41.22
C PHE A 32 -22.01 -3.78 39.82
N THR A 33 -22.82 -3.55 38.80
CA THR A 33 -22.37 -3.70 37.42
C THR A 33 -22.50 -2.34 36.75
N LYS A 34 -21.36 -1.69 36.50
CA LYS A 34 -21.36 -0.39 35.85
C LYS A 34 -21.76 -0.61 34.40
N ALA A 35 -22.81 0.08 33.95
CA ALA A 35 -23.26 -0.08 32.57
C ALA A 35 -22.95 1.15 31.73
N TYR A 36 -22.40 0.92 30.53
CA TYR A 36 -22.06 1.98 29.58
C TYR A 36 -22.95 1.86 28.35
N ALA A 37 -22.98 2.92 27.56
CA ALA A 37 -23.73 2.93 26.31
C ALA A 37 -23.17 4.09 25.52
N PHE A 38 -23.10 3.95 24.20
CA PHE A 38 -22.57 5.03 23.40
C PHE A 38 -23.07 4.95 21.97
N GLY A 39 -23.07 6.10 21.30
CA GLY A 39 -23.53 6.15 19.93
C GLY A 39 -25.03 6.21 19.76
N PHE A 40 -25.77 6.53 20.83
CA PHE A 40 -27.22 6.62 20.70
C PHE A 40 -27.53 7.60 19.57
N PRO A 41 -28.48 7.26 18.69
CA PRO A 41 -28.86 8.12 17.57
C PRO A 41 -29.09 9.58 17.98
N LYS A 42 -28.64 10.49 17.14
CA LYS A 42 -28.79 11.91 17.42
C LYS A 42 -29.94 12.53 16.63
N ILE A 43 -30.41 11.81 15.61
CA ILE A 43 -31.46 12.32 14.73
C ILE A 43 -32.82 12.61 15.37
N GLY A 44 -33.11 11.94 16.48
CA GLY A 44 -34.39 12.18 17.14
C GLY A 44 -35.52 11.34 16.59
N GLU A 45 -36.49 11.04 17.46
CA GLU A 45 -37.65 10.24 17.09
C GLU A 45 -38.49 10.87 15.99
N LYS A 46 -38.43 12.19 15.91
CA LYS A 46 -39.21 12.91 14.92
C LYS A 46 -38.31 13.49 13.85
N ARG A 47 -37.07 12.98 13.81
CA ARG A 47 -36.09 13.45 12.85
C ARG A 47 -35.92 14.96 12.98
N GLU A 48 -35.92 15.43 14.23
CA GLU A 48 -35.76 16.85 14.51
C GLU A 48 -34.40 17.35 14.01
N PHE A 49 -33.40 16.47 14.05
CA PHE A 49 -32.05 16.82 13.60
C PHE A 49 -31.99 17.18 12.13
N LYS A 50 -32.60 16.34 11.29
CA LYS A 50 -32.64 16.54 9.85
C LYS A 50 -33.35 17.84 9.47
N LYS A 51 -34.47 18.11 10.11
CA LYS A 51 -35.25 19.31 9.85
C LYS A 51 -34.50 20.56 10.31
N ALA A 52 -33.83 20.47 11.44
CA ALA A 52 -33.09 21.60 11.97
C ALA A 52 -31.97 21.98 11.01
N LEU A 53 -31.19 20.97 10.61
CA LEU A 53 -30.07 21.18 9.70
C LEU A 53 -30.57 21.76 8.37
N GLU A 54 -31.62 21.16 7.80
CA GLU A 54 -32.15 21.62 6.53
C GLU A 54 -32.84 22.99 6.61
N ASP A 55 -33.57 23.27 7.69
CA ASP A 55 -34.22 24.58 7.81
C ASP A 55 -33.14 25.65 7.90
N PHE A 56 -32.10 25.36 8.67
CA PHE A 56 -31.01 26.31 8.83
C PHE A 56 -30.27 26.57 7.50
N TRP A 57 -30.03 25.52 6.73
CA TRP A 57 -29.34 25.68 5.44
C TRP A 57 -30.17 26.48 4.45
N LYS A 58 -31.50 26.32 4.53
CA LYS A 58 -32.40 27.01 3.64
C LYS A 58 -32.66 28.45 4.10
N GLY A 59 -32.21 28.77 5.30
CA GLY A 59 -32.39 30.11 5.83
C GLY A 59 -33.68 30.29 6.60
N LYS A 60 -34.42 29.18 6.80
CA LYS A 60 -35.70 29.21 7.51
C LYS A 60 -35.54 29.59 8.98
N ILE A 61 -34.46 29.13 9.61
CA ILE A 61 -34.21 29.46 11.01
C ILE A 61 -32.81 30.05 11.15
N THR A 62 -32.57 30.69 12.29
CA THR A 62 -31.28 31.32 12.54
C THR A 62 -30.33 30.31 13.19
N GLU A 63 -29.09 30.73 13.41
CA GLU A 63 -28.09 29.87 14.04
C GLU A 63 -28.49 29.67 15.49
N GLU A 64 -29.07 30.70 16.09
CA GLU A 64 -29.50 30.63 17.49
C GLU A 64 -30.64 29.63 17.61
N GLN A 65 -31.51 29.61 16.60
CA GLN A 65 -32.65 28.70 16.60
C GLN A 65 -32.14 27.28 16.33
N PHE A 66 -31.18 27.18 15.43
CA PHE A 66 -30.58 25.88 15.11
C PHE A 66 -30.02 25.31 16.41
N GLU A 67 -29.24 26.11 17.12
CA GLU A 67 -28.63 25.72 18.39
C GLU A 67 -29.66 25.26 19.42
N GLU A 68 -30.73 26.02 19.59
CA GLU A 68 -31.76 25.67 20.56
C GLU A 68 -32.32 24.29 20.28
N GLU A 69 -32.54 23.99 19.01
CA GLU A 69 -33.07 22.69 18.63
C GLU A 69 -32.06 21.59 18.97
N MET A 70 -30.79 21.87 18.73
CA MET A 70 -29.74 20.90 19.04
C MET A 70 -29.69 20.60 20.53
N ASN A 71 -29.85 21.63 21.37
CA ASN A 71 -29.82 21.41 22.80
C ASN A 71 -30.99 20.55 23.28
N LYS A 72 -32.12 20.64 22.59
CA LYS A 72 -33.28 19.84 22.96
C LYS A 72 -32.88 18.37 22.72
N LEU A 73 -32.26 18.13 21.57
CA LEU A 73 -31.81 16.79 21.23
C LEU A 73 -30.79 16.30 22.26
N ARG A 74 -29.89 17.18 22.68
CA ARG A 74 -28.88 16.82 23.66
C ARG A 74 -29.55 16.26 24.90
N MET A 75 -30.58 16.96 25.39
CA MET A 75 -31.30 16.51 26.57
C MET A 75 -32.05 15.20 26.34
N TYR A 76 -32.62 15.02 25.15
CA TYR A 76 -33.34 13.78 24.85
C TYR A 76 -32.36 12.61 24.92
N MET A 77 -31.17 12.82 24.38
CA MET A 77 -30.15 11.80 24.37
C MET A 77 -29.72 11.38 25.77
N VAL A 78 -29.26 12.33 26.58
CA VAL A 78 -28.82 11.99 27.93
C VAL A 78 -29.98 11.50 28.80
N GLU A 79 -31.19 11.87 28.42
CA GLU A 79 -32.37 11.42 29.15
C GLU A 79 -32.51 9.92 28.92
N ASN A 80 -32.40 9.51 27.66
CA ASN A 80 -32.48 8.09 27.32
C ASN A 80 -31.38 7.31 28.03
N TYR A 81 -30.17 7.86 28.03
CA TYR A 81 -29.04 7.21 28.69
C TYR A 81 -29.26 7.10 30.20
N ARG A 82 -29.61 8.21 30.85
CA ARG A 82 -29.81 8.22 32.29
C ARG A 82 -30.79 7.17 32.80
N LYS A 83 -31.85 6.93 32.04
CA LYS A 83 -32.85 5.95 32.45
C LYS A 83 -32.37 4.51 32.37
N ASN A 84 -31.30 4.27 31.63
CA ASN A 84 -30.82 2.90 31.44
C ASN A 84 -29.40 2.51 31.84
N VAL A 85 -28.47 3.44 31.73
CA VAL A 85 -27.09 3.12 32.06
C VAL A 85 -26.50 4.07 33.09
N ASP A 86 -25.32 3.73 33.59
CA ASP A 86 -24.64 4.51 34.60
C ASP A 86 -23.79 5.65 34.08
N VAL A 87 -23.03 5.40 33.02
CA VAL A 87 -22.17 6.43 32.44
C VAL A 87 -22.87 7.13 31.29
N ILE A 88 -22.98 8.45 31.42
CA ILE A 88 -23.65 9.28 30.42
C ILE A 88 -22.65 9.98 29.50
N PRO A 89 -22.65 9.63 28.20
CA PRO A 89 -21.72 10.28 27.28
C PRO A 89 -22.14 11.69 26.87
N SER A 90 -21.16 12.51 26.51
CA SER A 90 -21.41 13.87 26.02
C SER A 90 -20.51 14.02 24.78
N ASN A 91 -20.59 15.14 24.08
CA ASN A 91 -19.80 15.39 22.88
C ASN A 91 -20.22 14.47 21.72
N GLU A 92 -21.44 13.95 21.78
CA GLU A 92 -21.92 13.05 20.72
C GLU A 92 -22.77 13.73 19.67
N LEU A 93 -23.43 14.83 20.04
CA LEU A 93 -24.28 15.52 19.08
C LEU A 93 -23.48 16.38 18.10
N SER A 94 -23.02 15.73 17.03
CA SER A 94 -22.26 16.39 15.99
C SER A 94 -23.22 17.07 15.03
N TYR A 95 -22.85 18.26 14.56
CA TYR A 95 -23.72 19.00 13.64
C TYR A 95 -23.60 18.51 12.19
N TYR A 96 -22.69 17.58 11.95
CA TYR A 96 -22.55 16.99 10.62
C TYR A 96 -21.74 15.70 10.71
N ASP A 97 -20.53 15.77 11.26
CA ASP A 97 -19.69 14.59 11.38
C ASP A 97 -18.75 14.70 12.57
N PHE A 98 -18.65 13.63 13.35
CA PHE A 98 -17.76 13.64 14.50
C PHE A 98 -16.26 13.61 14.13
N VAL A 99 -15.92 13.07 12.97
CA VAL A 99 -14.51 13.07 12.59
C VAL A 99 -14.15 14.52 12.22
N LEU A 100 -15.05 15.18 11.49
CA LEU A 100 -14.82 16.59 11.15
C LEU A 100 -14.68 17.37 12.46
N ASP A 101 -15.53 17.08 13.44
CA ASP A 101 -15.47 17.76 14.73
C ASP A 101 -14.09 17.59 15.35
N THR A 102 -13.52 16.40 15.21
CA THR A 102 -12.21 16.11 15.78
C THR A 102 -11.14 16.96 15.09
N ALA A 103 -11.21 17.08 13.77
CA ALA A 103 -10.27 17.87 13.00
C ALA A 103 -10.34 19.34 13.43
N VAL A 104 -11.54 19.87 13.55
CA VAL A 104 -11.71 21.26 13.97
C VAL A 104 -11.09 21.45 15.35
N MET A 105 -11.28 20.47 16.23
CA MET A 105 -10.73 20.55 17.57
C MET A 105 -9.22 20.70 17.60
N VAL A 106 -8.54 20.02 16.68
CA VAL A 106 -7.09 20.09 16.65
C VAL A 106 -6.54 21.04 15.58
N GLY A 107 -7.39 21.92 15.08
CA GLY A 107 -6.98 22.91 14.11
C GLY A 107 -6.76 22.47 12.67
N ALA A 108 -7.13 21.25 12.36
CA ALA A 108 -6.96 20.74 11.00
C ALA A 108 -8.01 21.30 10.05
N VAL A 109 -7.85 22.57 9.69
CA VAL A 109 -8.76 23.22 8.76
C VAL A 109 -7.94 23.68 7.55
N PRO A 110 -8.18 23.06 6.39
CA PRO A 110 -7.45 23.40 5.16
C PRO A 110 -7.44 24.90 4.87
N GLU A 111 -6.34 25.36 4.27
CA GLU A 111 -6.17 26.77 3.93
C GLU A 111 -7.28 27.34 3.06
N ARG A 112 -7.85 26.52 2.18
CA ARG A 112 -8.90 27.01 1.28
C ARG A 112 -10.14 27.53 2.00
N PHE A 113 -10.23 27.28 3.29
CA PHE A 113 -11.38 27.73 4.07
C PHE A 113 -11.13 29.04 4.79
N GLY A 114 -9.89 29.49 4.78
CA GLY A 114 -9.57 30.72 5.47
C GLY A 114 -9.69 30.50 6.96
N GLU A 115 -9.75 31.58 7.74
CA GLU A 115 -9.86 31.46 9.18
C GLU A 115 -11.19 30.79 9.52
N TYR A 116 -11.15 29.90 10.50
CA TYR A 116 -12.34 29.19 10.94
C TYR A 116 -13.24 30.19 11.66
N ARG A 117 -14.45 30.35 11.16
CA ARG A 117 -15.42 31.29 11.73
C ARG A 117 -16.36 30.62 12.72
N GLY A 118 -16.75 29.39 12.39
CA GLY A 118 -17.66 28.63 13.23
C GLY A 118 -18.55 27.81 12.32
N LEU A 119 -19.85 27.76 12.60
CA LEU A 119 -20.78 27.00 11.79
C LEU A 119 -20.64 27.25 10.30
N SER A 120 -20.54 28.52 9.91
CA SER A 120 -20.39 28.88 8.50
C SER A 120 -19.24 28.10 7.87
N THR A 121 -18.07 28.14 8.50
CA THR A 121 -16.92 27.42 7.97
C THR A 121 -17.14 25.91 8.05
N TYR A 122 -17.67 25.47 9.18
CA TYR A 122 -17.95 24.05 9.43
C TYR A 122 -18.75 23.42 8.30
N PHE A 123 -19.87 24.03 7.95
CA PHE A 123 -20.69 23.48 6.87
C PHE A 123 -20.03 23.61 5.50
N ASP A 124 -19.11 24.55 5.35
CA ASP A 124 -18.41 24.69 4.07
C ASP A 124 -17.44 23.52 3.94
N MET A 125 -16.89 23.08 5.07
CA MET A 125 -15.98 21.95 5.06
C MET A 125 -16.78 20.66 4.86
N ALA A 126 -18.04 20.70 5.29
CA ALA A 126 -18.94 19.54 5.20
C ALA A 126 -19.63 19.35 3.85
N ARG A 127 -20.16 20.42 3.29
CA ARG A 127 -20.87 20.35 2.02
C ARG A 127 -20.52 21.54 1.13
N GLY A 128 -20.70 21.38 -0.17
CA GLY A 128 -20.38 22.48 -1.06
C GLY A 128 -19.20 22.18 -1.97
N GLY A 129 -18.86 23.15 -2.81
CA GLY A 129 -17.78 22.98 -3.76
C GLY A 129 -16.36 22.87 -3.22
N LYS A 130 -16.15 23.15 -1.95
CA LYS A 130 -14.81 23.07 -1.38
C LYS A 130 -14.72 22.05 -0.24
N ALA A 131 -15.85 21.39 0.04
CA ALA A 131 -15.96 20.42 1.12
C ALA A 131 -14.92 19.30 1.11
N LEU A 132 -14.67 18.76 2.30
CA LEU A 132 -13.74 17.65 2.46
C LEU A 132 -14.35 16.45 1.76
N GLU A 133 -13.52 15.46 1.45
CA GLU A 133 -13.99 14.23 0.82
C GLU A 133 -14.85 13.48 1.84
N MET A 134 -15.88 12.80 1.37
CA MET A 134 -16.75 12.02 2.24
C MET A 134 -16.50 10.55 1.90
N THR A 135 -16.43 9.69 2.91
CA THR A 135 -16.19 8.28 2.65
C THR A 135 -16.80 7.42 3.74
N LYS A 136 -16.92 6.12 3.48
CA LYS A 136 -17.50 5.24 4.48
C LYS A 136 -16.67 5.11 5.75
N PHE A 137 -17.38 5.10 6.87
CA PHE A 137 -16.75 4.97 8.19
C PHE A 137 -16.60 3.47 8.41
N PHE A 138 -15.38 2.98 8.24
CA PHE A 138 -15.09 1.56 8.39
C PHE A 138 -16.01 0.74 7.47
N ASN A 139 -16.56 -0.36 7.95
CA ASN A 139 -17.43 -1.15 7.07
C ASN A 139 -18.90 -0.88 7.35
N THR A 140 -19.25 0.38 7.61
CA THR A 140 -20.65 0.69 7.92
C THR A 140 -21.30 1.62 6.91
N ASN A 141 -22.58 1.89 7.13
CA ASN A 141 -23.32 2.75 6.22
C ASN A 141 -23.30 4.21 6.63
N TYR A 142 -22.48 4.56 7.61
CA TYR A 142 -22.34 5.95 8.01
C TYR A 142 -21.12 6.47 7.26
N HIS A 143 -21.18 7.71 6.80
CA HIS A 143 -20.06 8.30 6.06
C HIS A 143 -19.50 9.51 6.79
N TYR A 144 -18.18 9.55 6.92
CA TYR A 144 -17.51 10.65 7.61
C TYR A 144 -16.75 11.52 6.62
N LEU A 145 -16.23 12.63 7.10
CA LEU A 145 -15.49 13.57 6.27
C LEU A 145 -13.98 13.39 6.53
N VAL A 146 -13.24 13.19 5.45
CA VAL A 146 -11.80 12.95 5.54
C VAL A 146 -10.97 14.19 5.81
N PRO A 147 -10.36 14.28 7.01
CA PRO A 147 -9.53 15.43 7.35
C PRO A 147 -8.33 15.47 6.41
N GLU A 148 -7.93 16.67 6.01
CA GLU A 148 -6.78 16.88 5.13
C GLU A 148 -5.73 17.58 5.99
N ILE A 149 -4.63 16.88 6.28
CA ILE A 149 -3.57 17.43 7.12
C ILE A 149 -2.56 18.23 6.28
N GLU A 150 -2.65 19.55 6.35
CA GLU A 150 -1.74 20.41 5.59
C GLU A 150 -0.53 20.87 6.39
N THR A 151 -0.63 20.85 7.72
CA THR A 151 0.47 21.29 8.58
C THR A 151 0.96 20.15 9.48
N GLU A 152 2.19 20.26 9.95
CA GLU A 152 2.75 19.24 10.82
C GLU A 152 2.52 19.53 12.29
N GLU A 153 1.91 20.67 12.59
CA GLU A 153 1.65 21.08 13.96
C GLU A 153 0.17 21.31 14.26
N PHE A 154 -0.38 20.52 15.16
CA PHE A 154 -1.77 20.65 15.56
C PHE A 154 -1.85 21.64 16.73
N TYR A 155 -3.02 22.22 16.96
CA TYR A 155 -3.20 23.15 18.07
C TYR A 155 -4.66 23.12 18.50
N LEU A 156 -4.94 23.53 19.74
CA LEU A 156 -6.31 23.53 20.22
C LEU A 156 -7.11 24.69 19.63
N LEU A 157 -7.82 24.42 18.55
CA LEU A 157 -8.63 25.43 17.90
C LEU A 157 -9.91 25.65 18.70
N GLU A 158 -10.65 24.56 18.95
CA GLU A 158 -11.88 24.65 19.71
C GLU A 158 -12.01 23.43 20.63
N ASN A 159 -12.39 23.66 21.88
CA ASN A 159 -12.53 22.58 22.85
C ASN A 159 -13.99 22.16 23.03
N LYS A 160 -14.57 21.56 21.99
CA LYS A 160 -15.96 21.12 22.05
C LYS A 160 -16.22 20.13 23.18
N PRO A 161 -15.26 19.22 23.45
CA PRO A 161 -15.52 18.29 24.55
C PRO A 161 -15.80 19.04 25.84
N LEU A 162 -15.01 20.08 26.13
CA LEU A 162 -15.21 20.88 27.34
C LEU A 162 -16.55 21.62 27.27
N GLU A 163 -16.85 22.18 26.10
CA GLU A 163 -18.09 22.90 25.90
C GLU A 163 -19.31 22.05 26.26
N ASP A 164 -19.34 20.82 25.75
CA ASP A 164 -20.45 19.93 26.02
C ASP A 164 -20.45 19.46 27.46
N TYR A 165 -19.26 19.23 28.01
CA TYR A 165 -19.16 18.78 29.39
C TYR A 165 -19.76 19.83 30.32
N LEU A 166 -19.39 21.09 30.10
CA LEU A 166 -19.89 22.18 30.94
C LEU A 166 -21.38 22.42 30.73
N PHE A 167 -21.85 22.28 29.49
CA PHE A 167 -23.27 22.47 29.21
C PHE A 167 -24.11 21.52 30.05
N PHE A 168 -23.72 20.25 30.10
CA PHE A 168 -24.48 19.28 30.89
C PHE A 168 -24.29 19.49 32.39
N LYS A 169 -23.10 19.91 32.79
CA LYS A 169 -22.85 20.16 34.21
C LYS A 169 -23.79 21.27 34.67
N SER A 170 -24.01 22.27 33.81
CA SER A 170 -24.90 23.38 34.15
C SER A 170 -26.34 22.91 34.29
N LYS A 171 -26.61 21.66 33.90
CA LYS A 171 -27.95 21.10 34.02
C LYS A 171 -27.91 20.06 35.14
N GLY A 172 -26.77 20.03 35.86
CA GLY A 172 -26.60 19.10 36.96
C GLY A 172 -26.40 17.66 36.50
N ILE A 173 -25.82 17.49 35.32
CA ILE A 173 -25.59 16.16 34.78
C ILE A 173 -24.12 15.89 34.49
N GLU A 174 -23.56 14.89 35.18
CA GLU A 174 -22.16 14.50 35.00
C GLU A 174 -22.04 13.62 33.76
N THR A 175 -21.21 14.03 32.80
CA THR A 175 -21.03 13.26 31.58
C THR A 175 -19.58 12.88 31.28
N ALA A 176 -19.42 11.90 30.40
CA ALA A 176 -18.11 11.44 30.00
C ALA A 176 -17.94 11.74 28.51
N PRO A 177 -17.13 12.76 28.18
CA PRO A 177 -16.91 13.14 26.79
C PRO A 177 -16.52 11.96 25.90
N TRP A 178 -17.18 11.85 24.76
CA TRP A 178 -16.96 10.80 23.78
C TRP A 178 -16.11 11.42 22.67
N VAL A 179 -14.87 10.95 22.53
CA VAL A 179 -13.97 11.48 21.52
C VAL A 179 -13.30 10.41 20.69
N ILE A 180 -12.90 10.78 19.48
CA ILE A 180 -12.20 9.86 18.59
C ILE A 180 -10.73 9.90 19.03
N GLY A 181 -10.15 8.73 19.30
CA GLY A 181 -8.76 8.68 19.73
C GLY A 181 -7.77 9.22 18.71
N PRO A 182 -6.56 9.63 19.15
CA PRO A 182 -5.55 10.17 18.24
C PRO A 182 -5.05 9.23 17.14
N PHE A 183 -4.96 7.93 17.43
CA PHE A 183 -4.48 7.01 16.41
C PHE A 183 -5.53 6.88 15.31
N THR A 184 -6.76 6.61 15.71
CA THR A 184 -7.84 6.45 14.75
C THR A 184 -8.05 7.74 13.95
N PHE A 185 -7.93 8.89 14.60
CA PHE A 185 -8.11 10.15 13.88
C PHE A 185 -7.16 10.25 12.67
N LEU A 186 -5.87 10.04 12.92
CA LEU A 186 -4.88 10.11 11.86
C LEU A 186 -5.10 9.01 10.85
N TYR A 187 -5.52 7.84 11.33
CA TYR A 187 -5.76 6.70 10.48
C TYR A 187 -6.90 6.93 9.48
N LEU A 188 -7.81 7.83 9.83
CA LEU A 188 -8.95 8.16 8.96
C LEU A 188 -8.68 9.41 8.11
N SER A 189 -7.50 9.99 8.27
CA SER A 189 -7.12 11.21 7.56
C SER A 189 -6.14 11.02 6.41
N LYS A 190 -6.00 12.08 5.61
CA LYS A 190 -5.10 12.07 4.47
C LYS A 190 -4.15 13.27 4.49
N ARG A 191 -2.97 13.07 3.93
CA ARG A 191 -1.97 14.12 3.81
C ARG A 191 -1.51 14.05 2.37
N ASN A 192 -1.65 15.16 1.65
CA ASN A 192 -1.27 15.22 0.25
C ASN A 192 -1.91 14.11 -0.58
N GLY A 193 -3.20 13.89 -0.36
CA GLY A 193 -3.94 12.88 -1.12
C GLY A 193 -3.79 11.43 -0.72
N GLU A 194 -2.94 11.12 0.25
CA GLU A 194 -2.74 9.74 0.67
C GLU A 194 -3.10 9.53 2.14
N TRP A 195 -3.51 8.30 2.47
CA TRP A 195 -3.87 7.97 3.84
C TRP A 195 -2.63 8.05 4.72
N ILE A 196 -2.80 8.50 5.96
CA ILE A 196 -1.68 8.60 6.90
C ILE A 196 -1.74 7.32 7.71
N ARG A 197 -1.40 6.19 7.09
CA ARG A 197 -1.50 4.92 7.79
C ARG A 197 -0.23 4.15 8.13
N ARG A 198 0.88 4.46 7.47
CA ARG A 198 2.13 3.77 7.81
C ARG A 198 2.69 4.40 9.08
N PRO A 199 3.38 3.61 9.91
CA PRO A 199 3.95 4.15 11.15
C PRO A 199 4.82 5.38 10.89
N ASN A 200 5.68 5.30 9.87
CA ASN A 200 6.57 6.43 9.58
C ASN A 200 5.80 7.69 9.18
N GLN A 201 4.62 7.52 8.59
CA GLN A 201 3.81 8.67 8.19
C GLN A 201 3.09 9.27 9.39
N MET A 202 2.80 8.42 10.38
CA MET A 202 2.09 8.83 11.59
C MET A 202 2.96 9.34 12.73
N GLU A 203 4.10 8.69 12.98
CA GLU A 203 4.97 9.04 14.09
C GLU A 203 5.11 10.51 14.47
N LYS A 204 5.65 11.32 13.58
CA LYS A 204 5.85 12.74 13.88
C LYS A 204 4.55 13.47 14.24
N LEU A 205 3.56 13.38 13.37
CA LEU A 205 2.28 14.03 13.59
C LEU A 205 1.65 13.67 14.93
N LEU A 206 1.81 12.41 15.35
CA LEU A 206 1.24 11.96 16.61
C LEU A 206 1.72 12.69 17.85
N GLU A 207 3.02 12.96 17.94
CA GLU A 207 3.55 13.67 19.10
C GLU A 207 2.86 15.02 19.21
N SER A 208 2.70 15.68 18.07
CA SER A 208 2.05 16.98 18.03
C SER A 208 0.56 16.84 18.34
N LEU A 209 -0.08 15.83 17.75
CA LEU A 209 -1.50 15.60 17.96
C LEU A 209 -1.86 15.26 19.41
N VAL A 210 -1.10 14.36 20.03
CA VAL A 210 -1.39 13.98 21.40
C VAL A 210 -1.27 15.16 22.35
N SER A 211 -0.35 16.09 22.06
CA SER A 211 -0.17 17.26 22.91
C SER A 211 -1.49 18.02 23.03
N VAL A 212 -2.22 18.12 21.92
CA VAL A 212 -3.50 18.82 21.94
C VAL A 212 -4.51 18.01 22.75
N TYR A 213 -4.51 16.70 22.56
CA TYR A 213 -5.43 15.83 23.30
C TYR A 213 -5.15 16.00 24.79
N LYS A 214 -3.87 16.10 25.13
CA LYS A 214 -3.44 16.27 26.53
C LYS A 214 -4.00 17.57 27.08
N GLU A 215 -4.01 18.62 26.26
CA GLU A 215 -4.54 19.91 26.68
C GLU A 215 -6.05 19.81 26.92
N VAL A 216 -6.74 19.17 25.98
CA VAL A 216 -8.19 18.99 26.09
C VAL A 216 -8.55 18.20 27.35
N PHE A 217 -7.86 17.08 27.56
CA PHE A 217 -8.11 16.23 28.72
C PHE A 217 -7.79 16.93 30.04
N GLU A 218 -6.69 17.69 30.07
CA GLU A 218 -6.30 18.40 31.27
C GLU A 218 -7.40 19.37 31.69
N LYS A 219 -7.91 20.13 30.72
CA LYS A 219 -8.97 21.12 30.97
C LYS A 219 -10.24 20.44 31.47
N LEU A 220 -10.56 19.27 30.91
CA LEU A 220 -11.75 18.54 31.33
C LEU A 220 -11.58 18.17 32.80
N VAL A 221 -10.46 17.52 33.13
CA VAL A 221 -10.19 17.11 34.50
C VAL A 221 -10.21 18.29 35.47
N GLU A 222 -9.62 19.41 35.06
CA GLU A 222 -9.60 20.60 35.91
C GLU A 222 -11.03 21.05 36.22
N ASN A 223 -11.96 20.71 35.34
CA ASN A 223 -13.35 21.09 35.52
C ASN A 223 -14.22 20.04 36.18
N GLY A 224 -13.60 18.97 36.67
CA GLY A 224 -14.35 17.93 37.35
C GLY A 224 -14.65 16.66 36.58
N CYS A 225 -14.28 16.62 35.30
CA CYS A 225 -14.55 15.43 34.49
C CYS A 225 -13.93 14.19 35.11
N LYS A 226 -14.75 13.18 35.35
CA LYS A 226 -14.30 11.94 35.96
C LYS A 226 -13.96 10.80 34.99
N GLU A 227 -14.48 10.87 33.77
CA GLU A 227 -14.20 9.81 32.81
C GLU A 227 -14.30 10.32 31.38
N ILE A 228 -13.45 9.77 30.51
CA ILE A 228 -13.41 10.17 29.11
C ILE A 228 -13.46 8.92 28.25
N LEU A 229 -14.40 8.88 27.31
CA LEU A 229 -14.57 7.73 26.44
C LEU A 229 -13.82 7.96 25.14
N VAL A 230 -12.71 7.25 24.98
CA VAL A 230 -11.85 7.38 23.80
C VAL A 230 -12.11 6.23 22.82
N ASN A 231 -12.47 6.60 21.60
CA ASN A 231 -12.80 5.62 20.58
C ASN A 231 -11.62 5.34 19.65
N GLU A 232 -11.18 4.07 19.63
CA GLU A 232 -10.06 3.69 18.78
C GLU A 232 -10.39 2.49 17.90
N PRO A 233 -11.44 2.60 17.08
CA PRO A 233 -11.79 1.48 16.21
C PRO A 233 -10.69 1.07 15.23
N ALA A 234 -9.76 1.98 14.93
CA ALA A 234 -8.68 1.65 13.99
C ALA A 234 -7.84 0.48 14.53
N PHE A 235 -7.94 0.22 15.83
CA PHE A 235 -7.21 -0.89 16.46
C PHE A 235 -7.63 -2.25 15.87
N VAL A 236 -8.79 -2.29 15.21
CA VAL A 236 -9.28 -3.54 14.64
C VAL A 236 -8.85 -3.77 13.20
N CYS A 237 -8.14 -2.80 12.63
CA CYS A 237 -7.63 -2.93 11.26
C CYS A 237 -6.41 -3.87 11.35
N ASP A 238 -5.94 -4.35 10.21
CA ASP A 238 -4.76 -5.22 10.15
C ASP A 238 -3.51 -4.39 10.43
N LEU A 239 -3.25 -4.10 11.70
CA LEU A 239 -2.10 -3.26 12.02
C LEU A 239 -0.78 -4.03 12.11
N GLU A 240 0.32 -3.28 12.01
CA GLU A 240 1.67 -3.83 12.10
C GLU A 240 2.09 -3.73 13.56
N LYS A 241 3.01 -4.58 13.99
CA LYS A 241 3.49 -4.50 15.36
C LYS A 241 4.04 -3.08 15.54
N ALA A 242 4.56 -2.49 14.47
CA ALA A 242 5.13 -1.15 14.52
C ALA A 242 4.08 -0.11 14.87
N HIS A 243 2.83 -0.38 14.48
CA HIS A 243 1.72 0.52 14.79
C HIS A 243 1.51 0.48 16.30
N TRP A 244 1.47 -0.73 16.85
CA TRP A 244 1.27 -0.90 18.28
C TRP A 244 2.38 -0.27 19.12
N ASP A 245 3.60 -0.24 18.61
CA ASP A 245 4.68 0.40 19.34
C ASP A 245 4.35 1.88 19.48
N LEU A 246 3.84 2.45 18.39
CA LEU A 246 3.46 3.86 18.34
C LEU A 246 2.28 4.15 19.26
N ILE A 247 1.30 3.25 19.23
CA ILE A 247 0.11 3.39 20.06
C ILE A 247 0.44 3.35 21.56
N LEU A 248 1.35 2.45 21.93
CA LEU A 248 1.78 2.33 23.33
C LEU A 248 2.39 3.67 23.80
N ASN A 249 3.25 4.24 22.98
CA ASN A 249 3.87 5.51 23.32
C ASN A 249 2.84 6.62 23.42
N VAL A 250 1.80 6.56 22.59
CA VAL A 250 0.75 7.57 22.62
C VAL A 250 0.02 7.56 23.96
N TYR A 251 -0.45 6.39 24.35
CA TYR A 251 -1.19 6.28 25.60
C TYR A 251 -0.34 6.42 26.86
N ARG A 252 0.96 6.20 26.76
CA ARG A 252 1.83 6.38 27.91
C ARG A 252 1.82 7.88 28.24
N GLU A 253 1.77 8.69 27.19
CA GLU A 253 1.76 10.14 27.36
C GLU A 253 0.43 10.66 27.88
N LEU A 254 -0.60 9.82 27.83
CA LEU A 254 -1.93 10.20 28.29
C LEU A 254 -2.36 9.37 29.49
N SER A 255 -1.43 8.63 30.09
CA SER A 255 -1.73 7.76 31.22
C SER A 255 -2.28 8.45 32.46
N GLU A 256 -2.04 9.75 32.59
CA GLU A 256 -2.50 10.49 33.78
C GLU A 256 -3.98 10.87 33.72
N PHE A 257 -4.63 10.61 32.59
CA PHE A 257 -6.03 10.97 32.45
C PHE A 257 -6.95 9.77 32.63
N PRO A 258 -8.21 10.01 33.06
CA PRO A 258 -9.23 9.00 33.30
C PRO A 258 -9.85 8.50 31.99
N LEU A 259 -9.05 7.76 31.22
CA LEU A 259 -9.49 7.25 29.94
C LEU A 259 -10.05 5.83 29.96
N THR A 260 -11.03 5.61 29.08
CA THR A 260 -11.64 4.31 28.89
C THR A 260 -11.64 4.17 27.38
N VAL A 261 -10.83 3.25 26.86
CA VAL A 261 -10.71 3.05 25.41
C VAL A 261 -11.66 2.00 24.87
N PHE A 262 -12.36 2.35 23.79
CA PHE A 262 -13.32 1.47 23.14
C PHE A 262 -12.82 1.03 21.76
N THR A 263 -13.06 -0.23 21.42
CA THR A 263 -12.68 -0.75 20.11
C THR A 263 -13.88 -1.53 19.60
N TYR A 264 -14.17 -1.45 18.32
CA TYR A 264 -15.32 -2.16 17.77
C TYR A 264 -15.32 -2.34 16.27
N TYR A 265 -16.26 -3.18 15.82
CA TYR A 265 -16.48 -3.55 14.43
C TYR A 265 -15.75 -4.85 14.12
N ASP A 266 -14.80 -5.21 14.97
CA ASP A 266 -14.06 -6.47 14.82
C ASP A 266 -13.07 -6.62 15.99
N SER A 267 -12.33 -7.72 15.99
CA SER A 267 -11.37 -7.99 17.06
C SER A 267 -10.13 -7.11 16.95
N VAL A 268 -9.54 -6.76 18.09
CA VAL A 268 -8.33 -5.93 18.03
C VAL A 268 -7.23 -6.76 17.38
N SER A 269 -6.40 -6.11 16.58
CA SER A 269 -5.33 -6.78 15.83
C SER A 269 -4.19 -7.38 16.64
N ASP A 270 -3.92 -6.86 17.83
CA ASP A 270 -2.86 -7.41 18.69
C ASP A 270 -3.38 -7.37 20.12
N TYR A 271 -4.00 -8.46 20.56
CA TYR A 271 -4.57 -8.50 21.90
C TYR A 271 -3.59 -8.19 23.03
N GLU A 272 -2.49 -8.93 23.09
CA GLU A 272 -1.51 -8.71 24.13
C GLU A 272 -1.03 -7.25 24.14
N ALA A 273 -0.74 -6.69 22.98
CA ALA A 273 -0.29 -5.29 22.92
C ALA A 273 -1.40 -4.36 23.42
N CYS A 274 -2.62 -4.64 23.00
CA CYS A 274 -3.75 -3.79 23.39
C CYS A 274 -4.00 -3.79 24.90
N VAL A 275 -4.10 -4.98 25.51
CA VAL A 275 -4.35 -5.03 26.95
C VAL A 275 -3.17 -4.55 27.78
N SER A 276 -2.01 -4.39 27.15
CA SER A 276 -0.83 -3.91 27.87
C SER A 276 -0.77 -2.37 27.85
N LEU A 277 -1.72 -1.75 27.17
CA LEU A 277 -1.76 -0.30 27.09
C LEU A 277 -2.03 0.28 28.50
N PRO A 278 -1.39 1.41 28.83
CA PRO A 278 -1.58 2.04 30.14
C PRO A 278 -2.88 2.83 30.35
N VAL A 279 -3.99 2.10 30.30
CA VAL A 279 -5.31 2.69 30.51
C VAL A 279 -5.97 1.83 31.59
N LYS A 280 -6.74 2.45 32.47
CA LYS A 280 -7.38 1.72 33.57
C LYS A 280 -8.61 0.90 33.14
N ARG A 281 -9.32 1.37 32.11
CA ARG A 281 -10.50 0.66 31.61
C ARG A 281 -10.38 0.43 30.10
N LEU A 282 -10.74 -0.77 29.68
CA LEU A 282 -10.65 -1.14 28.26
C LEU A 282 -11.89 -1.89 27.80
N HIS A 283 -12.49 -1.44 26.70
CA HIS A 283 -13.69 -2.08 26.16
C HIS A 283 -13.37 -2.90 24.91
N PHE A 284 -14.03 -4.05 24.79
CA PHE A 284 -13.88 -4.92 23.63
C PHE A 284 -15.25 -5.24 23.05
N ASP A 285 -15.28 -5.41 21.74
CA ASP A 285 -16.49 -5.76 21.03
C ASP A 285 -16.48 -7.31 21.02
N PHE A 286 -17.41 -7.92 21.75
CA PHE A 286 -17.50 -9.37 21.80
C PHE A 286 -18.63 -9.90 20.93
N VAL A 287 -19.17 -9.03 20.08
CA VAL A 287 -20.29 -9.40 19.22
C VAL A 287 -19.96 -9.67 17.75
N SER A 288 -19.24 -8.75 17.13
CA SER A 288 -18.89 -8.85 15.71
C SER A 288 -17.79 -9.85 15.40
N ASN A 289 -17.23 -10.46 16.43
CA ASN A 289 -16.12 -11.39 16.19
C ASN A 289 -16.00 -12.33 17.35
N GLU A 290 -15.26 -13.41 17.12
CA GLU A 290 -15.02 -14.42 18.14
C GLU A 290 -13.57 -14.37 18.62
N GLU A 291 -12.70 -13.69 17.88
CA GLU A 291 -11.29 -13.61 18.26
C GLU A 291 -10.99 -12.90 19.58
N ASN A 292 -11.69 -11.81 19.88
CA ASN A 292 -11.43 -11.11 21.14
C ASN A 292 -11.62 -12.05 22.33
N LEU A 293 -12.71 -12.82 22.31
CA LEU A 293 -13.00 -13.74 23.40
C LEU A 293 -11.96 -14.86 23.46
N LYS A 294 -11.70 -15.50 22.34
CA LYS A 294 -10.71 -16.58 22.31
C LYS A 294 -9.37 -16.08 22.86
N ASN A 295 -8.94 -14.91 22.39
CA ASN A 295 -7.69 -14.34 22.86
C ASN A 295 -7.70 -14.04 24.35
N LEU A 296 -8.83 -13.55 24.86
CA LEU A 296 -8.91 -13.24 26.28
C LEU A 296 -8.88 -14.52 27.11
N GLU A 297 -9.52 -15.58 26.61
CA GLU A 297 -9.54 -16.83 27.35
C GLU A 297 -8.15 -17.46 27.37
N LYS A 298 -7.42 -17.31 26.26
CA LYS A 298 -6.08 -17.85 26.14
C LYS A 298 -4.98 -17.07 26.86
N HIS A 299 -5.01 -15.74 26.75
CA HIS A 299 -3.98 -14.94 27.38
C HIS A 299 -4.41 -14.20 28.64
N GLY A 300 -5.68 -14.35 29.00
CA GLY A 300 -6.18 -13.68 30.19
C GLY A 300 -6.34 -12.19 29.98
N PHE A 301 -6.69 -11.49 31.05
CA PHE A 301 -6.88 -10.05 31.00
C PHE A 301 -6.20 -9.51 32.26
N PRO A 302 -5.38 -8.45 32.10
CA PRO A 302 -4.65 -7.82 33.19
C PRO A 302 -5.44 -7.47 34.44
N GLU A 303 -4.84 -7.70 35.60
CA GLU A 303 -5.46 -7.40 36.88
C GLU A 303 -5.40 -5.89 37.14
N ASP A 304 -4.45 -5.21 36.51
CA ASP A 304 -4.30 -3.77 36.70
C ASP A 304 -5.33 -2.91 35.94
N LYS A 305 -6.21 -3.54 35.17
CA LYS A 305 -7.23 -2.79 34.44
C LYS A 305 -8.60 -3.48 34.47
N LYS A 306 -9.65 -2.71 34.23
CA LYS A 306 -11.01 -3.24 34.24
C LYS A 306 -11.54 -3.46 32.84
N LEU A 307 -12.27 -4.55 32.66
CA LEU A 307 -12.84 -4.88 31.36
C LEU A 307 -14.27 -4.35 31.23
N VAL A 308 -14.58 -3.80 30.06
CA VAL A 308 -15.92 -3.30 29.77
C VAL A 308 -16.37 -4.20 28.62
N ALA A 309 -17.31 -5.09 28.90
CA ALA A 309 -17.77 -6.03 27.89
C ALA A 309 -18.83 -5.51 26.93
N GLY A 310 -18.44 -5.31 25.67
CA GLY A 310 -19.39 -4.87 24.66
C GLY A 310 -20.15 -6.11 24.24
N VAL A 311 -21.32 -6.32 24.83
CA VAL A 311 -22.11 -7.53 24.53
C VAL A 311 -23.47 -7.37 23.88
N ILE A 312 -23.91 -6.13 23.65
CA ILE A 312 -25.20 -5.89 23.00
C ILE A 312 -24.90 -5.25 21.64
N ASN A 313 -25.26 -5.96 20.58
CA ASN A 313 -24.99 -5.52 19.22
C ASN A 313 -25.58 -4.16 18.85
N GLY A 314 -24.79 -3.34 18.14
CA GLY A 314 -25.27 -2.04 17.71
C GLY A 314 -25.50 -2.01 16.20
N ARG A 315 -25.15 -3.11 15.52
CA ARG A 315 -25.27 -3.22 14.06
C ARG A 315 -26.53 -3.97 13.60
N GLN A 316 -27.15 -4.74 14.51
CA GLN A 316 -28.34 -5.51 14.16
C GLN A 316 -29.47 -5.25 15.16
N PRO A 317 -30.74 -5.33 14.70
CA PRO A 317 -31.92 -5.09 15.53
C PRO A 317 -32.62 -6.28 16.16
N TRP A 318 -31.87 -7.31 16.55
CA TRP A 318 -32.53 -8.46 17.15
C TRP A 318 -32.46 -8.52 18.67
N LYS A 319 -33.57 -8.92 19.28
CA LYS A 319 -33.59 -9.09 20.73
C LYS A 319 -32.64 -10.25 20.97
N VAL A 320 -32.00 -10.28 22.13
CA VAL A 320 -31.09 -11.36 22.45
C VAL A 320 -31.48 -11.98 23.79
N ASP A 321 -31.09 -13.22 24.02
CA ASP A 321 -31.37 -13.90 25.27
C ASP A 321 -30.39 -13.33 26.28
N LEU A 322 -30.88 -12.46 27.15
CA LEU A 322 -30.02 -11.81 28.12
C LEU A 322 -29.43 -12.74 29.16
N ARG A 323 -29.96 -13.96 29.25
CA ARG A 323 -29.44 -14.94 30.20
C ARG A 323 -28.14 -15.47 29.61
N LYS A 324 -28.12 -15.61 28.29
CA LYS A 324 -26.94 -16.09 27.59
C LYS A 324 -25.86 -15.00 27.65
N VAL A 325 -26.25 -13.77 27.38
CA VAL A 325 -25.31 -12.65 27.45
C VAL A 325 -24.77 -12.59 28.86
N ALA A 326 -25.68 -12.74 29.82
CA ALA A 326 -25.33 -12.71 31.24
C ALA A 326 -24.26 -13.74 31.57
N SER A 327 -24.34 -14.92 30.98
CA SER A 327 -23.36 -15.96 31.27
C SER A 327 -21.98 -15.57 30.74
N LEU A 328 -21.94 -14.88 29.61
CA LEU A 328 -20.67 -14.45 29.04
C LEU A 328 -20.01 -13.45 29.98
N VAL A 329 -20.80 -12.50 30.45
CA VAL A 329 -20.32 -11.47 31.36
C VAL A 329 -19.82 -12.08 32.67
N GLU A 330 -20.52 -13.11 33.14
CA GLU A 330 -20.15 -13.78 34.38
C GLU A 330 -18.86 -14.58 34.22
N LYS A 331 -18.73 -15.30 33.11
CA LYS A 331 -17.53 -16.08 32.87
C LYS A 331 -16.33 -15.13 32.81
N LEU A 332 -16.52 -14.02 32.10
CA LEU A 332 -15.47 -13.02 31.95
C LEU A 332 -15.22 -12.27 33.24
N GLY A 333 -16.14 -12.40 34.20
CA GLY A 333 -15.96 -11.71 35.46
C GLY A 333 -15.83 -10.22 35.20
N ALA A 334 -16.47 -9.75 34.12
CA ALA A 334 -16.42 -8.34 33.74
C ALA A 334 -17.17 -7.45 34.71
N SER A 335 -16.56 -6.33 35.09
CA SER A 335 -17.16 -5.38 36.02
C SER A 335 -18.11 -4.42 35.33
N ALA A 336 -18.07 -4.36 34.01
CA ALA A 336 -18.93 -3.44 33.27
C ALA A 336 -19.41 -4.04 31.96
N ILE A 337 -20.48 -3.46 31.44
CA ILE A 337 -21.07 -3.91 30.19
C ILE A 337 -21.44 -2.69 29.35
N SER A 338 -21.77 -2.93 28.08
CA SER A 338 -22.17 -1.86 27.17
C SER A 338 -22.47 -2.47 25.80
N ASN A 339 -22.90 -1.64 24.87
CA ASN A 339 -23.17 -2.13 23.54
C ASN A 339 -21.80 -2.42 22.92
N SER A 340 -21.78 -3.28 21.90
CA SER A 340 -20.54 -3.67 21.23
C SER A 340 -19.97 -2.56 20.36
N CYS A 341 -20.82 -1.96 19.54
CA CYS A 341 -20.41 -0.87 18.64
C CYS A 341 -21.45 0.24 18.75
N PRO A 342 -21.15 1.43 18.21
CA PRO A 342 -22.08 2.56 18.26
C PRO A 342 -23.52 2.21 17.91
N LEU A 343 -24.44 2.68 18.73
CA LEU A 343 -25.86 2.43 18.50
C LEU A 343 -26.43 3.22 17.33
N PHE A 344 -25.68 4.18 16.77
CA PHE A 344 -26.25 4.97 15.69
C PHE A 344 -26.43 4.24 14.35
N HIS A 345 -26.05 2.96 14.31
CA HIS A 345 -26.24 2.14 13.11
C HIS A 345 -27.65 1.55 13.17
N LEU A 346 -28.39 1.88 14.23
CA LEU A 346 -29.76 1.40 14.40
C LEU A 346 -30.74 2.56 14.46
N PRO A 347 -32.03 2.30 14.17
CA PRO A 347 -33.05 3.36 14.22
C PRO A 347 -33.24 3.73 15.70
N VAL A 348 -33.92 4.83 15.97
CA VAL A 348 -34.14 5.26 17.35
C VAL A 348 -35.07 4.37 18.19
N THR A 349 -36.27 4.09 17.70
CA THR A 349 -37.23 3.29 18.46
C THR A 349 -38.16 2.41 17.67
N LEU A 350 -38.42 1.22 18.19
CA LEU A 350 -39.29 0.25 17.57
C LEU A 350 -40.75 0.52 17.96
N GLU A 351 -40.94 1.34 18.99
CA GLU A 351 -42.25 1.67 19.54
C GLU A 351 -43.46 1.76 18.58
N LEU A 352 -43.38 2.63 17.59
CA LEU A 352 -44.49 2.83 16.66
C LEU A 352 -44.53 1.91 15.42
N GLU A 353 -43.63 0.94 15.35
CA GLU A 353 -43.60 0.04 14.19
C GLU A 353 -44.67 -1.05 14.33
N ASN A 354 -45.93 -0.65 14.09
CA ASN A 354 -47.05 -1.57 14.21
C ASN A 354 -47.62 -2.12 12.91
N ASN A 355 -46.87 -2.03 11.82
CA ASN A 355 -47.36 -2.56 10.55
C ASN A 355 -46.39 -3.58 9.96
N LEU A 356 -45.55 -4.16 10.81
CA LEU A 356 -44.58 -5.17 10.38
C LEU A 356 -45.28 -6.53 10.27
N PRO A 357 -44.72 -7.46 9.49
CA PRO A 357 -45.35 -8.78 9.36
C PRO A 357 -45.60 -9.39 10.74
N GLY A 358 -46.65 -10.21 10.85
CA GLY A 358 -46.97 -10.83 12.12
C GLY A 358 -45.79 -11.48 12.83
N GLY A 359 -45.64 -11.19 14.11
CA GLY A 359 -44.57 -11.78 14.89
C GLY A 359 -43.21 -11.10 14.85
N LEU A 360 -42.94 -10.31 13.82
CA LEU A 360 -41.63 -9.66 13.72
C LEU A 360 -41.30 -8.63 14.81
N LYS A 361 -42.23 -7.72 15.10
CA LYS A 361 -41.98 -6.68 16.10
C LYS A 361 -41.48 -7.20 17.44
N GLU A 362 -42.05 -8.32 17.90
CA GLU A 362 -41.67 -8.89 19.19
C GLU A 362 -40.26 -9.47 19.24
N LYS A 363 -39.65 -9.63 18.08
CA LYS A 363 -38.30 -10.18 18.01
C LYS A 363 -37.27 -9.09 17.73
N LEU A 364 -37.73 -7.85 17.60
CA LEU A 364 -36.86 -6.72 17.30
C LEU A 364 -36.55 -5.83 18.48
N ALA A 365 -35.52 -4.99 18.31
CA ALA A 365 -35.10 -4.05 19.33
C ALA A 365 -34.21 -3.00 18.66
N PHE A 366 -34.66 -1.75 18.68
CA PHE A 366 -33.86 -0.67 18.09
C PHE A 366 -33.02 0.02 19.18
N ALA A 367 -32.45 1.17 18.86
CA ALA A 367 -31.57 1.87 19.80
C ALA A 367 -32.10 2.01 21.22
N LYS A 368 -33.30 2.54 21.38
CA LYS A 368 -33.88 2.73 22.69
C LYS A 368 -34.03 1.41 23.43
N GLU A 369 -34.48 0.38 22.72
CA GLU A 369 -34.66 -0.94 23.29
C GLU A 369 -33.32 -1.60 23.64
N LYS A 370 -32.26 -1.25 22.91
CA LYS A 370 -30.94 -1.80 23.19
C LYS A 370 -30.47 -1.27 24.54
N LEU A 371 -30.75 0.01 24.78
CA LEU A 371 -30.41 0.67 26.03
C LEU A 371 -31.17 -0.02 27.18
N GLU A 372 -32.43 -0.33 26.93
CA GLU A 372 -33.27 -0.98 27.93
C GLU A 372 -32.75 -2.40 28.19
N GLU A 373 -32.18 -3.02 27.17
CA GLU A 373 -31.64 -4.36 27.34
C GLU A 373 -30.44 -4.28 28.29
N LEU A 374 -29.62 -3.25 28.13
CA LEU A 374 -28.46 -3.06 28.98
C LEU A 374 -28.94 -2.88 30.42
N LYS A 375 -30.06 -2.18 30.60
CA LYS A 375 -30.59 -1.97 31.94
C LYS A 375 -31.05 -3.29 32.56
N MET A 376 -31.72 -4.12 31.76
CA MET A 376 -32.20 -5.42 32.23
C MET A 376 -31.02 -6.27 32.66
N LEU A 377 -30.00 -6.29 31.80
CA LEU A 377 -28.79 -7.06 32.05
C LEU A 377 -28.10 -6.57 33.32
N LYS A 378 -28.02 -5.25 33.47
CA LYS A 378 -27.40 -4.67 34.65
C LYS A 378 -28.15 -5.12 35.91
N ASP A 379 -29.47 -4.93 35.91
CA ASP A 379 -30.29 -5.30 37.06
C ASP A 379 -30.17 -6.79 37.39
N PHE A 380 -30.23 -7.63 36.37
CA PHE A 380 -30.11 -9.06 36.60
C PHE A 380 -28.76 -9.40 37.21
N LEU A 381 -27.69 -8.90 36.58
CA LEU A 381 -26.33 -9.17 37.07
C LEU A 381 -26.09 -8.71 38.50
N GLU A 382 -26.88 -7.75 38.98
CA GLU A 382 -26.70 -7.25 40.35
C GLU A 382 -27.65 -7.92 41.33
N GLY A 383 -28.37 -8.94 40.88
CA GLY A 383 -29.28 -9.65 41.75
C GLY A 383 -30.55 -8.86 42.11
N LYS A 384 -30.78 -7.74 41.43
CA LYS A 384 -31.96 -6.93 41.70
C LYS A 384 -33.19 -7.59 41.07
N THR A 385 -32.94 -8.48 40.12
CA THR A 385 -33.99 -9.23 39.44
C THR A 385 -33.43 -10.63 39.23
N PHE A 386 -34.31 -11.63 39.17
CA PHE A 386 -33.86 -13.01 38.98
C PHE A 386 -34.43 -13.65 37.74
N ASP A 387 -35.11 -12.85 36.92
CA ASP A 387 -35.70 -13.36 35.70
C ASP A 387 -35.40 -12.47 34.50
N LEU A 388 -35.30 -13.10 33.33
CA LEU A 388 -35.03 -12.40 32.07
C LEU A 388 -35.90 -13.03 31.00
N PRO A 389 -36.55 -12.19 30.17
CA PRO A 389 -37.42 -12.70 29.11
C PRO A 389 -36.71 -13.77 28.26
N ASN A 390 -37.47 -14.79 27.86
CA ASN A 390 -36.91 -15.86 27.05
C ASN A 390 -36.88 -15.40 25.60
N VAL A 391 -35.82 -15.73 24.87
CA VAL A 391 -35.70 -15.32 23.48
C VAL A 391 -35.19 -16.45 22.59
N SER A 392 -36.03 -16.89 21.65
CA SER A 392 -35.68 -17.97 20.73
C SER A 392 -36.66 -18.04 19.58
N PHE A 393 -36.18 -17.81 18.36
CA PHE A 393 -37.03 -17.85 17.19
C PHE A 393 -36.35 -18.41 15.94
N GLU A 394 -35.56 -19.45 16.11
CA GLU A 394 -34.83 -20.04 14.98
C GLU A 394 -35.70 -20.48 13.81
N ASP A 395 -36.91 -20.97 14.08
CA ASP A 395 -37.80 -21.43 13.01
C ASP A 395 -38.67 -20.31 12.41
N PHE A 396 -38.68 -19.16 13.06
CA PHE A 396 -39.48 -18.03 12.60
C PHE A 396 -39.25 -17.63 11.15
N ALA A 397 -40.33 -17.56 10.39
CA ALA A 397 -40.30 -17.18 8.99
C ALA A 397 -39.31 -17.98 8.14
N VAL A 398 -39.03 -19.22 8.57
CA VAL A 398 -38.10 -20.07 7.83
C VAL A 398 -38.84 -20.97 6.84
N ASP A 399 -38.51 -20.83 5.56
CA ASP A 399 -39.12 -21.62 4.49
C ASP A 399 -38.16 -22.74 4.08
N LEU A 400 -38.23 -23.86 4.79
CA LEU A 400 -37.37 -25.02 4.55
C LEU A 400 -37.21 -25.42 3.09
N GLN A 401 -38.32 -25.48 2.37
CA GLN A 401 -38.29 -25.86 0.96
C GLN A 401 -37.37 -24.94 0.15
N ALA A 402 -37.36 -23.65 0.48
CA ALA A 402 -36.51 -22.70 -0.23
C ALA A 402 -35.09 -22.76 0.31
N VAL A 403 -34.96 -23.05 1.60
CA VAL A 403 -33.68 -23.17 2.26
C VAL A 403 -32.86 -24.30 1.65
N GLU A 404 -33.44 -25.49 1.60
CA GLU A 404 -32.72 -26.62 1.03
C GLU A 404 -32.49 -26.38 -0.45
N ARG A 405 -33.38 -25.64 -1.08
CA ARG A 405 -33.23 -25.32 -2.49
C ARG A 405 -31.87 -24.67 -2.68
N VAL A 406 -31.38 -24.03 -1.62
CA VAL A 406 -30.10 -23.35 -1.62
C VAL A 406 -28.99 -24.19 -0.97
N ARG A 407 -29.36 -25.01 0.00
CA ARG A 407 -28.37 -25.82 0.72
C ARG A 407 -27.76 -26.95 -0.12
N ASN A 408 -28.51 -27.47 -1.09
CA ASN A 408 -28.03 -28.54 -1.94
C ASN A 408 -27.44 -28.01 -3.24
N LEU A 409 -27.09 -26.73 -3.22
CA LEU A 409 -26.55 -26.06 -4.40
C LEU A 409 -25.43 -26.81 -5.13
N PRO A 410 -25.69 -27.22 -6.38
CA PRO A 410 -24.70 -27.92 -7.18
C PRO A 410 -23.90 -26.87 -7.96
N GLU A 411 -22.59 -27.08 -8.08
CA GLU A 411 -21.71 -26.14 -8.78
C GLU A 411 -22.31 -25.40 -9.98
N ASP A 412 -22.97 -26.14 -10.87
CA ASP A 412 -23.55 -25.54 -12.08
C ASP A 412 -24.37 -24.27 -11.91
N SER A 413 -24.83 -24.01 -10.70
CA SER A 413 -25.61 -22.80 -10.46
C SER A 413 -24.69 -21.62 -10.19
N PHE A 414 -23.40 -21.91 -10.06
CA PHE A 414 -22.40 -20.87 -9.80
C PHE A 414 -21.54 -20.53 -11.00
N ARG A 415 -21.57 -21.38 -12.02
CA ARG A 415 -20.79 -21.14 -13.23
C ARG A 415 -21.69 -21.22 -14.45
N ARG A 416 -21.63 -20.20 -15.30
CA ARG A 416 -22.43 -20.14 -16.50
C ARG A 416 -22.06 -21.26 -17.48
N GLU A 417 -23.06 -21.69 -18.24
CA GLU A 417 -22.95 -22.77 -19.22
C GLU A 417 -21.71 -22.78 -20.11
N LYS A 418 -21.37 -21.63 -20.68
CA LYS A 418 -20.20 -21.52 -21.56
C LYS A 418 -19.27 -20.42 -21.06
N GLU A 419 -17.99 -20.53 -21.43
CA GLU A 419 -17.00 -19.55 -21.01
C GLU A 419 -17.14 -18.26 -21.80
N TYR A 420 -16.56 -17.19 -21.26
CA TYR A 420 -16.66 -15.87 -21.89
C TYR A 420 -16.47 -15.81 -23.40
N THR A 421 -15.32 -16.29 -23.89
CA THR A 421 -15.04 -16.23 -25.32
C THR A 421 -16.19 -16.78 -26.16
N GLU A 422 -16.77 -17.90 -25.75
CA GLU A 422 -17.89 -18.50 -26.48
C GLU A 422 -19.13 -17.62 -26.35
N ARG A 423 -19.39 -17.14 -25.13
CA ARG A 423 -20.55 -16.28 -24.91
C ARG A 423 -20.43 -15.00 -25.72
N ASP A 424 -19.23 -14.43 -25.71
CA ASP A 424 -18.93 -13.19 -26.43
C ASP A 424 -19.30 -13.31 -27.89
N ARG A 425 -18.87 -14.41 -28.52
CA ARG A 425 -19.16 -14.64 -29.94
C ARG A 425 -20.67 -14.60 -30.18
N ILE A 426 -21.41 -15.35 -29.37
CA ILE A 426 -22.86 -15.44 -29.47
C ILE A 426 -23.57 -14.12 -29.22
N GLN A 427 -23.15 -13.41 -28.18
CA GLN A 427 -23.76 -12.13 -27.84
C GLN A 427 -23.56 -11.08 -28.92
N ARG A 428 -22.33 -10.92 -29.39
CA ARG A 428 -22.05 -9.92 -30.41
C ARG A 428 -22.85 -10.15 -31.70
N GLU A 429 -23.00 -11.40 -32.12
CA GLU A 429 -23.76 -11.70 -33.31
C GLU A 429 -25.24 -11.40 -33.08
N ARG A 430 -25.64 -11.46 -31.81
CA ARG A 430 -27.04 -11.22 -31.46
C ARG A 430 -27.34 -9.73 -31.30
N LEU A 431 -26.41 -8.99 -30.68
CA LEU A 431 -26.60 -7.57 -30.43
C LEU A 431 -26.37 -6.66 -31.64
N ASN A 432 -25.44 -7.04 -32.53
CA ASN A 432 -25.16 -6.24 -33.73
C ASN A 432 -24.85 -4.79 -33.38
N LEU A 433 -23.90 -4.58 -32.47
CA LEU A 433 -23.50 -3.25 -32.03
C LEU A 433 -22.26 -2.75 -32.75
N PRO A 434 -22.11 -1.42 -32.86
CA PRO A 434 -20.93 -0.84 -33.53
C PRO A 434 -19.73 -0.86 -32.59
N LEU A 435 -18.59 -0.42 -33.10
CA LEU A 435 -17.38 -0.33 -32.28
C LEU A 435 -17.73 0.78 -31.30
N PHE A 436 -17.14 0.74 -30.10
CA PHE A 436 -17.41 1.75 -29.09
C PHE A 436 -18.89 2.04 -28.90
N PRO A 437 -19.68 1.02 -28.52
CA PRO A 437 -21.12 1.24 -28.31
C PRO A 437 -21.38 2.15 -27.10
N THR A 438 -22.41 2.98 -27.20
CA THR A 438 -22.75 3.89 -26.13
C THR A 438 -23.97 3.41 -25.36
N THR A 439 -24.03 3.79 -24.09
CA THR A 439 -25.16 3.43 -23.23
C THR A 439 -25.07 4.26 -21.97
N THR A 440 -26.00 4.05 -21.04
CA THR A 440 -25.98 4.76 -19.77
C THR A 440 -26.06 3.66 -18.72
N ILE A 441 -25.74 3.98 -17.48
CA ILE A 441 -25.71 2.91 -16.50
C ILE A 441 -26.47 3.11 -15.20
N GLY A 442 -27.53 3.90 -15.24
CA GLY A 442 -28.30 4.14 -14.04
C GLY A 442 -29.63 4.86 -14.27
N SER A 443 -30.18 5.40 -13.19
CA SER A 443 -31.44 6.12 -13.25
C SER A 443 -31.30 7.40 -14.05
N PHE A 444 -32.43 7.95 -14.45
CA PHE A 444 -32.44 9.21 -15.19
C PHE A 444 -32.93 10.26 -14.20
N PRO A 445 -32.78 11.55 -14.53
CA PRO A 445 -33.25 12.59 -13.60
C PRO A 445 -34.74 12.42 -13.32
N GLN A 446 -35.19 12.86 -12.15
CA GLN A 446 -36.59 12.76 -11.78
C GLN A 446 -37.18 14.15 -11.51
N THR A 447 -38.03 14.62 -12.42
CA THR A 447 -38.67 15.92 -12.28
C THR A 447 -39.54 15.97 -11.02
N PRO A 448 -39.91 17.18 -10.58
CA PRO A 448 -40.74 17.27 -9.38
C PRO A 448 -42.02 16.46 -9.57
N GLU A 449 -42.51 16.42 -10.82
CA GLU A 449 -43.72 15.68 -11.14
C GLU A 449 -43.53 14.19 -10.86
N VAL A 450 -42.42 13.63 -11.33
CA VAL A 450 -42.14 12.21 -11.09
C VAL A 450 -42.14 11.91 -9.59
N ARG A 451 -41.53 12.81 -8.82
CA ARG A 451 -41.45 12.64 -7.37
C ARG A 451 -42.83 12.70 -6.71
N LYS A 452 -43.64 13.65 -7.15
CA LYS A 452 -44.98 13.82 -6.60
C LYS A 452 -45.85 12.59 -6.87
N MET A 453 -45.80 12.09 -8.10
CA MET A 453 -46.59 10.92 -8.48
C MET A 453 -46.23 9.72 -7.62
N ARG A 454 -44.93 9.55 -7.36
CA ARG A 454 -44.47 8.45 -6.53
C ARG A 454 -45.02 8.67 -5.12
N SER A 455 -45.04 9.93 -4.71
CA SER A 455 -45.56 10.28 -3.39
C SER A 455 -47.04 9.97 -3.30
N LYS A 456 -47.83 10.59 -4.17
CA LYS A 456 -49.27 10.37 -4.19
C LYS A 456 -49.57 8.88 -4.21
N TYR A 457 -48.75 8.12 -4.94
CA TYR A 457 -48.91 6.68 -5.04
C TYR A 457 -48.71 5.99 -3.69
N ARG A 458 -47.61 6.31 -3.02
CA ARG A 458 -47.30 5.72 -1.73
C ARG A 458 -48.34 6.09 -0.68
N LYS A 459 -48.90 7.29 -0.79
CA LYS A 459 -49.91 7.76 0.14
C LYS A 459 -51.29 7.22 -0.25
N GLY A 460 -51.34 6.51 -1.37
CA GLY A 460 -52.60 5.94 -1.83
C GLY A 460 -53.52 6.96 -2.47
N GLU A 461 -52.98 8.14 -2.79
CA GLU A 461 -53.77 9.19 -3.42
C GLU A 461 -54.24 8.73 -4.80
N ILE A 462 -53.43 7.92 -5.46
CA ILE A 462 -53.78 7.41 -6.78
C ILE A 462 -53.67 5.90 -6.81
N SER A 463 -54.33 5.28 -7.80
CA SER A 463 -54.31 3.83 -7.92
C SER A 463 -53.01 3.29 -8.50
N LYS A 464 -52.85 1.98 -8.39
CA LYS A 464 -51.67 1.30 -8.91
C LYS A 464 -51.67 1.39 -10.43
N GLU A 465 -52.85 1.21 -11.02
CA GLU A 465 -52.99 1.27 -12.48
C GLU A 465 -52.66 2.67 -12.97
N GLU A 466 -53.07 3.68 -12.19
CA GLU A 466 -52.80 5.07 -12.56
C GLU A 466 -51.31 5.35 -12.51
N TYR A 467 -50.66 4.96 -11.42
CA TYR A 467 -49.23 5.18 -11.26
C TYR A 467 -48.47 4.52 -12.41
N GLU A 468 -48.78 3.25 -12.67
CA GLU A 468 -48.14 2.52 -13.75
C GLU A 468 -48.29 3.23 -15.09
N ALA A 469 -49.47 3.78 -15.37
CA ALA A 469 -49.71 4.48 -16.61
C ALA A 469 -48.76 5.68 -16.69
N PHE A 470 -48.57 6.36 -15.56
CA PHE A 470 -47.68 7.51 -15.51
C PHE A 470 -46.26 7.05 -15.82
N ILE A 471 -45.83 5.99 -15.14
CA ILE A 471 -44.50 5.45 -15.34
C ILE A 471 -44.33 5.13 -16.82
N LYS A 472 -45.32 4.45 -17.41
CA LYS A 472 -45.25 4.10 -18.83
C LYS A 472 -44.95 5.32 -19.68
N GLU A 473 -45.55 6.45 -19.32
CA GLU A 473 -45.35 7.69 -20.05
C GLU A 473 -43.92 8.18 -19.95
N GLN A 474 -43.37 8.15 -18.74
CA GLN A 474 -42.01 8.61 -18.52
C GLN A 474 -41.04 7.71 -19.29
N ILE A 475 -41.29 6.40 -19.25
CA ILE A 475 -40.45 5.46 -19.94
C ILE A 475 -40.45 5.73 -21.45
N LYS A 476 -41.63 5.94 -22.01
CA LYS A 476 -41.74 6.21 -23.44
C LYS A 476 -40.94 7.45 -23.83
N LYS A 477 -41.14 8.53 -23.08
CA LYS A 477 -40.42 9.78 -23.34
C LYS A 477 -38.91 9.58 -23.25
N ALA A 478 -38.49 8.84 -22.23
CA ALA A 478 -37.07 8.57 -22.02
C ALA A 478 -36.53 7.73 -23.17
N ILE A 479 -37.29 6.72 -23.58
CA ILE A 479 -36.86 5.86 -24.68
C ILE A 479 -36.72 6.66 -25.97
N GLU A 480 -37.70 7.50 -26.26
CA GLU A 480 -37.67 8.31 -27.48
C GLU A 480 -36.50 9.30 -27.44
N LEU A 481 -36.24 9.86 -26.26
CA LEU A 481 -35.13 10.80 -26.10
C LEU A 481 -33.79 10.11 -26.40
N GLN A 482 -33.59 8.93 -25.85
CA GLN A 482 -32.36 8.19 -26.10
C GLN A 482 -32.26 7.86 -27.59
N GLU A 483 -33.40 7.53 -28.20
CA GLU A 483 -33.43 7.21 -29.63
C GLU A 483 -32.93 8.43 -30.38
N GLU A 484 -33.54 9.58 -30.11
CA GLU A 484 -33.18 10.84 -30.76
C GLU A 484 -31.70 11.16 -30.54
N ILE A 485 -31.26 11.10 -29.30
CA ILE A 485 -29.87 11.38 -28.97
C ILE A 485 -28.92 10.42 -29.71
N GLY A 486 -29.38 9.19 -29.91
CA GLY A 486 -28.55 8.23 -30.64
C GLY A 486 -27.74 7.24 -29.83
N LEU A 487 -28.24 6.84 -28.66
CA LEU A 487 -27.53 5.88 -27.83
C LEU A 487 -27.70 4.48 -28.40
N ASP A 488 -26.72 3.61 -28.18
CA ASP A 488 -26.76 2.23 -28.70
C ASP A 488 -27.55 1.25 -27.87
N VAL A 489 -27.37 1.29 -26.55
CA VAL A 489 -28.08 0.40 -25.64
C VAL A 489 -28.85 1.29 -24.67
N LEU A 490 -30.15 1.07 -24.57
CA LEU A 490 -31.01 1.91 -23.76
C LEU A 490 -31.43 1.36 -22.40
N VAL A 491 -31.91 2.29 -21.56
CA VAL A 491 -32.39 1.97 -20.22
C VAL A 491 -33.79 2.56 -20.05
N HIS A 492 -34.59 1.99 -19.15
CA HIS A 492 -35.95 2.49 -18.96
C HIS A 492 -36.05 3.71 -18.05
N GLY A 493 -34.94 4.07 -17.39
CA GLY A 493 -34.97 5.25 -16.54
C GLY A 493 -35.17 5.05 -15.04
N GLU A 494 -35.78 3.94 -14.65
CA GLU A 494 -36.02 3.66 -13.23
C GLU A 494 -36.78 4.78 -12.50
N PHE A 495 -37.73 5.39 -13.20
CA PHE A 495 -38.53 6.48 -12.62
C PHE A 495 -39.47 5.94 -11.53
N GLU A 496 -39.64 4.62 -11.50
CA GLU A 496 -40.52 4.00 -10.53
C GLU A 496 -39.81 3.60 -9.23
N ARG A 497 -38.52 3.92 -9.14
CA ARG A 497 -37.73 3.56 -7.98
C ARG A 497 -37.11 4.77 -7.27
N THR A 498 -36.96 4.66 -5.95
CA THR A 498 -36.32 5.72 -5.18
C THR A 498 -35.00 5.10 -4.76
N ASP A 499 -35.02 4.33 -3.68
CA ASP A 499 -33.83 3.65 -3.19
C ASP A 499 -33.77 2.31 -3.91
N MET A 500 -32.62 1.98 -4.51
CA MET A 500 -32.51 0.71 -5.23
C MET A 500 -32.79 -0.50 -4.37
N VAL A 501 -32.24 -0.52 -3.15
CA VAL A 501 -32.48 -1.67 -2.29
C VAL A 501 -33.94 -1.72 -1.80
N GLU A 502 -34.50 -0.59 -1.40
CA GLU A 502 -35.88 -0.59 -0.93
C GLU A 502 -36.83 -1.12 -2.00
N PHE A 503 -36.56 -0.75 -3.25
CA PHE A 503 -37.40 -1.19 -4.36
C PHE A 503 -37.55 -2.71 -4.39
N PHE A 504 -36.44 -3.41 -4.26
CA PHE A 504 -36.50 -4.87 -4.30
C PHE A 504 -36.94 -5.49 -2.97
N ALA A 505 -36.57 -4.85 -1.87
CA ALA A 505 -36.94 -5.35 -0.55
C ALA A 505 -38.46 -5.46 -0.46
N GLU A 506 -39.15 -4.46 -0.98
CA GLU A 506 -40.61 -4.45 -0.94
C GLU A 506 -41.22 -5.53 -1.82
N LYS A 507 -40.42 -6.13 -2.70
CA LYS A 507 -40.92 -7.17 -3.61
C LYS A 507 -40.43 -8.57 -3.28
N LEU A 508 -39.68 -8.70 -2.19
CA LEU A 508 -39.15 -10.00 -1.80
C LEU A 508 -39.71 -10.51 -0.49
N ASN A 509 -40.14 -11.77 -0.46
CA ASN A 509 -40.65 -12.35 0.77
C ASN A 509 -39.46 -12.59 1.70
N GLY A 510 -39.70 -12.48 3.01
CA GLY A 510 -38.66 -12.67 3.98
C GLY A 510 -38.00 -11.36 4.36
N ILE A 511 -38.42 -10.29 3.69
CA ILE A 511 -37.87 -8.96 3.94
C ILE A 511 -38.99 -7.98 4.24
N ALA A 512 -38.84 -7.25 5.34
CA ALA A 512 -39.84 -6.27 5.74
C ALA A 512 -39.22 -4.86 5.69
N THR A 513 -40.09 -3.85 5.61
CA THR A 513 -39.65 -2.47 5.61
C THR A 513 -40.39 -1.78 6.73
N THR A 514 -39.71 -0.85 7.40
CA THR A 514 -40.30 -0.13 8.52
C THR A 514 -40.94 1.17 8.06
N GLN A 515 -41.64 1.82 8.98
CA GLN A 515 -42.29 3.09 8.67
C GLN A 515 -41.38 4.25 9.07
N ASN A 516 -40.79 4.16 10.26
CA ASN A 516 -39.95 5.24 10.78
C ASN A 516 -38.55 4.78 11.24
N GLY A 517 -38.12 3.62 10.78
CA GLY A 517 -36.82 3.11 11.20
C GLY A 517 -35.66 3.81 10.52
N TRP A 518 -35.58 5.12 10.72
CA TRP A 518 -34.53 5.93 10.11
C TRP A 518 -33.14 5.83 10.72
N VAL A 519 -32.13 5.76 9.85
CA VAL A 519 -30.74 5.66 10.26
C VAL A 519 -29.90 6.67 9.48
N LEU A 520 -29.11 7.45 10.21
CA LEU A 520 -28.26 8.46 9.59
C LEU A 520 -27.19 7.89 8.67
N SER A 521 -27.13 8.38 7.44
CA SER A 521 -26.11 7.96 6.49
C SER A 521 -24.97 8.98 6.56
N TYR A 522 -25.34 10.25 6.52
CA TYR A 522 -24.38 11.35 6.62
C TYR A 522 -25.15 12.67 6.60
N GLY A 523 -24.54 13.72 7.15
CA GLY A 523 -25.17 15.03 7.18
C GLY A 523 -26.61 14.99 7.63
N SER A 524 -27.53 15.35 6.73
CA SER A 524 -28.95 15.34 7.04
C SER A 524 -29.63 14.16 6.34
N ARG A 525 -28.84 13.37 5.62
CA ARG A 525 -29.29 12.20 4.88
C ARG A 525 -29.55 10.96 5.74
N CYS A 526 -30.78 10.47 5.70
CA CYS A 526 -31.15 9.27 6.46
C CYS A 526 -31.75 8.25 5.50
N TYR A 527 -31.71 6.98 5.88
CA TYR A 527 -32.29 5.91 5.07
C TYR A 527 -32.92 4.91 6.04
N ARG A 528 -33.90 4.14 5.56
CA ARG A 528 -34.56 3.14 6.40
C ARG A 528 -34.14 1.76 5.92
N PRO A 529 -33.21 1.14 6.64
CA PRO A 529 -32.74 -0.19 6.22
C PRO A 529 -33.86 -1.22 6.30
N PRO A 530 -34.00 -2.06 5.25
CA PRO A 530 -35.04 -3.09 5.30
C PRO A 530 -34.60 -4.09 6.36
N ILE A 531 -35.45 -5.07 6.66
CA ILE A 531 -35.09 -6.09 7.64
C ILE A 531 -35.36 -7.46 7.02
N ILE A 532 -34.29 -8.20 6.77
CA ILE A 532 -34.40 -9.55 6.21
C ILE A 532 -34.65 -10.42 7.44
N TYR A 533 -35.91 -10.71 7.72
CA TYR A 533 -36.27 -11.49 8.91
C TYR A 533 -36.42 -12.99 8.71
N GLY A 534 -36.40 -13.44 7.45
CA GLY A 534 -36.55 -14.86 7.21
C GLY A 534 -36.07 -15.30 5.84
N THR A 535 -36.42 -16.53 5.46
CA THR A 535 -36.00 -17.05 4.17
C THR A 535 -36.44 -16.10 3.07
N VAL A 536 -35.52 -15.78 2.16
CA VAL A 536 -35.83 -14.87 1.08
C VAL A 536 -36.19 -15.59 -0.21
N THR A 537 -37.32 -15.20 -0.80
CA THR A 537 -37.79 -15.77 -2.04
C THR A 537 -38.47 -14.67 -2.86
N ARG A 538 -38.61 -14.90 -4.16
CA ARG A 538 -39.26 -13.94 -5.04
C ARG A 538 -40.60 -14.51 -5.51
N PRO A 539 -41.71 -14.04 -4.93
CA PRO A 539 -43.04 -14.54 -5.29
C PRO A 539 -43.49 -14.23 -6.72
N GLU A 540 -43.23 -13.01 -7.19
CA GLU A 540 -43.64 -12.63 -8.53
C GLU A 540 -42.57 -11.81 -9.23
N PRO A 541 -42.69 -11.65 -10.56
CA PRO A 541 -41.70 -10.86 -11.30
C PRO A 541 -41.62 -9.47 -10.66
N MET A 542 -40.41 -8.94 -10.53
CA MET A 542 -40.25 -7.65 -9.89
C MET A 542 -40.08 -6.46 -10.83
N THR A 543 -39.57 -6.69 -12.04
CA THR A 543 -39.31 -5.59 -12.97
C THR A 543 -39.76 -5.84 -14.42
N LEU A 544 -40.36 -6.99 -14.68
CA LEU A 544 -40.78 -7.34 -16.04
C LEU A 544 -41.65 -6.33 -16.79
N LYS A 545 -42.70 -5.84 -16.15
CA LYS A 545 -43.59 -4.91 -16.83
C LYS A 545 -42.88 -3.66 -17.34
N GLU A 546 -42.00 -3.07 -16.54
CA GLU A 546 -41.30 -1.87 -17.01
C GLU A 546 -40.30 -2.18 -18.11
N ILE A 547 -39.48 -3.21 -17.91
CA ILE A 547 -38.48 -3.54 -18.92
C ILE A 547 -39.09 -3.99 -20.24
N THR A 548 -40.04 -4.93 -20.17
CA THR A 548 -40.68 -5.43 -21.37
C THR A 548 -41.36 -4.28 -22.13
N TYR A 549 -42.00 -3.38 -21.40
CA TYR A 549 -42.68 -2.24 -22.02
C TYR A 549 -41.66 -1.37 -22.77
N ALA A 550 -40.59 -0.99 -22.07
CA ALA A 550 -39.56 -0.16 -22.68
C ALA A 550 -39.00 -0.79 -23.95
N GLN A 551 -38.76 -2.10 -23.90
CA GLN A 551 -38.21 -2.82 -25.04
C GLN A 551 -39.19 -2.89 -26.21
N SER A 552 -40.48 -2.87 -25.91
CA SER A 552 -41.49 -2.94 -26.96
C SER A 552 -41.54 -1.66 -27.78
N LEU A 553 -40.96 -0.59 -27.26
CA LEU A 553 -40.95 0.71 -27.94
C LEU A 553 -39.76 0.95 -28.85
N THR A 554 -38.78 0.04 -28.82
CA THR A 554 -37.59 0.23 -29.65
C THR A 554 -36.99 -1.08 -30.14
N GLU A 555 -36.18 -0.98 -31.19
CA GLU A 555 -35.51 -2.14 -31.75
C GLU A 555 -34.14 -2.23 -31.09
N LYS A 556 -33.75 -1.14 -30.42
CA LYS A 556 -32.47 -1.07 -29.72
C LYS A 556 -32.55 -1.96 -28.48
N PRO A 557 -31.42 -2.55 -28.06
CA PRO A 557 -31.52 -3.39 -26.86
C PRO A 557 -31.74 -2.49 -25.63
N VAL A 558 -32.64 -2.92 -24.75
CA VAL A 558 -32.94 -2.20 -23.53
C VAL A 558 -32.50 -3.06 -22.36
N LYS A 559 -31.73 -2.46 -21.46
CA LYS A 559 -31.19 -3.15 -20.29
C LYS A 559 -32.15 -3.54 -19.18
N GLY A 560 -31.97 -4.75 -18.67
CA GLY A 560 -32.74 -5.16 -17.52
C GLY A 560 -31.88 -4.52 -16.44
N MET A 561 -32.47 -4.02 -15.36
CA MET A 561 -31.69 -3.38 -14.31
C MET A 561 -32.00 -3.98 -12.94
N LEU A 562 -31.00 -4.60 -12.32
CA LEU A 562 -31.20 -5.22 -11.01
C LEU A 562 -30.10 -4.86 -10.03
N THR A 563 -30.36 -5.13 -8.75
CA THR A 563 -29.39 -4.86 -7.68
C THR A 563 -28.89 -6.21 -7.16
N GLY A 564 -27.56 -6.33 -7.04
CA GLY A 564 -26.95 -7.57 -6.58
C GLY A 564 -27.33 -8.04 -5.18
N PRO A 565 -27.11 -9.33 -4.88
CA PRO A 565 -27.44 -9.94 -3.59
C PRO A 565 -26.71 -9.37 -2.38
N VAL A 566 -25.40 -9.16 -2.51
CA VAL A 566 -24.63 -8.61 -1.41
C VAL A 566 -25.02 -7.16 -1.10
N THR A 567 -25.42 -6.42 -2.12
CA THR A 567 -25.81 -5.02 -1.91
C THR A 567 -27.15 -4.97 -1.14
N ILE A 568 -28.08 -5.84 -1.51
CA ILE A 568 -29.36 -5.87 -0.83
C ILE A 568 -29.15 -6.18 0.66
N MET A 569 -28.29 -7.13 0.99
CA MET A 569 -28.12 -7.40 2.42
C MET A 569 -27.18 -6.40 3.09
N SER A 570 -26.32 -5.76 2.30
CA SER A 570 -25.39 -4.77 2.84
C SER A 570 -26.14 -3.56 3.41
N TRP A 571 -27.25 -3.21 2.77
CA TRP A 571 -28.06 -2.06 3.18
C TRP A 571 -29.23 -2.43 4.07
N SER A 572 -29.34 -3.71 4.42
CA SER A 572 -30.43 -4.17 5.27
C SER A 572 -29.92 -4.85 6.52
N TYR A 573 -30.81 -5.02 7.49
CA TYR A 573 -30.48 -5.74 8.72
C TYR A 573 -30.82 -7.15 8.31
N TYR A 574 -30.25 -8.15 8.99
CA TYR A 574 -30.56 -9.53 8.64
C TYR A 574 -30.33 -10.49 9.80
N ARG A 575 -30.96 -11.65 9.73
CA ARG A 575 -30.84 -12.67 10.76
C ARG A 575 -29.39 -13.05 11.01
N GLU A 576 -29.06 -13.29 12.28
CA GLU A 576 -27.70 -13.65 12.66
C GLU A 576 -27.55 -15.12 13.01
N ASP A 577 -28.67 -15.84 13.01
CA ASP A 577 -28.65 -17.26 13.34
C ASP A 577 -28.47 -18.14 12.11
N ILE A 578 -28.01 -17.52 11.03
CA ILE A 578 -27.78 -18.22 9.77
C ILE A 578 -26.53 -17.59 9.16
N PRO A 579 -25.65 -18.40 8.54
CA PRO A 579 -24.45 -17.82 7.94
C PRO A 579 -24.79 -16.77 6.89
N GLU A 580 -24.00 -15.70 6.86
CA GLU A 580 -24.21 -14.62 5.90
C GLU A 580 -24.31 -15.11 4.47
N ARG A 581 -23.41 -16.02 4.08
CA ARG A 581 -23.44 -16.49 2.70
C ARG A 581 -24.73 -17.20 2.31
N GLU A 582 -25.42 -17.79 3.28
CA GLU A 582 -26.68 -18.48 2.98
C GLU A 582 -27.73 -17.44 2.61
N ILE A 583 -27.80 -16.39 3.40
CA ILE A 583 -28.75 -15.30 3.16
C ILE A 583 -28.45 -14.76 1.77
N ALA A 584 -27.16 -14.54 1.51
CA ALA A 584 -26.71 -14.01 0.23
C ALA A 584 -27.14 -14.91 -0.94
N TYR A 585 -26.98 -16.22 -0.79
CA TYR A 585 -27.36 -17.15 -1.85
C TYR A 585 -28.88 -17.17 -2.02
N GLN A 586 -29.61 -17.08 -0.91
CA GLN A 586 -31.07 -17.05 -0.99
C GLN A 586 -31.48 -15.87 -1.86
N ILE A 587 -30.96 -14.70 -1.53
CA ILE A 587 -31.26 -13.50 -2.29
C ILE A 587 -30.83 -13.66 -3.75
N ALA A 588 -29.63 -14.21 -3.96
CA ALA A 588 -29.09 -14.41 -5.30
C ALA A 588 -29.97 -15.31 -6.16
N LEU A 589 -30.51 -16.35 -5.55
CA LEU A 589 -31.40 -17.26 -6.26
C LEU A 589 -32.64 -16.50 -6.68
N ALA A 590 -33.17 -15.68 -5.77
CA ALA A 590 -34.36 -14.89 -6.06
C ALA A 590 -34.06 -13.94 -7.23
N ILE A 591 -32.87 -13.36 -7.23
CA ILE A 591 -32.48 -12.45 -8.31
C ILE A 591 -32.32 -13.23 -9.61
N ASN A 592 -31.79 -14.44 -9.55
CA ASN A 592 -31.62 -15.22 -10.76
C ASN A 592 -32.96 -15.58 -11.40
N GLU A 593 -34.01 -15.73 -10.58
CA GLU A 593 -35.33 -16.05 -11.13
C GLU A 593 -35.79 -14.86 -11.96
N GLU A 594 -35.48 -13.66 -11.48
CA GLU A 594 -35.84 -12.43 -12.20
C GLU A 594 -35.07 -12.43 -13.53
N VAL A 595 -33.77 -12.73 -13.46
CA VAL A 595 -32.92 -12.79 -14.64
C VAL A 595 -33.49 -13.74 -15.68
N LYS A 596 -33.96 -14.88 -15.23
CA LYS A 596 -34.53 -15.88 -16.11
C LYS A 596 -35.86 -15.42 -16.72
N ASP A 597 -36.66 -14.70 -15.95
CA ASP A 597 -37.93 -14.19 -16.49
C ASP A 597 -37.61 -13.12 -17.55
N LEU A 598 -36.59 -12.31 -17.29
CA LEU A 598 -36.20 -11.28 -18.26
C LEU A 598 -35.76 -11.94 -19.56
N GLU A 599 -34.94 -12.97 -19.46
CA GLU A 599 -34.46 -13.69 -20.62
C GLU A 599 -35.64 -14.26 -21.41
N GLU A 600 -36.57 -14.88 -20.71
CA GLU A 600 -37.74 -15.48 -21.34
C GLU A 600 -38.53 -14.41 -22.07
N ALA A 601 -38.60 -13.21 -21.50
CA ALA A 601 -39.32 -12.10 -22.08
C ALA A 601 -38.56 -11.48 -23.25
N GLY A 602 -37.43 -12.07 -23.62
CA GLY A 602 -36.65 -11.56 -24.73
C GLY A 602 -35.67 -10.44 -24.43
N ILE A 603 -35.37 -10.20 -23.16
CA ILE A 603 -34.41 -9.14 -22.81
C ILE A 603 -33.01 -9.68 -23.04
N LYS A 604 -32.23 -8.96 -23.87
CA LYS A 604 -30.90 -9.37 -24.26
C LYS A 604 -29.73 -8.97 -23.37
N ILE A 605 -29.92 -7.93 -22.57
CA ILE A 605 -28.87 -7.44 -21.69
C ILE A 605 -29.42 -7.20 -20.29
N VAL A 606 -28.72 -7.72 -19.29
CA VAL A 606 -29.12 -7.54 -17.91
C VAL A 606 -27.98 -7.00 -17.07
N GLN A 607 -28.20 -5.84 -16.46
CA GLN A 607 -27.21 -5.21 -15.61
C GLN A 607 -27.52 -5.51 -14.15
N ILE A 608 -26.48 -5.85 -13.39
CA ILE A 608 -26.64 -6.14 -11.97
C ILE A 608 -25.67 -5.24 -11.22
N ASP A 609 -26.21 -4.28 -10.48
CA ASP A 609 -25.36 -3.36 -9.73
C ASP A 609 -25.00 -3.97 -8.39
N GLU A 610 -23.70 -4.15 -8.16
CA GLU A 610 -23.23 -4.73 -6.90
C GLU A 610 -22.17 -3.84 -6.25
N PRO A 611 -22.56 -2.63 -5.82
CA PRO A 611 -21.63 -1.71 -5.18
C PRO A 611 -21.09 -2.23 -3.85
N ALA A 612 -21.83 -3.15 -3.22
CA ALA A 612 -21.39 -3.72 -1.95
C ALA A 612 -20.28 -4.76 -2.08
N PHE A 613 -19.96 -5.16 -3.31
CA PHE A 613 -18.92 -6.17 -3.54
C PHE A 613 -17.68 -5.85 -2.71
N ARG A 614 -17.22 -4.61 -2.78
CA ARG A 614 -16.05 -4.19 -2.02
C ARG A 614 -16.49 -3.52 -0.71
N GLU A 615 -17.58 -2.75 -0.78
CA GLU A 615 -18.07 -2.02 0.39
C GLU A 615 -18.53 -2.86 1.57
N LYS A 616 -18.87 -4.11 1.32
CA LYS A 616 -19.32 -5.01 2.39
C LYS A 616 -18.16 -5.88 2.89
N ALA A 617 -16.97 -5.69 2.32
CA ALA A 617 -15.82 -6.49 2.74
C ALA A 617 -15.38 -6.17 4.16
N PRO A 618 -14.84 -7.18 4.87
CA PRO A 618 -14.38 -7.00 6.25
C PRO A 618 -13.39 -5.85 6.37
N ILE A 619 -13.32 -5.24 7.54
CA ILE A 619 -12.39 -4.15 7.79
C ILE A 619 -10.99 -4.74 7.63
N LYS A 620 -10.80 -5.96 8.12
CA LYS A 620 -9.51 -6.66 8.01
C LYS A 620 -9.35 -7.26 6.62
N LYS A 621 -8.41 -6.73 5.85
CA LYS A 621 -8.19 -7.26 4.52
C LYS A 621 -7.71 -8.70 4.62
N SER A 622 -7.20 -9.07 5.80
CA SER A 622 -6.73 -10.45 6.01
C SER A 622 -7.91 -11.42 6.02
N LYS A 623 -9.13 -10.89 6.16
CA LYS A 623 -10.34 -11.73 6.17
C LYS A 623 -11.04 -11.71 4.82
N TRP A 624 -10.46 -11.00 3.86
CA TRP A 624 -11.05 -10.89 2.54
C TRP A 624 -11.21 -12.21 1.77
N PRO A 625 -10.22 -13.12 1.87
CA PRO A 625 -10.35 -14.39 1.14
C PRO A 625 -11.68 -15.09 1.39
N GLU A 626 -12.04 -15.28 2.66
CA GLU A 626 -13.29 -15.95 3.01
C GLU A 626 -14.49 -15.14 2.54
N TYR A 627 -14.44 -13.83 2.74
CA TYR A 627 -15.55 -12.97 2.32
C TYR A 627 -15.78 -13.03 0.82
N PHE A 628 -14.75 -12.73 0.04
CA PHE A 628 -14.91 -12.74 -1.40
C PHE A 628 -15.30 -14.08 -1.99
N GLU A 629 -15.01 -15.16 -1.28
CA GLU A 629 -15.38 -16.47 -1.79
C GLU A 629 -16.91 -16.53 -1.96
N TRP A 630 -17.65 -16.07 -0.95
CA TRP A 630 -19.10 -16.12 -1.08
C TRP A 630 -19.69 -14.91 -1.80
N ALA A 631 -19.05 -13.75 -1.68
CA ALA A 631 -19.56 -12.57 -2.38
C ALA A 631 -19.49 -12.87 -3.87
N ILE A 632 -18.41 -13.54 -4.29
CA ILE A 632 -18.23 -13.90 -5.68
C ILE A 632 -19.28 -14.94 -6.08
N ASN A 633 -19.43 -15.97 -5.25
CA ASN A 633 -20.43 -17.00 -5.55
C ASN A 633 -21.85 -16.42 -5.61
N ALA A 634 -22.17 -15.51 -4.70
CA ALA A 634 -23.50 -14.89 -4.66
C ALA A 634 -23.79 -14.15 -5.97
N PHE A 635 -22.84 -13.33 -6.41
CA PHE A 635 -23.02 -12.59 -7.66
C PHE A 635 -23.17 -13.55 -8.85
N ASN A 636 -22.30 -14.55 -8.91
CA ASN A 636 -22.37 -15.50 -10.01
C ASN A 636 -23.67 -16.29 -10.00
N LEU A 637 -24.18 -16.59 -8.82
CA LEU A 637 -25.45 -17.31 -8.71
C LEU A 637 -26.53 -16.41 -9.31
N ALA A 638 -26.51 -15.13 -8.93
CA ALA A 638 -27.50 -14.17 -9.42
C ALA A 638 -27.36 -13.94 -10.93
N ALA A 639 -26.12 -13.92 -11.42
CA ALA A 639 -25.82 -13.69 -12.83
C ALA A 639 -25.69 -14.95 -13.69
N ASN A 640 -26.13 -16.08 -13.16
CA ASN A 640 -26.06 -17.34 -13.90
C ASN A 640 -27.10 -17.30 -15.03
N ALA A 641 -26.75 -16.61 -16.11
CA ALA A 641 -27.65 -16.46 -17.25
C ALA A 641 -27.22 -17.28 -18.45
N ARG A 642 -28.12 -17.39 -19.43
CA ARG A 642 -27.84 -18.15 -20.65
C ARG A 642 -26.70 -17.48 -21.40
N PRO A 643 -25.94 -18.27 -22.19
CA PRO A 643 -24.80 -17.74 -22.96
C PRO A 643 -25.14 -16.52 -23.80
N GLU A 644 -26.34 -16.51 -24.40
CA GLU A 644 -26.75 -15.40 -25.24
C GLU A 644 -27.16 -14.14 -24.48
N THR A 645 -27.21 -14.23 -23.15
CA THR A 645 -27.58 -13.08 -22.33
C THR A 645 -26.34 -12.32 -21.84
N GLN A 646 -26.21 -11.07 -22.27
CA GLN A 646 -25.07 -10.25 -21.87
C GLN A 646 -25.26 -9.68 -20.47
N ILE A 647 -24.34 -10.02 -19.57
CA ILE A 647 -24.40 -9.56 -18.18
C ILE A 647 -23.44 -8.40 -17.95
N HIS A 648 -23.99 -7.28 -17.47
CA HIS A 648 -23.18 -6.10 -17.18
C HIS A 648 -23.09 -5.92 -15.68
N ALA A 649 -21.87 -5.83 -15.16
CA ALA A 649 -21.66 -5.61 -13.74
C ALA A 649 -21.33 -4.13 -13.61
N HIS A 650 -21.87 -3.47 -12.61
CA HIS A 650 -21.61 -2.05 -12.45
C HIS A 650 -21.15 -1.69 -11.04
N MET A 651 -20.04 -0.97 -10.95
CA MET A 651 -19.47 -0.54 -9.68
C MET A 651 -18.75 0.79 -9.85
N CYS A 652 -19.18 1.81 -9.10
CA CYS A 652 -18.53 3.12 -9.22
C CYS A 652 -17.42 3.31 -8.18
N TYR A 653 -16.44 2.41 -8.21
CA TYR A 653 -15.28 2.45 -7.31
C TYR A 653 -14.21 3.36 -7.93
N SER A 654 -13.42 4.02 -7.10
CA SER A 654 -12.39 4.92 -7.59
C SER A 654 -11.13 4.18 -8.07
N ASP A 655 -10.97 2.94 -7.63
CA ASP A 655 -9.81 2.14 -8.02
C ASP A 655 -10.06 0.66 -7.80
N PHE A 656 -9.50 -0.18 -8.67
CA PHE A 656 -9.69 -1.63 -8.56
C PHE A 656 -8.42 -2.42 -8.27
N ASN A 657 -7.32 -1.73 -7.97
CA ASN A 657 -6.06 -2.42 -7.71
C ASN A 657 -6.07 -3.49 -6.63
N GLU A 658 -6.73 -3.23 -5.51
CA GLU A 658 -6.76 -4.22 -4.44
C GLU A 658 -7.81 -5.31 -4.59
N ILE A 659 -8.66 -5.22 -5.60
CA ILE A 659 -9.70 -6.23 -5.77
C ILE A 659 -9.80 -6.82 -7.17
N ILE A 660 -8.93 -6.38 -8.07
CA ILE A 660 -8.99 -6.88 -9.45
C ILE A 660 -9.04 -8.40 -9.56
N GLU A 661 -8.36 -9.10 -8.65
CA GLU A 661 -8.34 -10.56 -8.69
C GLU A 661 -9.70 -11.15 -8.36
N TYR A 662 -10.46 -10.48 -7.52
CA TYR A 662 -11.78 -10.97 -7.15
C TYR A 662 -12.76 -10.62 -8.27
N ILE A 663 -12.65 -9.39 -8.78
CA ILE A 663 -13.47 -8.91 -9.88
C ILE A 663 -13.38 -9.88 -11.06
N HIS A 664 -12.15 -10.35 -11.33
CA HIS A 664 -11.89 -11.26 -12.44
C HIS A 664 -12.65 -12.59 -12.35
N GLN A 665 -13.07 -12.95 -11.13
CA GLN A 665 -13.80 -14.20 -10.90
C GLN A 665 -15.32 -14.05 -11.09
N LEU A 666 -15.78 -12.83 -11.30
CA LEU A 666 -17.21 -12.56 -11.51
C LEU A 666 -17.54 -12.88 -12.96
N GLU A 667 -18.59 -13.66 -13.18
CA GLU A 667 -18.95 -14.03 -14.54
C GLU A 667 -19.79 -13.04 -15.35
N PHE A 668 -19.42 -11.76 -15.32
CA PHE A 668 -20.12 -10.75 -16.10
C PHE A 668 -19.51 -10.79 -17.49
N ASP A 669 -20.10 -10.07 -18.43
CA ASP A 669 -19.56 -10.02 -19.78
C ASP A 669 -18.99 -8.63 -20.02
N VAL A 670 -19.59 -7.66 -19.34
CA VAL A 670 -19.17 -6.27 -19.44
C VAL A 670 -19.16 -5.68 -18.04
N ILE A 671 -18.15 -4.86 -17.74
CA ILE A 671 -18.10 -4.22 -16.43
C ILE A 671 -17.90 -2.73 -16.67
N SER A 672 -18.80 -1.91 -16.13
CA SER A 672 -18.70 -0.47 -16.30
C SER A 672 -18.02 0.13 -15.08
N ILE A 673 -17.14 1.11 -15.32
CA ILE A 673 -16.39 1.78 -14.26
C ILE A 673 -16.39 3.30 -14.45
N GLU A 674 -16.04 4.04 -13.40
CA GLU A 674 -15.98 5.50 -13.46
C GLU A 674 -14.55 5.86 -13.80
N ALA A 675 -14.32 6.46 -14.95
CA ALA A 675 -12.96 6.81 -15.36
C ALA A 675 -12.68 8.29 -15.56
N SER A 676 -13.67 9.16 -15.33
CA SER A 676 -13.44 10.59 -15.54
C SER A 676 -12.48 11.21 -14.53
N ARG A 677 -12.68 10.93 -13.26
CA ARG A 677 -11.83 11.49 -12.21
C ARG A 677 -10.33 11.25 -12.46
N SER A 678 -9.96 10.01 -12.77
CA SER A 678 -8.56 9.68 -13.03
C SER A 678 -8.17 9.91 -14.48
N LYS A 679 -9.10 10.45 -15.26
CA LYS A 679 -8.85 10.69 -16.68
C LYS A 679 -8.38 9.40 -17.36
N GLY A 680 -8.97 8.29 -16.94
CA GLY A 680 -8.64 7.00 -17.53
C GLY A 680 -7.55 6.19 -16.85
N GLU A 681 -6.81 6.79 -15.90
CA GLU A 681 -5.73 6.06 -15.25
C GLU A 681 -6.23 4.87 -14.42
N ILE A 682 -7.50 4.89 -14.04
CA ILE A 682 -8.10 3.81 -13.28
C ILE A 682 -8.01 2.52 -14.11
N ILE A 683 -7.73 2.65 -15.39
CA ILE A 683 -7.63 1.50 -16.27
C ILE A 683 -6.37 0.66 -16.00
N SER A 684 -5.42 1.25 -15.28
CA SER A 684 -4.17 0.55 -14.99
C SER A 684 -4.35 -0.83 -14.38
N ALA A 685 -5.26 -0.98 -13.44
CA ALA A 685 -5.50 -2.28 -12.80
C ALA A 685 -5.94 -3.32 -13.83
N PHE A 686 -6.59 -2.87 -14.89
CA PHE A 686 -7.09 -3.77 -15.93
C PHE A 686 -6.03 -4.12 -16.98
N GLU A 687 -5.29 -3.11 -17.45
CA GLU A 687 -4.25 -3.37 -18.45
C GLU A 687 -3.11 -4.22 -17.87
N ASN A 688 -2.95 -4.18 -16.55
CA ASN A 688 -1.89 -4.95 -15.90
C ASN A 688 -2.33 -6.34 -15.46
N PHE A 689 -3.60 -6.67 -15.68
CA PHE A 689 -4.08 -8.00 -15.31
C PHE A 689 -3.87 -8.92 -16.50
N LYS A 690 -2.88 -9.81 -16.38
CA LYS A 690 -2.56 -10.73 -17.46
C LYS A 690 -3.75 -11.59 -17.85
N GLY A 691 -4.11 -11.53 -19.12
CA GLY A 691 -5.22 -12.33 -19.60
C GLY A 691 -6.59 -11.68 -19.55
N TRP A 692 -6.65 -10.39 -19.22
CA TRP A 692 -7.96 -9.72 -19.17
C TRP A 692 -8.52 -9.64 -20.58
N ILE A 693 -9.73 -10.14 -20.77
CA ILE A 693 -10.34 -10.11 -22.09
C ILE A 693 -11.79 -9.63 -22.12
N LYS A 694 -12.35 -9.31 -20.96
CA LYS A 694 -13.74 -8.87 -20.90
C LYS A 694 -13.93 -7.40 -21.25
N GLN A 695 -15.14 -7.06 -21.70
CA GLN A 695 -15.48 -5.69 -22.07
C GLN A 695 -15.55 -4.76 -20.88
N ILE A 696 -15.22 -3.50 -21.11
CA ILE A 696 -15.22 -2.48 -20.07
C ILE A 696 -15.99 -1.25 -20.50
N GLY A 697 -16.99 -0.88 -19.70
CA GLY A 697 -17.79 0.30 -19.99
C GLY A 697 -17.09 1.47 -19.32
N VAL A 698 -16.41 2.28 -20.13
CA VAL A 698 -15.66 3.42 -19.61
C VAL A 698 -16.48 4.68 -19.36
N GLY A 699 -16.53 5.10 -18.10
CA GLY A 699 -17.26 6.30 -17.74
C GLY A 699 -16.40 7.49 -18.12
N VAL A 700 -16.92 8.38 -18.95
CA VAL A 700 -16.19 9.54 -19.42
C VAL A 700 -16.80 10.86 -18.96
N TRP A 701 -17.73 10.79 -18.03
CA TRP A 701 -18.40 11.99 -17.54
C TRP A 701 -18.75 11.90 -16.05
N ASP A 702 -18.22 12.84 -15.28
CA ASP A 702 -18.46 12.89 -13.84
C ASP A 702 -19.87 13.38 -13.56
N ILE A 703 -20.76 12.46 -13.16
CA ILE A 703 -22.14 12.81 -12.89
C ILE A 703 -22.37 13.51 -11.56
N HIS A 704 -21.30 13.95 -10.92
CA HIS A 704 -21.40 14.66 -9.64
C HIS A 704 -21.14 16.13 -9.90
N SER A 705 -21.01 16.48 -11.18
CA SER A 705 -20.78 17.86 -11.59
C SER A 705 -21.86 18.26 -12.59
N PRO A 706 -22.43 19.47 -12.43
CA PRO A 706 -23.47 19.97 -13.33
C PRO A 706 -22.89 20.33 -14.69
N ALA A 707 -21.56 20.46 -14.73
CA ALA A 707 -20.86 20.83 -15.94
C ALA A 707 -21.06 19.82 -17.08
N VAL A 708 -21.07 20.35 -18.31
CA VAL A 708 -21.23 19.53 -19.50
C VAL A 708 -19.86 19.18 -20.06
N PRO A 709 -19.46 17.90 -19.99
CA PRO A 709 -18.15 17.49 -20.50
C PRO A 709 -18.03 17.82 -21.98
N SER A 710 -16.87 18.32 -22.37
CA SER A 710 -16.63 18.64 -23.77
C SER A 710 -16.19 17.35 -24.45
N ILE A 711 -16.33 17.30 -25.77
CA ILE A 711 -15.93 16.12 -26.51
C ILE A 711 -14.44 15.83 -26.29
N ASN A 712 -13.64 16.88 -26.22
CA ASN A 712 -12.21 16.74 -26.03
C ASN A 712 -11.87 16.12 -24.68
N GLU A 713 -12.60 16.52 -23.65
CA GLU A 713 -12.37 15.99 -22.32
C GLU A 713 -12.59 14.48 -22.32
N MET A 714 -13.73 14.06 -22.86
CA MET A 714 -14.07 12.65 -22.94
C MET A 714 -13.07 11.88 -23.80
N ARG A 715 -12.62 12.50 -24.88
CA ARG A 715 -11.67 11.88 -25.79
C ARG A 715 -10.38 11.49 -25.06
N GLU A 716 -9.90 12.38 -24.20
CA GLU A 716 -8.70 12.10 -23.44
C GLU A 716 -8.85 10.79 -22.68
N ILE A 717 -10.00 10.59 -22.06
CA ILE A 717 -10.27 9.39 -21.29
C ILE A 717 -10.26 8.14 -22.16
N VAL A 718 -11.04 8.14 -23.24
CA VAL A 718 -11.10 6.98 -24.11
C VAL A 718 -9.72 6.65 -24.69
N GLU A 719 -9.00 7.67 -25.14
CA GLU A 719 -7.67 7.46 -25.69
C GLU A 719 -6.73 6.82 -24.67
N ARG A 720 -6.84 7.23 -23.41
CA ARG A 720 -6.01 6.65 -22.36
C ARG A 720 -6.32 5.16 -22.22
N VAL A 721 -7.60 4.84 -22.15
CA VAL A 721 -8.05 3.47 -22.00
C VAL A 721 -7.63 2.58 -23.16
N LEU A 722 -7.48 3.17 -24.34
CA LEU A 722 -7.09 2.43 -25.54
C LEU A 722 -5.59 2.22 -25.67
N ARG A 723 -4.82 2.67 -24.68
CA ARG A 723 -3.37 2.53 -24.72
C ARG A 723 -2.92 1.09 -24.89
N VAL A 724 -3.48 0.19 -24.08
CA VAL A 724 -3.10 -1.22 -24.14
C VAL A 724 -4.24 -2.13 -24.57
N LEU A 725 -5.37 -2.05 -23.88
CA LEU A 725 -6.55 -2.88 -24.17
C LEU A 725 -7.10 -2.73 -25.59
N PRO A 726 -7.50 -3.85 -26.21
CA PRO A 726 -8.04 -3.82 -27.57
C PRO A 726 -9.31 -2.96 -27.63
N LYS A 727 -9.50 -2.25 -28.75
CA LYS A 727 -10.64 -1.37 -28.94
C LYS A 727 -12.01 -2.04 -28.84
N GLU A 728 -12.10 -3.31 -29.24
CA GLU A 728 -13.39 -3.99 -29.18
C GLU A 728 -13.93 -4.26 -27.77
N LEU A 729 -13.12 -4.00 -26.75
CA LEU A 729 -13.57 -4.22 -25.38
C LEU A 729 -14.28 -2.99 -24.83
N ILE A 730 -13.98 -1.84 -25.40
CA ILE A 730 -14.52 -0.57 -24.91
C ILE A 730 -15.94 -0.12 -25.27
N TRP A 731 -16.66 0.32 -24.24
CA TRP A 731 -18.01 0.87 -24.35
C TRP A 731 -17.85 2.29 -23.80
N ILE A 732 -18.74 3.20 -24.18
CA ILE A 732 -18.68 4.57 -23.68
C ILE A 732 -19.99 4.89 -22.97
N ASN A 733 -19.88 5.31 -21.71
CA ASN A 733 -21.04 5.63 -20.90
C ASN A 733 -20.67 6.67 -19.84
N PRO A 734 -21.67 7.13 -19.06
CA PRO A 734 -21.42 8.11 -18.01
C PRO A 734 -20.76 7.39 -16.84
N ASP A 735 -20.23 8.14 -15.88
CA ASP A 735 -19.58 7.52 -14.73
C ASP A 735 -20.54 6.65 -13.92
N CYS A 736 -21.63 7.23 -13.43
CA CYS A 736 -22.58 6.48 -12.63
C CYS A 736 -24.04 6.89 -12.94
N GLY A 737 -24.96 6.62 -12.02
CA GLY A 737 -26.35 7.00 -12.25
C GLY A 737 -26.48 8.48 -12.56
N LEU A 738 -27.62 8.89 -13.09
CA LEU A 738 -27.83 10.30 -13.44
C LEU A 738 -28.93 11.00 -12.65
N LYS A 739 -29.58 10.27 -11.74
CA LYS A 739 -30.68 10.81 -10.97
C LYS A 739 -30.40 12.08 -10.15
N THR A 740 -29.14 12.43 -9.96
CA THR A 740 -28.83 13.63 -9.18
C THR A 740 -28.63 14.86 -10.05
N ARG A 741 -28.70 14.67 -11.37
CA ARG A 741 -28.52 15.76 -12.33
C ARG A 741 -29.86 16.20 -12.91
N ASN A 742 -29.85 17.30 -13.66
CA ASN A 742 -31.06 17.81 -14.28
C ASN A 742 -31.03 17.46 -15.76
N TRP A 743 -32.21 17.39 -16.39
CA TRP A 743 -32.27 17.06 -17.80
C TRP A 743 -31.48 18.02 -18.68
N ASP A 744 -31.50 19.31 -18.33
CA ASP A 744 -30.78 20.30 -19.12
C ASP A 744 -29.27 20.12 -19.10
N GLU A 745 -28.79 19.27 -18.21
CA GLU A 745 -27.36 19.00 -18.10
C GLU A 745 -27.05 17.66 -18.78
N VAL A 746 -27.93 16.69 -18.53
CA VAL A 746 -27.84 15.34 -19.08
C VAL A 746 -27.89 15.28 -20.60
N ILE A 747 -28.91 15.86 -21.20
CA ILE A 747 -29.07 15.84 -22.65
C ILE A 747 -27.84 16.30 -23.42
N PRO A 748 -27.37 17.55 -23.19
CA PRO A 748 -26.18 18.00 -23.92
C PRO A 748 -24.93 17.15 -23.67
N SER A 749 -24.81 16.58 -22.47
CA SER A 749 -23.65 15.75 -22.16
C SER A 749 -23.77 14.43 -22.92
N LEU A 750 -24.99 13.89 -22.96
CA LEU A 750 -25.23 12.64 -23.66
C LEU A 750 -24.94 12.82 -25.16
N ARG A 751 -25.39 13.93 -25.74
CA ARG A 751 -25.14 14.17 -27.15
C ARG A 751 -23.64 14.24 -27.41
N ASN A 752 -22.90 14.89 -26.52
CA ASN A 752 -21.45 14.99 -26.68
C ASN A 752 -20.81 13.61 -26.60
N MET A 753 -21.39 12.75 -25.77
CA MET A 753 -20.85 11.42 -25.60
C MET A 753 -21.05 10.62 -26.90
N VAL A 754 -22.22 10.77 -27.51
CA VAL A 754 -22.50 10.09 -28.75
C VAL A 754 -21.58 10.63 -29.85
N ALA A 755 -21.44 11.94 -29.93
CA ALA A 755 -20.57 12.58 -30.91
C ALA A 755 -19.14 12.03 -30.78
N LEU A 756 -18.66 11.94 -29.54
CA LEU A 756 -17.32 11.45 -29.29
C LEU A 756 -17.17 10.02 -29.80
N ALA A 757 -18.09 9.14 -29.42
CA ALA A 757 -18.04 7.75 -29.85
C ALA A 757 -17.97 7.69 -31.38
N LYS A 758 -18.80 8.48 -32.05
CA LYS A 758 -18.81 8.51 -33.51
C LYS A 758 -17.42 8.87 -34.04
N GLU A 759 -16.80 9.87 -33.42
CA GLU A 759 -15.47 10.31 -33.82
C GLU A 759 -14.46 9.18 -33.66
N MET A 760 -14.46 8.54 -32.49
CA MET A 760 -13.54 7.45 -32.22
C MET A 760 -13.64 6.33 -33.24
N ARG A 761 -14.85 6.01 -33.67
CA ARG A 761 -15.06 4.95 -34.65
C ARG A 761 -14.37 5.28 -35.97
N GLU A 762 -14.45 6.56 -36.39
CA GLU A 762 -13.81 6.98 -37.62
C GLU A 762 -12.29 6.86 -37.50
N LYS A 763 -11.77 7.27 -36.35
CA LYS A 763 -10.34 7.21 -36.10
C LYS A 763 -9.84 5.77 -36.10
N PHE A 764 -10.35 4.96 -35.17
CA PHE A 764 -9.95 3.56 -35.07
C PHE A 764 -10.81 2.64 -35.93
N GLU A 765 -11.18 3.10 -37.12
CA GLU A 765 -11.99 2.32 -38.04
C GLU A 765 -11.17 1.17 -38.63
N ASP B 30 27.63 -27.88 27.80
CA ASP B 30 27.66 -28.08 26.36
C ASP B 30 29.08 -27.95 25.81
N PRO B 31 29.86 -29.04 25.85
CA PRO B 31 31.24 -29.05 25.36
C PRO B 31 31.31 -29.01 23.83
N PHE B 32 30.17 -28.74 23.21
CA PHE B 32 30.10 -28.67 21.75
C PHE B 32 29.29 -27.47 21.30
N THR B 33 29.93 -26.61 20.52
CA THR B 33 29.28 -25.43 19.96
C THR B 33 29.18 -25.65 18.47
N LYS B 34 27.96 -25.83 17.99
CA LYS B 34 27.71 -26.07 16.57
C LYS B 34 27.88 -24.79 15.76
N ALA B 35 28.81 -24.81 14.82
CA ALA B 35 29.09 -23.65 13.98
C ALA B 35 28.44 -23.72 12.62
N TYR B 36 27.72 -22.66 12.26
CA TYR B 36 27.05 -22.55 10.96
C TYR B 36 27.67 -21.38 10.20
N ALA B 37 27.45 -21.36 8.89
CA ALA B 37 27.90 -20.28 8.02
C ALA B 37 27.09 -20.39 6.74
N PHE B 38 26.77 -19.26 6.14
CA PHE B 38 26.00 -19.29 4.90
C PHE B 38 26.31 -18.07 4.04
N GLY B 39 26.05 -18.19 2.75
CA GLY B 39 26.30 -17.08 1.85
C GLY B 39 27.74 -16.81 1.46
N PHE B 40 28.62 -17.79 1.67
CA PHE B 40 30.02 -17.59 1.28
C PHE B 40 29.98 -17.23 -0.21
N PRO B 41 30.75 -16.22 -0.62
CA PRO B 41 30.78 -15.79 -2.03
C PRO B 41 31.01 -16.94 -3.01
N LYS B 42 30.34 -16.87 -4.15
CA LYS B 42 30.47 -17.92 -5.17
C LYS B 42 31.39 -17.51 -6.33
N ILE B 43 31.73 -16.23 -6.43
CA ILE B 43 32.52 -15.74 -7.55
C ILE B 43 33.94 -16.26 -7.78
N GLY B 44 34.57 -16.84 -6.76
CA GLY B 44 35.93 -17.34 -6.95
C GLY B 44 36.97 -16.27 -6.66
N GLU B 45 38.13 -16.67 -6.13
CA GLU B 45 39.18 -15.72 -5.81
C GLU B 45 39.66 -14.85 -6.97
N LYS B 46 39.40 -15.31 -8.19
CA LYS B 46 39.80 -14.56 -9.38
C LYS B 46 38.60 -14.29 -10.28
N ARG B 47 37.41 -14.29 -9.68
CA ARG B 47 36.18 -14.05 -10.42
C ARG B 47 35.98 -15.04 -11.55
N GLU B 48 36.28 -16.30 -11.26
CA GLU B 48 36.13 -17.38 -12.24
C GLU B 48 34.65 -17.52 -12.63
N PHE B 49 33.74 -17.17 -11.72
CA PHE B 49 32.31 -17.26 -11.98
C PHE B 49 31.91 -16.27 -13.06
N LYS B 50 32.45 -15.06 -12.96
CA LYS B 50 32.19 -14.01 -13.93
C LYS B 50 32.72 -14.44 -15.31
N LYS B 51 33.95 -14.94 -15.33
CA LYS B 51 34.58 -15.38 -16.58
C LYS B 51 33.80 -16.54 -17.22
N ALA B 52 33.31 -17.45 -16.38
CA ALA B 52 32.56 -18.60 -16.87
C ALA B 52 31.22 -18.19 -17.48
N LEU B 53 30.53 -17.25 -16.84
CA LEU B 53 29.24 -16.78 -17.35
C LEU B 53 29.42 -16.11 -18.69
N GLU B 54 30.32 -15.14 -18.74
CA GLU B 54 30.56 -14.41 -19.96
C GLU B 54 31.07 -15.34 -21.07
N ASP B 55 32.04 -16.21 -20.75
CA ASP B 55 32.54 -17.13 -21.77
C ASP B 55 31.39 -17.94 -22.36
N PHE B 56 30.55 -18.49 -21.50
CA PHE B 56 29.42 -19.27 -21.97
C PHE B 56 28.47 -18.44 -22.83
N TRP B 57 28.13 -17.23 -22.37
CA TRP B 57 27.22 -16.37 -23.13
C TRP B 57 27.84 -16.01 -24.47
N LYS B 58 29.15 -15.87 -24.51
CA LYS B 58 29.85 -15.51 -25.74
C LYS B 58 29.98 -16.73 -26.65
N GLY B 59 29.73 -17.91 -26.10
CA GLY B 59 29.83 -19.12 -26.88
C GLY B 59 31.27 -19.62 -26.95
N LYS B 60 32.10 -19.17 -26.02
CA LYS B 60 33.51 -19.55 -25.99
C LYS B 60 33.68 -20.94 -25.37
N ILE B 61 32.79 -21.29 -24.44
CA ILE B 61 32.87 -22.61 -23.81
C ILE B 61 31.52 -23.29 -23.94
N THR B 62 31.52 -24.62 -23.86
CA THR B 62 30.28 -25.38 -23.97
C THR B 62 29.53 -25.36 -22.65
N GLU B 63 28.31 -25.88 -22.65
CA GLU B 63 27.53 -25.93 -21.43
C GLU B 63 28.21 -26.90 -20.46
N GLU B 64 28.82 -27.94 -21.03
CA GLU B 64 29.53 -28.95 -20.24
C GLU B 64 30.72 -28.29 -19.54
N GLN B 65 31.48 -27.51 -20.31
CA GLN B 65 32.64 -26.82 -19.74
C GLN B 65 32.15 -25.84 -18.68
N PHE B 66 31.05 -25.15 -18.96
CA PHE B 66 30.47 -24.20 -18.00
C PHE B 66 30.20 -24.94 -16.69
N GLU B 67 29.52 -26.09 -16.78
CA GLU B 67 29.22 -26.89 -15.60
C GLU B 67 30.49 -27.29 -14.85
N GLU B 68 31.53 -27.62 -15.60
CA GLU B 68 32.80 -28.02 -15.01
C GLU B 68 33.36 -26.90 -14.15
N GLU B 69 33.32 -25.67 -14.66
CA GLU B 69 33.83 -24.54 -13.91
C GLU B 69 32.97 -24.31 -12.66
N MET B 70 31.65 -24.48 -12.82
CA MET B 70 30.74 -24.31 -11.70
C MET B 70 31.06 -25.35 -10.62
N ASN B 71 31.38 -26.57 -11.03
CA ASN B 71 31.71 -27.59 -10.05
C ASN B 71 33.00 -27.29 -9.32
N LYS B 72 33.93 -26.65 -10.00
CA LYS B 72 35.19 -26.28 -9.37
C LYS B 72 34.87 -25.26 -8.28
N LEU B 73 33.96 -24.35 -8.58
CA LEU B 73 33.56 -23.31 -7.62
C LEU B 73 32.80 -23.92 -6.45
N ARG B 74 32.03 -24.97 -6.71
CA ARG B 74 31.28 -25.63 -5.65
C ARG B 74 32.27 -26.25 -4.66
N MET B 75 33.29 -26.93 -5.18
CA MET B 75 34.29 -27.57 -4.33
C MET B 75 35.06 -26.54 -3.50
N TYR B 76 35.38 -25.42 -4.12
CA TYR B 76 36.11 -24.35 -3.43
C TYR B 76 35.28 -23.84 -2.25
N MET B 77 33.98 -23.65 -2.48
CA MET B 77 33.08 -23.15 -1.45
C MET B 77 32.98 -24.13 -0.30
N VAL B 78 32.65 -25.37 -0.61
CA VAL B 78 32.51 -26.39 0.42
C VAL B 78 33.78 -26.63 1.22
N GLU B 79 34.94 -26.50 0.57
CA GLU B 79 36.20 -26.70 1.30
C GLU B 79 36.43 -25.59 2.33
N ASN B 80 36.07 -24.36 1.98
CA ASN B 80 36.24 -23.25 2.92
C ASN B 80 35.30 -23.43 4.10
N TYR B 81 34.10 -23.95 3.85
CA TYR B 81 33.14 -24.21 4.91
C TYR B 81 33.67 -25.35 5.81
N ARG B 82 34.07 -26.44 5.16
CA ARG B 82 34.58 -27.61 5.88
C ARG B 82 35.72 -27.33 6.85
N LYS B 83 36.64 -26.44 6.46
CA LYS B 83 37.77 -26.14 7.32
C LYS B 83 37.43 -25.23 8.49
N ASN B 84 36.22 -24.67 8.49
CA ASN B 84 35.86 -23.74 9.55
C ASN B 84 34.59 -24.00 10.35
N VAL B 85 33.55 -24.54 9.72
CA VAL B 85 32.31 -24.76 10.44
C VAL B 85 31.82 -26.21 10.40
N ASP B 86 30.78 -26.48 11.18
CA ASP B 86 30.20 -27.83 11.27
C ASP B 86 29.17 -28.15 10.20
N VAL B 87 28.33 -27.17 9.86
CA VAL B 87 27.28 -27.38 8.86
C VAL B 87 27.67 -26.79 7.52
N ILE B 88 27.73 -27.66 6.51
CA ILE B 88 28.11 -27.24 5.16
C ILE B 88 26.87 -27.04 4.29
N PRO B 89 26.63 -25.80 3.84
CA PRO B 89 25.47 -25.54 2.99
C PRO B 89 25.69 -26.01 1.57
N SER B 90 24.60 -26.35 0.90
CA SER B 90 24.64 -26.72 -0.51
C SER B 90 23.51 -25.91 -1.15
N ASN B 91 23.38 -25.99 -2.47
CA ASN B 91 22.34 -25.25 -3.20
C ASN B 91 22.62 -23.74 -3.15
N GLU B 92 23.89 -23.36 -3.04
CA GLU B 92 24.26 -21.94 -2.98
C GLU B 92 24.85 -21.38 -4.25
N LEU B 93 25.39 -22.24 -5.10
CA LEU B 93 25.98 -21.76 -6.32
C LEU B 93 24.94 -21.52 -7.42
N SER B 94 24.26 -20.38 -7.33
CA SER B 94 23.25 -20.02 -8.32
C SER B 94 23.94 -19.55 -9.58
N TYR B 95 23.43 -19.97 -10.74
CA TYR B 95 24.03 -19.58 -12.00
C TYR B 95 23.72 -18.14 -12.41
N TYR B 96 22.85 -17.49 -11.65
CA TYR B 96 22.52 -16.09 -11.89
C TYR B 96 21.88 -15.46 -10.66
N ASP B 97 20.82 -16.06 -10.15
CA ASP B 97 20.14 -15.54 -8.96
C ASP B 97 19.41 -16.65 -8.21
N PHE B 98 19.51 -16.65 -6.89
CA PHE B 98 18.85 -17.67 -6.08
C PHE B 98 17.35 -17.49 -5.97
N VAL B 99 16.83 -16.28 -6.18
CA VAL B 99 15.38 -16.09 -6.10
C VAL B 99 14.78 -16.70 -7.37
N LEU B 100 15.50 -16.53 -8.48
CA LEU B 100 15.09 -17.10 -9.77
C LEU B 100 15.16 -18.63 -9.67
N ASP B 101 16.18 -19.14 -8.97
CA ASP B 101 16.31 -20.59 -8.81
C ASP B 101 15.09 -21.12 -8.06
N THR B 102 14.62 -20.32 -7.10
CA THR B 102 13.46 -20.70 -6.29
C THR B 102 12.21 -20.74 -7.15
N ALA B 103 12.07 -19.74 -8.03
CA ALA B 103 10.93 -19.63 -8.93
C ALA B 103 10.90 -20.85 -9.85
N VAL B 104 12.06 -21.17 -10.44
CA VAL B 104 12.15 -22.32 -11.33
C VAL B 104 11.77 -23.60 -10.59
N MET B 105 12.23 -23.72 -9.34
CA MET B 105 11.94 -24.90 -8.54
C MET B 105 10.45 -25.15 -8.40
N VAL B 106 9.69 -24.09 -8.16
CA VAL B 106 8.25 -24.21 -7.99
C VAL B 106 7.45 -23.99 -9.26
N GLY B 107 8.11 -24.11 -10.41
CA GLY B 107 7.45 -23.95 -11.69
C GLY B 107 6.98 -22.56 -12.10
N ALA B 108 7.42 -21.53 -11.36
CA ALA B 108 7.03 -20.16 -11.67
C ALA B 108 7.81 -19.59 -12.86
N VAL B 109 7.50 -20.11 -14.05
CA VAL B 109 8.14 -19.68 -15.28
C VAL B 109 7.08 -19.02 -16.16
N PRO B 110 7.17 -17.69 -16.36
CA PRO B 110 6.19 -16.99 -17.19
C PRO B 110 5.98 -17.64 -18.56
N GLU B 111 4.72 -17.61 -19.01
CA GLU B 111 4.36 -18.21 -20.29
C GLU B 111 5.17 -17.74 -21.49
N ARG B 112 5.68 -16.52 -21.45
CA ARG B 112 6.45 -15.99 -22.58
C ARG B 112 7.75 -16.70 -22.87
N PHE B 113 8.26 -17.47 -21.90
CA PHE B 113 9.51 -18.19 -22.10
C PHE B 113 9.24 -19.56 -22.69
N GLY B 114 7.97 -19.94 -22.70
CA GLY B 114 7.59 -21.23 -23.24
C GLY B 114 8.00 -22.39 -22.36
N GLU B 115 8.39 -23.49 -23.00
CA GLU B 115 8.81 -24.70 -22.29
C GLU B 115 10.19 -24.50 -21.65
N TYR B 116 10.30 -24.77 -20.35
CA TYR B 116 11.58 -24.60 -19.68
C TYR B 116 12.53 -25.67 -20.21
N ARG B 117 13.62 -25.24 -20.85
CA ARG B 117 14.58 -26.18 -21.43
C ARG B 117 15.89 -26.30 -20.65
N GLY B 118 16.04 -25.50 -19.60
CA GLY B 118 17.26 -25.56 -18.82
C GLY B 118 18.01 -24.24 -18.81
N LEU B 119 19.35 -24.31 -18.84
CA LEU B 119 20.16 -23.10 -18.83
C LEU B 119 19.73 -22.08 -19.88
N SER B 120 19.35 -22.56 -21.06
CA SER B 120 18.93 -21.65 -22.12
C SER B 120 17.78 -20.77 -21.64
N THR B 121 16.73 -21.41 -21.14
CA THR B 121 15.56 -20.69 -20.65
C THR B 121 15.94 -19.84 -19.43
N TYR B 122 16.68 -20.46 -18.51
CA TYR B 122 17.12 -19.80 -17.28
C TYR B 122 17.78 -18.46 -17.55
N PHE B 123 18.74 -18.43 -18.47
CA PHE B 123 19.41 -17.17 -18.79
C PHE B 123 18.50 -16.20 -19.55
N ASP B 124 17.47 -16.72 -20.22
CA ASP B 124 16.55 -15.84 -20.93
C ASP B 124 15.71 -15.11 -19.89
N MET B 125 15.41 -15.79 -18.79
CA MET B 125 14.62 -15.19 -17.72
C MET B 125 15.49 -14.16 -16.97
N ALA B 126 16.80 -14.38 -16.98
CA ALA B 126 17.75 -13.52 -16.29
C ALA B 126 18.23 -12.28 -17.05
N ARG B 127 18.53 -12.45 -18.33
CA ARG B 127 19.01 -11.34 -19.14
C ARG B 127 18.41 -11.40 -20.54
N GLY B 128 18.39 -10.27 -21.22
CA GLY B 128 17.82 -10.25 -22.56
C GLY B 128 16.52 -9.48 -22.62
N GLY B 129 15.90 -9.48 -23.80
CA GLY B 129 14.66 -8.75 -24.03
C GLY B 129 13.42 -9.10 -23.24
N LYS B 130 13.28 -10.36 -22.82
CA LYS B 130 12.09 -10.76 -22.08
C LYS B 130 12.39 -11.12 -20.62
N ALA B 131 13.56 -10.71 -20.14
CA ALA B 131 13.98 -11.01 -18.78
C ALA B 131 13.08 -10.50 -17.67
N LEU B 132 13.12 -11.17 -16.53
CA LEU B 132 12.33 -10.76 -15.38
C LEU B 132 12.90 -9.44 -14.89
N GLU B 133 12.14 -8.73 -14.07
CA GLU B 133 12.60 -7.45 -13.54
C GLU B 133 13.70 -7.73 -12.52
N MET B 134 14.69 -6.84 -12.46
CA MET B 134 15.78 -6.96 -11.50
C MET B 134 15.62 -5.83 -10.49
N THR B 135 15.80 -6.14 -9.20
CA THR B 135 15.67 -5.13 -8.17
C THR B 135 16.56 -5.47 -6.96
N LYS B 136 16.77 -4.50 -6.08
CA LYS B 136 17.60 -4.71 -4.90
C LYS B 136 17.03 -5.74 -3.93
N PHE B 137 17.93 -6.55 -3.37
CA PHE B 137 17.59 -7.58 -2.39
C PHE B 137 17.62 -6.87 -1.02
N PHE B 138 16.43 -6.58 -0.49
CA PHE B 138 16.29 -5.89 0.78
C PHE B 138 17.11 -4.60 0.72
N ASN B 139 17.86 -4.28 1.76
CA ASN B 139 18.63 -3.05 1.71
C ASN B 139 20.09 -3.30 1.37
N THR B 140 20.33 -4.18 0.40
CA THR B 140 21.71 -4.49 0.03
C THR B 140 22.02 -4.13 -1.41
N ASN B 141 23.28 -4.34 -1.78
CA ASN B 141 23.73 -4.05 -3.14
C ASN B 141 23.62 -5.26 -4.06
N TYR B 142 23.04 -6.34 -3.56
CA TYR B 142 22.81 -7.51 -4.40
C TYR B 142 21.43 -7.32 -5.00
N HIS B 143 21.28 -7.67 -6.27
CA HIS B 143 20.01 -7.53 -6.94
C HIS B 143 19.53 -8.90 -7.37
N TYR B 144 18.27 -9.21 -7.08
CA TYR B 144 17.68 -10.48 -7.45
C TYR B 144 16.69 -10.28 -8.58
N LEU B 145 16.16 -11.38 -9.09
CA LEU B 145 15.18 -11.32 -10.19
C LEU B 145 13.78 -11.55 -9.61
N VAL B 146 12.87 -10.67 -9.98
CA VAL B 146 11.49 -10.72 -9.48
C VAL B 146 10.60 -11.75 -10.17
N PRO B 147 10.20 -12.80 -9.45
CA PRO B 147 9.32 -13.81 -10.05
C PRO B 147 7.97 -13.19 -10.36
N GLU B 148 7.34 -13.67 -11.43
CA GLU B 148 6.04 -13.20 -11.88
C GLU B 148 5.08 -14.37 -11.75
N ILE B 149 4.17 -14.30 -10.78
CA ILE B 149 3.21 -15.38 -10.56
C ILE B 149 2.04 -15.23 -11.51
N GLU B 150 2.02 -16.06 -12.57
CA GLU B 150 0.94 -15.99 -13.53
C GLU B 150 -0.16 -17.00 -13.25
N THR B 151 0.17 -18.03 -12.48
CA THR B 151 -0.81 -19.06 -12.15
C THR B 151 -0.95 -19.26 -10.64
N GLU B 152 -2.14 -19.65 -10.21
CA GLU B 152 -2.42 -19.85 -8.80
C GLU B 152 -1.84 -21.14 -8.22
N GLU B 153 -1.39 -22.04 -9.10
CA GLU B 153 -0.85 -23.30 -8.62
C GLU B 153 0.63 -23.52 -8.97
N PHE B 154 1.38 -23.98 -7.98
CA PHE B 154 2.80 -24.25 -8.16
C PHE B 154 2.97 -25.76 -8.25
N TYR B 155 4.10 -26.19 -8.80
CA TYR B 155 4.40 -27.62 -8.93
C TYR B 155 5.92 -27.75 -8.91
N LEU B 156 6.40 -28.94 -8.58
CA LEU B 156 7.85 -29.16 -8.55
C LEU B 156 8.38 -29.36 -9.96
N LEU B 157 8.94 -28.30 -10.53
CA LEU B 157 9.49 -28.34 -11.87
C LEU B 157 10.89 -28.94 -11.88
N GLU B 158 11.72 -28.49 -10.94
CA GLU B 158 13.08 -28.98 -10.83
C GLU B 158 13.51 -28.94 -9.38
N ASN B 159 14.03 -30.06 -8.88
CA ASN B 159 14.47 -30.14 -7.51
C ASN B 159 15.98 -29.91 -7.42
N LYS B 160 16.40 -28.67 -7.58
CA LYS B 160 17.82 -28.34 -7.52
C LYS B 160 18.42 -28.61 -6.13
N PRO B 161 17.63 -28.41 -5.07
CA PRO B 161 18.22 -28.69 -3.75
C PRO B 161 18.67 -30.15 -3.70
N LEU B 162 17.82 -31.06 -4.17
CA LEU B 162 18.17 -32.48 -4.17
C LEU B 162 19.38 -32.73 -5.06
N GLU B 163 19.37 -32.12 -6.24
CA GLU B 163 20.48 -32.28 -7.19
C GLU B 163 21.82 -31.95 -6.53
N ASP B 164 21.89 -30.76 -5.94
CA ASP B 164 23.13 -30.32 -5.30
C ASP B 164 23.46 -31.18 -4.10
N TYR B 165 22.44 -31.57 -3.35
CA TYR B 165 22.64 -32.41 -2.17
C TYR B 165 23.32 -33.73 -2.58
N LEU B 166 22.84 -34.32 -3.67
CA LEU B 166 23.39 -35.58 -4.14
C LEU B 166 24.79 -35.39 -4.71
N PHE B 167 25.01 -34.28 -5.40
CA PHE B 167 26.32 -33.99 -5.96
C PHE B 167 27.38 -34.07 -4.86
N PHE B 168 27.17 -33.36 -3.77
CA PHE B 168 28.13 -33.38 -2.68
C PHE B 168 28.18 -34.74 -1.96
N LYS B 169 27.02 -35.39 -1.86
CA LYS B 169 26.96 -36.70 -1.23
C LYS B 169 27.86 -37.69 -1.98
N SER B 170 27.92 -37.55 -3.30
CA SER B 170 28.74 -38.41 -4.14
C SER B 170 30.23 -38.09 -3.99
N LYS B 171 30.53 -37.02 -3.26
CA LYS B 171 31.92 -36.63 -3.05
C LYS B 171 32.25 -36.91 -1.59
N GLY B 172 31.34 -37.58 -0.90
CA GLY B 172 31.54 -37.91 0.50
C GLY B 172 31.36 -36.71 1.40
N ILE B 173 30.54 -35.76 0.97
CA ILE B 173 30.29 -34.54 1.75
C ILE B 173 28.81 -34.35 2.06
N GLU B 174 28.48 -34.35 3.35
CA GLU B 174 27.10 -34.18 3.80
C GLU B 174 26.79 -32.68 3.91
N THR B 175 25.74 -32.24 3.22
CA THR B 175 25.39 -30.82 3.24
C THR B 175 23.93 -30.49 3.62
N ALA B 176 23.72 -29.25 4.01
CA ALA B 176 22.40 -28.76 4.38
C ALA B 176 21.96 -27.78 3.29
N PRO B 177 20.96 -28.18 2.48
CA PRO B 177 20.48 -27.31 1.40
C PRO B 177 20.05 -25.93 1.90
N TRP B 178 20.51 -24.90 1.20
CA TRP B 178 20.20 -23.51 1.52
C TRP B 178 19.07 -23.08 0.60
N VAL B 179 17.90 -22.78 1.16
CA VAL B 179 16.75 -22.39 0.34
C VAL B 179 16.03 -21.16 0.86
N ILE B 180 15.36 -20.45 -0.06
CA ILE B 180 14.58 -19.29 0.32
C ILE B 180 13.22 -19.80 0.79
N GLY B 181 12.81 -19.41 2.00
CA GLY B 181 11.54 -19.87 2.55
C GLY B 181 10.33 -19.43 1.73
N PRO B 182 9.21 -20.15 1.84
CA PRO B 182 7.99 -19.80 1.09
C PRO B 182 7.43 -18.40 1.35
N PHE B 183 7.49 -17.94 2.59
CA PHE B 183 6.96 -16.60 2.88
C PHE B 183 7.78 -15.53 2.18
N THR B 184 9.09 -15.59 2.35
CA THR B 184 9.94 -14.59 1.71
C THR B 184 9.88 -14.67 0.17
N PHE B 185 9.77 -15.88 -0.38
CA PHE B 185 9.70 -16.02 -1.83
C PHE B 185 8.54 -15.19 -2.38
N LEU B 186 7.36 -15.41 -1.82
CA LEU B 186 6.17 -14.69 -2.26
C LEU B 186 6.31 -13.20 -1.99
N TYR B 187 6.92 -12.85 -0.87
CA TYR B 187 7.11 -11.45 -0.49
C TYR B 187 7.98 -10.71 -1.51
N LEU B 188 8.88 -11.44 -2.17
CA LEU B 188 9.77 -10.83 -3.17
C LEU B 188 9.22 -10.94 -4.58
N SER B 189 8.03 -11.52 -4.73
CA SER B 189 7.44 -11.70 -6.06
C SER B 189 6.28 -10.76 -6.31
N LYS B 190 5.75 -10.79 -7.53
CA LYS B 190 4.59 -9.98 -7.85
C LYS B 190 3.65 -10.72 -8.78
N ARG B 191 2.40 -10.28 -8.77
CA ARG B 191 1.37 -10.85 -9.63
C ARG B 191 0.61 -9.68 -10.21
N ASN B 192 0.38 -9.72 -11.52
CA ASN B 192 -0.33 -8.65 -12.18
C ASN B 192 0.38 -7.32 -11.91
N GLY B 193 1.71 -7.39 -11.80
CA GLY B 193 2.52 -6.20 -11.56
C GLY B 193 2.59 -5.64 -10.15
N GLU B 194 1.91 -6.27 -9.21
CA GLU B 194 1.91 -5.78 -7.84
C GLU B 194 2.58 -6.76 -6.89
N TRP B 195 3.23 -6.24 -5.85
CA TRP B 195 3.89 -7.10 -4.87
C TRP B 195 2.85 -7.99 -4.20
N ILE B 196 3.23 -9.22 -3.90
CA ILE B 196 2.33 -10.16 -3.22
C ILE B 196 2.74 -10.04 -1.76
N ARG B 197 2.32 -8.97 -1.09
CA ARG B 197 2.72 -8.78 0.29
C ARG B 197 1.63 -8.71 1.34
N ARG B 198 0.41 -8.42 0.92
CA ARG B 198 -0.69 -8.39 1.88
C ARG B 198 -1.12 -9.82 2.17
N PRO B 199 -1.49 -10.12 3.43
CA PRO B 199 -1.92 -11.45 3.81
C PRO B 199 -2.96 -12.07 2.88
N ASN B 200 -3.98 -11.30 2.49
CA ASN B 200 -5.03 -11.81 1.62
C ASN B 200 -4.49 -12.15 0.24
N GLN B 201 -3.38 -11.52 -0.13
CA GLN B 201 -2.75 -11.79 -1.44
C GLN B 201 -1.93 -13.07 -1.37
N MET B 202 -1.34 -13.33 -0.22
CA MET B 202 -0.49 -14.49 -0.01
C MET B 202 -1.20 -15.78 0.40
N GLU B 203 -2.25 -15.65 1.22
CA GLU B 203 -2.97 -16.81 1.75
C GLU B 203 -3.18 -18.01 0.81
N LYS B 204 -3.98 -17.83 -0.24
CA LYS B 204 -4.25 -18.92 -1.17
C LYS B 204 -2.98 -19.47 -1.83
N LEU B 205 -2.14 -18.60 -2.36
CA LEU B 205 -0.90 -19.02 -3.02
C LEU B 205 0.00 -19.87 -2.13
N LEU B 206 0.06 -19.54 -0.85
CA LEU B 206 0.90 -20.25 0.11
C LEU B 206 0.55 -21.72 0.27
N GLU B 207 -0.75 -22.04 0.22
CA GLU B 207 -1.17 -23.44 0.35
C GLU B 207 -0.56 -24.27 -0.77
N SER B 208 -0.65 -23.77 -1.99
CA SER B 208 -0.10 -24.46 -3.14
C SER B 208 1.44 -24.46 -3.08
N LEU B 209 2.01 -23.32 -2.73
CA LEU B 209 3.46 -23.17 -2.66
C LEU B 209 4.10 -24.11 -1.64
N VAL B 210 3.57 -24.11 -0.42
CA VAL B 210 4.09 -24.96 0.64
C VAL B 210 4.05 -26.43 0.26
N SER B 211 3.05 -26.80 -0.52
CA SER B 211 2.89 -28.18 -0.98
C SER B 211 4.13 -28.63 -1.75
N VAL B 212 4.68 -27.75 -2.58
CA VAL B 212 5.87 -28.07 -3.37
C VAL B 212 7.09 -28.17 -2.46
N TYR B 213 7.21 -27.25 -1.51
CA TYR B 213 8.33 -27.28 -0.56
C TYR B 213 8.31 -28.62 0.18
N LYS B 214 7.11 -29.08 0.51
CA LYS B 214 6.95 -30.36 1.22
C LYS B 214 7.55 -31.48 0.40
N GLU B 215 7.21 -31.52 -0.88
CA GLU B 215 7.74 -32.55 -1.78
C GLU B 215 9.25 -32.49 -1.79
N VAL B 216 9.78 -31.28 -2.00
CA VAL B 216 11.22 -31.06 -2.04
C VAL B 216 11.90 -31.55 -0.76
N PHE B 217 11.35 -31.16 0.38
CA PHE B 217 11.91 -31.56 1.66
C PHE B 217 11.80 -33.06 1.86
N GLU B 218 10.67 -33.64 1.43
CA GLU B 218 10.45 -35.07 1.56
C GLU B 218 11.53 -35.86 0.80
N LYS B 219 11.83 -35.41 -0.41
CA LYS B 219 12.84 -36.06 -1.24
C LYS B 219 14.23 -35.95 -0.62
N LEU B 220 14.52 -34.79 -0.03
CA LEU B 220 15.82 -34.57 0.60
C LEU B 220 16.01 -35.55 1.75
N VAL B 221 15.02 -35.62 2.63
CA VAL B 221 15.07 -36.51 3.78
C VAL B 221 15.15 -37.97 3.36
N GLU B 222 14.46 -38.32 2.29
CA GLU B 222 14.48 -39.70 1.80
C GLU B 222 15.89 -40.06 1.35
N ASN B 223 16.65 -39.06 0.91
CA ASN B 223 18.01 -39.32 0.46
C ASN B 223 19.06 -39.11 1.54
N GLY B 224 18.61 -38.99 2.79
CA GLY B 224 19.53 -38.84 3.90
C GLY B 224 19.78 -37.45 4.48
N CYS B 225 19.22 -36.42 3.87
CA CYS B 225 19.43 -35.06 4.36
C CYS B 225 19.08 -34.89 5.84
N LYS B 226 20.04 -34.44 6.62
CA LYS B 226 19.84 -34.25 8.06
C LYS B 226 19.41 -32.85 8.47
N GLU B 227 19.61 -31.85 7.62
CA GLU B 227 19.23 -30.50 7.98
C GLU B 227 19.06 -29.61 6.75
N ILE B 228 18.08 -28.72 6.81
CA ILE B 228 17.77 -27.81 5.71
C ILE B 228 17.78 -26.38 6.23
N LEU B 229 18.53 -25.50 5.56
CA LEU B 229 18.63 -24.10 5.97
C LEU B 229 17.61 -23.27 5.21
N VAL B 230 16.55 -22.87 5.91
CA VAL B 230 15.49 -22.06 5.31
C VAL B 230 15.66 -20.59 5.66
N ASN B 231 15.77 -19.77 4.62
CA ASN B 231 16.00 -18.34 4.78
C ASN B 231 14.72 -17.52 4.68
N GLU B 232 14.37 -16.85 5.77
CA GLU B 232 13.17 -16.03 5.82
C GLU B 232 13.45 -14.58 6.22
N PRO B 233 14.29 -13.87 5.46
CA PRO B 233 14.59 -12.49 5.82
C PRO B 233 13.38 -11.54 5.83
N ALA B 234 12.33 -11.85 5.06
CA ALA B 234 11.14 -10.99 5.01
C ALA B 234 10.49 -10.87 6.39
N PHE B 235 10.83 -11.79 7.29
CA PHE B 235 10.32 -11.76 8.65
C PHE B 235 10.76 -10.48 9.35
N VAL B 236 11.81 -9.81 8.83
CA VAL B 236 12.30 -8.58 9.46
C VAL B 236 11.63 -7.31 8.93
N CYS B 237 10.73 -7.44 7.97
CA CYS B 237 10.00 -6.29 7.43
C CYS B 237 8.92 -5.91 8.47
N ASP B 238 8.30 -4.74 8.31
CA ASP B 238 7.24 -4.32 9.24
C ASP B 238 5.99 -5.17 8.93
N LEU B 239 5.96 -6.39 9.42
CA LEU B 239 4.82 -7.26 9.15
C LEU B 239 3.64 -7.02 10.09
N GLU B 240 2.46 -7.47 9.66
CA GLU B 240 1.24 -7.34 10.45
C GLU B 240 1.08 -8.62 11.23
N LYS B 241 0.31 -8.58 12.30
CA LYS B 241 0.07 -9.78 13.08
C LYS B 241 -0.57 -10.83 12.16
N ALA B 242 -1.30 -10.36 11.15
CA ALA B 242 -1.97 -11.26 10.21
C ALA B 242 -0.96 -12.03 9.35
N HIS B 243 0.21 -11.45 9.14
CA HIS B 243 1.25 -12.13 8.38
C HIS B 243 1.73 -13.31 9.21
N TRP B 244 1.95 -13.06 10.49
CA TRP B 244 2.43 -14.11 11.39
C TRP B 244 1.44 -15.26 11.54
N ASP B 245 0.14 -14.97 11.48
CA ASP B 245 -0.86 -16.03 11.57
C ASP B 245 -0.63 -16.97 10.37
N LEU B 246 -0.38 -16.37 9.22
CA LEU B 246 -0.11 -17.13 7.99
C LEU B 246 1.19 -17.90 8.11
N ILE B 247 2.23 -17.22 8.60
CA ILE B 247 3.53 -17.84 8.77
C ILE B 247 3.45 -19.04 9.71
N LEU B 248 2.64 -18.94 10.77
CA LEU B 248 2.49 -20.06 11.70
C LEU B 248 1.86 -21.26 10.99
N ASN B 249 0.83 -21.00 10.18
CA ASN B 249 0.19 -22.09 9.45
C ASN B 249 1.14 -22.75 8.47
N VAL B 250 1.93 -21.94 7.78
CA VAL B 250 2.89 -22.46 6.81
C VAL B 250 3.86 -23.43 7.48
N TYR B 251 4.47 -22.98 8.58
CA TYR B 251 5.45 -23.83 9.25
C TYR B 251 4.86 -25.01 10.02
N ARG B 252 3.56 -24.99 10.28
CA ARG B 252 2.93 -26.13 10.96
C ARG B 252 2.93 -27.25 9.92
N GLU B 253 2.68 -26.88 8.66
CA GLU B 253 2.65 -27.84 7.57
C GLU B 253 4.03 -28.42 7.28
N LEU B 254 5.08 -27.74 7.73
CA LEU B 254 6.43 -28.20 7.48
C LEU B 254 7.15 -28.70 8.73
N SER B 255 6.41 -28.81 9.84
CA SER B 255 6.99 -29.24 11.11
C SER B 255 7.67 -30.60 11.12
N GLU B 256 7.30 -31.49 10.21
CA GLU B 256 7.91 -32.82 10.16
C GLU B 256 9.34 -32.83 9.61
N PHE B 257 9.75 -31.74 8.96
CA PHE B 257 11.08 -31.67 8.38
C PHE B 257 12.13 -31.01 9.27
N PRO B 258 13.42 -31.39 9.08
CA PRO B 258 14.54 -30.85 9.86
C PRO B 258 14.96 -29.48 9.38
N LEU B 259 14.13 -28.49 9.64
CA LEU B 259 14.42 -27.15 9.19
C LEU B 259 15.05 -26.26 10.25
N THR B 260 15.89 -25.33 9.77
CA THR B 260 16.55 -24.35 10.61
C THR B 260 16.24 -23.05 9.87
N VAL B 261 15.48 -22.17 10.51
CA VAL B 261 15.10 -20.90 9.88
C VAL B 261 16.02 -19.76 10.27
N PHE B 262 16.46 -19.02 9.25
CA PHE B 262 17.36 -17.89 9.42
C PHE B 262 16.65 -16.59 9.10
N THR B 263 16.96 -15.54 9.85
CA THR B 263 16.39 -14.23 9.63
C THR B 263 17.55 -13.27 9.77
N TYR B 264 17.57 -12.22 8.97
CA TYR B 264 18.68 -11.28 9.03
C TYR B 264 18.41 -9.97 8.31
N TYR B 265 19.32 -9.02 8.54
CA TYR B 265 19.32 -7.66 7.99
C TYR B 265 18.70 -6.69 9.00
N ASP B 266 17.87 -7.22 9.90
CA ASP B 266 17.24 -6.40 10.95
C ASP B 266 16.58 -7.35 11.95
N SER B 267 15.97 -6.81 13.00
CA SER B 267 15.31 -7.64 14.01
C SER B 267 14.00 -8.21 13.47
N VAL B 268 13.56 -9.34 14.01
CA VAL B 268 12.30 -9.93 13.56
C VAL B 268 11.16 -9.06 14.06
N SER B 269 10.17 -8.84 13.21
CA SER B 269 9.04 -7.97 13.52
C SER B 269 8.15 -8.37 14.70
N ASP B 270 8.03 -9.66 14.99
CA ASP B 270 7.23 -10.11 16.12
C ASP B 270 8.00 -11.25 16.76
N TYR B 271 8.80 -10.91 17.77
CA TYR B 271 9.65 -11.88 18.44
C TYR B 271 8.91 -13.09 19.03
N GLU B 272 7.88 -12.83 19.82
CA GLU B 272 7.15 -13.93 20.44
C GLU B 272 6.50 -14.84 19.42
N ALA B 273 5.93 -14.27 18.36
CA ALA B 273 5.30 -15.08 17.32
C ALA B 273 6.36 -15.94 16.65
N CYS B 274 7.48 -15.32 16.30
CA CYS B 274 8.55 -16.04 15.62
C CYS B 274 9.09 -17.20 16.46
N VAL B 275 9.38 -16.98 17.74
CA VAL B 275 9.91 -18.05 18.59
C VAL B 275 8.88 -19.13 18.91
N SER B 276 7.62 -18.90 18.53
CA SER B 276 6.56 -19.87 18.79
C SER B 276 6.34 -20.77 17.57
N LEU B 277 7.03 -20.46 16.49
CA LEU B 277 6.93 -21.24 15.27
C LEU B 277 7.37 -22.68 15.56
N PRO B 278 6.70 -23.66 14.94
CA PRO B 278 7.07 -25.07 15.17
C PRO B 278 8.32 -25.49 14.39
N VAL B 279 9.45 -24.90 14.74
CA VAL B 279 10.73 -25.22 14.11
C VAL B 279 11.69 -25.55 15.25
N LYS B 280 12.49 -26.59 15.07
CA LYS B 280 13.42 -27.02 16.12
C LYS B 280 14.58 -26.06 16.40
N ARG B 281 14.99 -25.29 15.40
CA ARG B 281 16.08 -24.36 15.59
C ARG B 281 15.85 -23.07 14.80
N LEU B 282 16.15 -21.96 15.45
CA LEU B 282 15.98 -20.62 14.88
C LEU B 282 17.25 -19.79 14.97
N HIS B 283 17.56 -19.12 13.87
CA HIS B 283 18.73 -18.25 13.80
C HIS B 283 18.22 -16.81 13.84
N PHE B 284 18.96 -15.93 14.50
CA PHE B 284 18.61 -14.51 14.57
C PHE B 284 19.85 -13.69 14.31
N ASP B 285 19.65 -12.53 13.73
CA ASP B 285 20.72 -11.58 13.42
C ASP B 285 20.88 -10.70 14.68
N PHE B 286 22.00 -10.87 15.39
CA PHE B 286 22.26 -10.10 16.59
C PHE B 286 23.29 -9.01 16.33
N VAL B 287 23.53 -8.73 15.05
CA VAL B 287 24.51 -7.74 14.65
C VAL B 287 23.94 -6.43 14.12
N SER B 288 23.01 -6.55 13.17
CA SER B 288 22.40 -5.38 12.53
C SER B 288 21.39 -4.61 13.36
N ASN B 289 21.07 -5.11 14.54
CA ASN B 289 20.06 -4.47 15.37
C ASN B 289 20.25 -4.81 16.82
N GLU B 290 19.56 -4.07 17.68
CA GLU B 290 19.62 -4.29 19.12
C GLU B 290 18.29 -4.87 19.60
N GLU B 291 17.25 -4.80 18.77
CA GLU B 291 15.94 -5.32 19.18
C GLU B 291 15.85 -6.81 19.44
N ASN B 292 16.51 -7.64 18.62
CA ASN B 292 16.44 -9.08 18.87
C ASN B 292 16.95 -9.42 20.27
N LEU B 293 18.09 -8.85 20.65
CA LEU B 293 18.65 -9.12 21.98
C LEU B 293 17.71 -8.64 23.08
N LYS B 294 17.23 -7.41 22.94
CA LYS B 294 16.32 -6.83 23.94
C LYS B 294 15.06 -7.69 24.09
N ASN B 295 14.51 -8.15 22.98
CA ASN B 295 13.31 -8.98 23.04
C ASN B 295 13.60 -10.32 23.69
N LEU B 296 14.75 -10.89 23.39
CA LEU B 296 15.11 -12.17 23.98
C LEU B 296 15.32 -12.04 25.48
N GLU B 297 15.93 -10.93 25.90
CA GLU B 297 16.17 -10.68 27.32
C GLU B 297 14.86 -10.42 28.05
N LYS B 298 13.88 -9.87 27.34
CA LYS B 298 12.60 -9.55 27.95
C LYS B 298 11.63 -10.72 27.93
N HIS B 299 11.68 -11.52 26.87
CA HIS B 299 10.76 -12.65 26.76
C HIS B 299 11.41 -14.02 26.86
N GLY B 300 12.74 -14.07 26.84
CA GLY B 300 13.43 -15.34 26.91
C GLY B 300 13.34 -16.09 25.59
N PHE B 301 13.93 -17.28 25.54
CA PHE B 301 13.92 -18.10 24.34
C PHE B 301 13.46 -19.49 24.76
N PRO B 302 12.46 -20.06 24.06
CA PRO B 302 11.88 -21.38 24.35
C PRO B 302 12.90 -22.50 24.58
N GLU B 303 12.80 -23.15 25.74
CA GLU B 303 13.69 -24.24 26.08
C GLU B 303 13.47 -25.44 25.15
N ASP B 304 12.39 -25.40 24.38
CA ASP B 304 12.08 -26.49 23.46
C ASP B 304 12.72 -26.29 22.08
N LYS B 305 13.51 -25.24 21.93
CA LYS B 305 14.17 -24.96 20.66
C LYS B 305 15.62 -24.62 20.91
N LYS B 306 16.39 -24.56 19.83
CA LYS B 306 17.81 -24.22 19.92
C LYS B 306 18.05 -22.91 19.18
N LEU B 307 18.76 -21.99 19.83
CA LEU B 307 19.06 -20.71 19.21
C LEU B 307 20.37 -20.74 18.44
N VAL B 308 20.36 -20.21 17.22
CA VAL B 308 21.56 -20.11 16.42
C VAL B 308 21.86 -18.62 16.44
N ALA B 309 22.96 -18.25 17.10
CA ALA B 309 23.30 -16.85 17.21
C ALA B 309 24.11 -16.27 16.05
N GLY B 310 23.46 -15.37 15.30
CA GLY B 310 24.12 -14.72 14.18
C GLY B 310 24.91 -13.58 14.80
N VAL B 311 26.19 -13.83 15.09
CA VAL B 311 27.03 -12.84 15.77
C VAL B 311 28.27 -12.30 15.02
N ILE B 312 28.54 -12.82 13.83
CA ILE B 312 29.66 -12.33 13.04
C ILE B 312 29.07 -11.63 11.82
N ASN B 313 29.33 -10.33 11.72
CA ASN B 313 28.78 -9.50 10.65
C ASN B 313 29.14 -9.96 9.23
N GLY B 314 28.12 -10.05 8.39
CA GLY B 314 28.34 -10.46 7.02
C GLY B 314 28.34 -9.28 6.06
N ARG B 315 28.06 -8.09 6.59
CA ARG B 315 28.00 -6.88 5.77
C ARG B 315 29.11 -5.88 5.95
N GLN B 316 29.95 -6.05 6.97
CA GLN B 316 31.07 -5.12 7.19
C GLN B 316 32.33 -5.96 7.32
N PRO B 317 33.48 -5.39 6.93
CA PRO B 317 34.77 -6.10 6.96
C PRO B 317 35.68 -5.96 8.16
N TRP B 318 35.15 -5.57 9.32
CA TRP B 318 36.01 -5.36 10.46
C TRP B 318 36.22 -6.58 11.35
N LYS B 319 37.46 -6.76 11.79
CA LYS B 319 37.77 -7.84 12.72
C LYS B 319 37.06 -7.40 13.99
N VAL B 320 36.60 -8.35 14.80
CA VAL B 320 35.93 -7.97 16.03
C VAL B 320 36.59 -8.63 17.23
N ASP B 321 36.31 -8.10 18.41
CA ASP B 321 36.86 -8.64 19.64
C ASP B 321 36.06 -9.90 19.94
N LEU B 322 36.61 -11.06 19.58
CA LEU B 322 35.91 -12.32 19.80
C LEU B 322 35.63 -12.61 21.27
N ARG B 323 36.26 -11.88 22.16
CA ARG B 323 36.03 -12.06 23.59
C ARG B 323 34.64 -11.51 23.89
N LYS B 324 34.32 -10.36 23.32
CA LYS B 324 33.02 -9.74 23.52
C LYS B 324 31.94 -10.60 22.85
N VAL B 325 32.24 -11.11 21.67
CA VAL B 325 31.29 -11.95 20.94
C VAL B 325 31.01 -13.22 21.75
N ALA B 326 32.05 -13.80 22.32
CA ALA B 326 31.90 -15.01 23.11
C ALA B 326 30.99 -14.76 24.31
N SER B 327 31.20 -13.65 25.00
CA SER B 327 30.38 -13.34 26.17
C SER B 327 28.90 -13.13 25.75
N LEU B 328 28.70 -12.58 24.55
CA LEU B 328 27.34 -12.38 24.05
C LEU B 328 26.69 -13.74 23.81
N VAL B 329 27.42 -14.65 23.17
CA VAL B 329 26.90 -15.98 22.88
C VAL B 329 26.44 -16.64 24.18
N GLU B 330 27.27 -16.52 25.20
CA GLU B 330 26.96 -17.09 26.51
C GLU B 330 25.71 -16.45 27.08
N LYS B 331 25.64 -15.12 26.99
CA LYS B 331 24.49 -14.40 27.51
C LYS B 331 23.22 -14.83 26.79
N LEU B 332 23.34 -15.10 25.49
CA LEU B 332 22.20 -15.53 24.69
C LEU B 332 21.74 -16.94 25.04
N GLY B 333 22.62 -17.69 25.68
CA GLY B 333 22.28 -19.05 26.05
C GLY B 333 22.33 -19.99 24.86
N ALA B 334 22.87 -19.49 23.75
CA ALA B 334 22.96 -20.26 22.52
C ALA B 334 24.11 -21.26 22.54
N SER B 335 23.90 -22.40 21.89
CA SER B 335 24.93 -23.43 21.78
C SER B 335 25.31 -23.59 20.31
N ALA B 336 24.93 -22.59 19.49
CA ALA B 336 25.24 -22.60 18.06
C ALA B 336 25.53 -21.17 17.60
N ILE B 337 26.46 -21.03 16.66
CA ILE B 337 26.83 -19.71 16.16
C ILE B 337 26.87 -19.69 14.64
N SER B 338 26.95 -18.49 14.07
CA SER B 338 27.04 -18.32 12.62
C SER B 338 27.16 -16.85 12.26
N ASN B 339 27.39 -16.56 10.98
CA ASN B 339 27.45 -15.17 10.57
C ASN B 339 26.03 -14.63 10.73
N SER B 340 25.91 -13.32 10.89
CA SER B 340 24.61 -12.67 11.10
C SER B 340 23.75 -12.64 9.83
N CYS B 341 24.37 -12.33 8.71
CA CYS B 341 23.68 -12.26 7.42
C CYS B 341 24.61 -12.85 6.38
N PRO B 342 24.11 -13.09 5.16
CA PRO B 342 24.92 -13.66 4.08
C PRO B 342 26.31 -13.04 3.89
N LEU B 343 27.31 -13.90 3.80
CA LEU B 343 28.67 -13.45 3.62
C LEU B 343 28.94 -12.91 2.21
N PHE B 344 28.00 -13.13 1.30
CA PHE B 344 28.25 -12.67 -0.06
C PHE B 344 28.26 -11.16 -0.27
N HIS B 345 28.03 -10.42 0.81
CA HIS B 345 28.06 -8.96 0.75
C HIS B 345 29.52 -8.53 1.02
N LEU B 346 30.40 -9.51 1.18
CA LEU B 346 31.82 -9.25 1.42
C LEU B 346 32.68 -9.86 0.32
N PRO B 347 33.93 -9.39 0.18
CA PRO B 347 34.82 -9.94 -0.84
C PRO B 347 35.23 -11.33 -0.37
N VAL B 348 35.75 -12.15 -1.28
CA VAL B 348 36.16 -13.50 -0.92
C VAL B 348 37.24 -13.58 0.15
N THR B 349 38.37 -12.92 -0.06
CA THR B 349 39.44 -13.01 0.93
C THR B 349 40.42 -11.85 0.96
N LEU B 350 40.89 -11.55 2.16
CA LEU B 350 41.82 -10.46 2.42
C LEU B 350 43.28 -10.85 2.24
N GLU B 351 43.55 -12.15 2.22
CA GLU B 351 44.91 -12.66 2.13
C GLU B 351 45.91 -11.94 1.21
N LEU B 352 45.49 -11.56 0.00
CA LEU B 352 46.40 -10.88 -0.91
C LEU B 352 46.29 -9.36 -1.01
N GLU B 353 45.60 -8.73 -0.05
CA GLU B 353 45.47 -7.27 -0.07
C GLU B 353 46.65 -6.68 0.70
N ASN B 354 47.79 -6.59 0.03
CA ASN B 354 48.99 -6.08 0.68
C ASN B 354 49.42 -4.67 0.27
N ASN B 355 48.55 -3.93 -0.42
CA ASN B 355 48.92 -2.58 -0.81
C ASN B 355 47.99 -1.56 -0.15
N LEU B 356 47.32 -1.99 0.93
CA LEU B 356 46.38 -1.14 1.68
C LEU B 356 47.14 -0.15 2.57
N PRO B 357 46.49 0.96 2.96
CA PRO B 357 47.15 1.94 3.82
C PRO B 357 47.72 1.25 5.05
N GLY B 358 48.88 1.73 5.52
CA GLY B 358 49.50 1.12 6.68
C GLY B 358 48.60 0.92 7.88
N GLY B 359 48.58 -0.30 8.41
CA GLY B 359 47.76 -0.60 9.57
C GLY B 359 46.33 -1.02 9.30
N LEU B 360 45.87 -0.89 8.06
CA LEU B 360 44.49 -1.26 7.74
C LEU B 360 44.23 -2.76 7.63
N LYS B 361 45.05 -3.47 6.86
CA LYS B 361 44.85 -4.90 6.67
C LYS B 361 44.65 -5.63 7.99
N GLU B 362 45.43 -5.24 8.99
CA GLU B 362 45.35 -5.85 10.31
C GLU B 362 44.00 -5.68 11.00
N LYS B 363 43.18 -4.77 10.53
CA LYS B 363 41.88 -4.56 11.17
C LYS B 363 40.72 -5.08 10.35
N LEU B 364 41.05 -5.66 9.19
CA LEU B 364 40.04 -6.19 8.29
C LEU B 364 39.86 -7.70 8.31
N ALA B 365 38.75 -8.13 7.72
CA ALA B 365 38.42 -9.54 7.61
C ALA B 365 37.34 -9.66 6.54
N PHE B 366 37.64 -10.40 5.47
CA PHE B 366 36.66 -10.60 4.43
C PHE B 366 35.97 -11.93 4.67
N ALA B 367 35.19 -12.40 3.69
CA ALA B 367 34.42 -13.64 3.85
C ALA B 367 35.19 -14.82 4.41
N LYS B 368 36.32 -15.16 3.80
CA LYS B 368 37.12 -16.30 4.26
C LYS B 368 37.57 -16.09 5.71
N GLU B 369 37.97 -14.86 6.04
CA GLU B 369 38.41 -14.55 7.38
C GLU B 369 37.24 -14.57 8.38
N LYS B 370 36.03 -14.27 7.90
CA LYS B 370 34.84 -14.30 8.76
C LYS B 370 34.60 -15.75 9.15
N LEU B 371 34.83 -16.65 8.19
CA LEU B 371 34.67 -18.08 8.41
C LEU B 371 35.67 -18.55 9.46
N GLU B 372 36.89 -18.02 9.39
CA GLU B 372 37.93 -18.37 10.35
C GLU B 372 37.60 -17.80 11.73
N GLU B 373 36.91 -16.67 11.76
CA GLU B 373 36.51 -16.09 13.06
C GLU B 373 35.50 -17.02 13.74
N LEU B 374 34.60 -17.61 12.97
CA LEU B 374 33.61 -18.52 13.53
C LEU B 374 34.30 -19.75 14.09
N LYS B 375 35.37 -20.20 13.43
CA LYS B 375 36.11 -21.37 13.90
C LYS B 375 36.79 -21.04 15.23
N MET B 376 37.35 -19.84 15.32
CA MET B 376 38.03 -19.41 16.53
C MET B 376 37.00 -19.30 17.66
N LEU B 377 35.86 -18.69 17.39
CA LEU B 377 34.81 -18.56 18.39
C LEU B 377 34.39 -19.94 18.86
N LYS B 378 34.19 -20.84 17.92
CA LYS B 378 33.80 -22.21 18.23
C LYS B 378 34.84 -22.84 19.16
N ASP B 379 36.10 -22.81 18.73
CA ASP B 379 37.18 -23.38 19.53
C ASP B 379 37.24 -22.78 20.93
N PHE B 380 37.14 -21.45 21.02
CA PHE B 380 37.19 -20.81 22.33
C PHE B 380 36.04 -21.29 23.21
N LEU B 381 34.81 -21.18 22.72
CA LEU B 381 33.62 -21.60 23.46
C LEU B 381 33.67 -23.05 23.90
N GLU B 382 34.36 -23.90 23.14
CA GLU B 382 34.47 -25.31 23.50
C GLU B 382 35.67 -25.55 24.41
N GLY B 383 36.43 -24.50 24.68
CA GLY B 383 37.59 -24.64 25.55
C GLY B 383 38.76 -25.32 24.89
N LYS B 384 38.81 -25.30 23.56
CA LYS B 384 39.91 -25.91 22.83
C LYS B 384 41.08 -24.93 22.79
N THR B 385 40.78 -23.66 22.98
CA THR B 385 41.78 -22.61 23.00
C THR B 385 41.48 -21.66 24.15
N PHE B 386 42.47 -20.89 24.57
CA PHE B 386 42.29 -19.94 25.66
C PHE B 386 42.58 -18.55 25.13
N ASP B 387 43.46 -18.48 24.13
CA ASP B 387 43.83 -17.21 23.51
C ASP B 387 42.82 -16.80 22.45
N VAL B 391 42.68 -6.15 19.03
CA VAL B 391 41.40 -5.81 18.44
C VAL B 391 40.78 -4.59 19.12
N SER B 392 41.30 -3.40 18.80
CA SER B 392 40.81 -2.16 19.38
C SER B 392 40.62 -1.05 18.34
N PHE B 393 41.74 -0.60 17.79
CA PHE B 393 41.78 0.47 16.78
C PHE B 393 40.72 1.57 16.89
N GLU B 394 40.53 2.12 18.07
CA GLU B 394 39.54 3.17 18.26
C GLU B 394 40.05 4.49 17.67
N ASP B 395 41.26 4.88 18.06
CA ASP B 395 41.84 6.14 17.58
C ASP B 395 42.61 5.95 16.26
N PHE B 396 42.29 4.89 15.54
CA PHE B 396 42.95 4.61 14.27
C PHE B 396 42.45 5.48 13.11
N ALA B 397 43.38 6.02 12.34
CA ALA B 397 43.06 6.87 11.18
C ALA B 397 42.06 7.97 11.51
N VAL B 398 42.17 8.55 12.69
CA VAL B 398 41.27 9.62 13.10
C VAL B 398 41.94 10.98 12.96
N ASP B 399 41.24 11.90 12.30
CA ASP B 399 41.75 13.26 12.11
C ASP B 399 40.99 14.19 13.05
N LEU B 400 41.60 14.50 14.18
CA LEU B 400 40.97 15.36 15.19
C LEU B 400 40.37 16.65 14.66
N GLN B 401 41.16 17.44 13.94
CA GLN B 401 40.66 18.71 13.42
C GLN B 401 39.40 18.50 12.57
N ALA B 402 39.46 17.57 11.63
CA ALA B 402 38.33 17.30 10.75
C ALA B 402 37.08 16.85 11.51
N VAL B 403 37.25 15.95 12.48
CA VAL B 403 36.14 15.45 13.27
C VAL B 403 35.45 16.56 14.04
N GLU B 404 36.22 17.29 14.84
CA GLU B 404 35.69 18.38 15.64
C GLU B 404 35.01 19.39 14.72
N ARG B 405 35.64 19.65 13.58
CA ARG B 405 35.11 20.59 12.60
C ARG B 405 33.71 20.18 12.19
N VAL B 406 33.47 18.88 12.09
CA VAL B 406 32.17 18.37 11.71
C VAL B 406 31.20 18.43 12.88
N ARG B 407 31.70 18.15 14.07
CA ARG B 407 30.87 18.17 15.27
C ARG B 407 30.39 19.57 15.64
N ASN B 408 31.21 20.59 15.37
CA ASN B 408 30.84 21.96 15.70
C ASN B 408 29.82 22.54 14.74
N LEU B 409 29.83 22.02 13.51
CA LEU B 409 28.92 22.46 12.45
C LEU B 409 27.62 23.12 12.91
N PRO B 410 27.44 24.41 12.56
CA PRO B 410 26.25 25.18 12.92
C PRO B 410 25.09 24.86 11.97
N GLU B 411 23.87 25.20 12.38
CA GLU B 411 22.68 24.95 11.58
C GLU B 411 22.77 25.45 10.14
N ASP B 412 23.30 26.66 9.97
CA ASP B 412 23.42 27.27 8.65
C ASP B 412 24.17 26.42 7.63
N SER B 413 24.93 25.44 8.11
CA SER B 413 25.68 24.56 7.22
C SER B 413 24.73 23.60 6.52
N PHE B 414 23.53 23.45 7.07
CA PHE B 414 22.51 22.55 6.53
C PHE B 414 21.38 23.29 5.82
N ARG B 415 21.44 24.61 5.83
CA ARG B 415 20.38 25.41 5.23
C ARG B 415 20.96 26.53 4.37
N ARG B 416 20.56 26.59 3.11
CA ARG B 416 21.06 27.63 2.21
C ARG B 416 20.56 29.01 2.62
N GLU B 417 21.40 30.02 2.38
CA GLU B 417 21.10 31.41 2.73
C GLU B 417 19.71 31.91 2.41
N LYS B 418 19.25 31.65 1.18
CA LYS B 418 17.94 32.12 0.74
C LYS B 418 17.01 30.98 0.37
N GLU B 419 15.72 31.18 0.59
CA GLU B 419 14.73 30.16 0.27
C GLU B 419 14.62 30.06 -1.25
N TYR B 420 14.05 28.95 -1.70
CA TYR B 420 13.91 28.68 -3.11
C TYR B 420 13.39 29.81 -4.00
N THR B 421 12.26 30.42 -3.65
CA THR B 421 11.71 31.49 -4.49
C THR B 421 12.73 32.59 -4.78
N GLU B 422 13.54 32.93 -3.78
CA GLU B 422 14.56 33.95 -3.94
C GLU B 422 15.69 33.43 -4.83
N ARG B 423 16.16 32.21 -4.56
CA ARG B 423 17.24 31.60 -5.33
C ARG B 423 16.82 31.46 -6.80
N ASP B 424 15.60 31.02 -7.02
CA ASP B 424 15.07 30.82 -8.36
C ASP B 424 15.18 32.09 -9.19
N ARG B 425 14.73 33.20 -8.63
CA ARG B 425 14.77 34.48 -9.33
C ARG B 425 16.21 34.82 -9.75
N ILE B 426 17.13 34.67 -8.81
CA ILE B 426 18.55 34.95 -9.07
C ILE B 426 19.12 34.02 -10.13
N GLN B 427 18.84 32.73 -10.00
CA GLN B 427 19.33 31.74 -10.95
C GLN B 427 18.77 31.93 -12.36
N ARG B 428 17.46 32.12 -12.48
CA ARG B 428 16.86 32.29 -13.80
C ARG B 428 17.42 33.51 -14.54
N GLU B 429 17.79 34.54 -13.79
CA GLU B 429 18.35 35.75 -14.40
C GLU B 429 19.77 35.48 -14.89
N ARG B 430 20.54 34.72 -14.11
CA ARG B 430 21.92 34.42 -14.47
C ARG B 430 22.05 33.39 -15.58
N LEU B 431 21.08 32.49 -15.69
CA LEU B 431 21.12 31.43 -16.68
C LEU B 431 20.44 31.77 -18.00
N ASN B 432 19.39 32.59 -17.96
CA ASN B 432 18.68 32.97 -19.18
C ASN B 432 18.32 31.75 -20.03
N LEU B 433 17.65 30.78 -19.41
CA LEU B 433 17.25 29.58 -20.13
C LEU B 433 15.88 29.74 -20.75
N PRO B 434 15.64 29.06 -21.88
CA PRO B 434 14.34 29.16 -22.53
C PRO B 434 13.32 28.31 -21.80
N LEU B 435 12.05 28.47 -22.18
CA LEU B 435 10.99 27.69 -21.60
C LEU B 435 11.35 26.26 -21.97
N PHE B 436 10.98 25.30 -21.13
CA PHE B 436 11.29 23.89 -21.37
C PHE B 436 12.73 23.69 -21.81
N PRO B 437 13.69 24.05 -20.94
CA PRO B 437 15.10 23.87 -21.32
C PRO B 437 15.40 22.37 -21.39
N THR B 438 16.39 21.99 -22.19
CA THR B 438 16.76 20.59 -22.35
C THR B 438 18.15 20.36 -21.79
N THR B 439 18.42 19.12 -21.37
CA THR B 439 19.72 18.76 -20.83
C THR B 439 19.80 17.24 -20.70
N THR B 440 20.94 16.76 -20.27
CA THR B 440 21.13 15.32 -20.05
C THR B 440 21.50 15.20 -18.57
N ILE B 441 21.27 14.04 -17.98
CA ILE B 441 21.53 13.86 -16.56
C ILE B 441 22.54 12.82 -16.14
N GLY B 442 23.56 12.61 -16.97
CA GLY B 442 24.57 11.62 -16.63
C GLY B 442 25.64 11.45 -17.67
N SER B 443 26.37 10.35 -17.55
CA SER B 443 27.46 10.02 -18.46
C SER B 443 26.99 9.69 -19.88
N PHE B 444 27.89 9.89 -20.82
CA PHE B 444 27.61 9.61 -22.23
C PHE B 444 28.19 8.23 -22.53
N PRO B 445 27.83 7.65 -23.68
CA PRO B 445 28.37 6.32 -24.03
C PRO B 445 29.90 6.35 -24.08
N GLN B 446 30.51 5.21 -23.81
CA GLN B 446 31.95 5.10 -23.86
C GLN B 446 32.33 4.07 -24.91
N THR B 447 32.91 4.53 -26.01
CA THR B 447 33.32 3.65 -27.10
C THR B 447 34.48 2.77 -26.65
N PRO B 448 34.76 1.70 -27.39
CA PRO B 448 35.86 0.81 -27.01
C PRO B 448 37.18 1.58 -26.87
N GLU B 449 37.33 2.63 -27.67
CA GLU B 449 38.53 3.46 -27.62
C GLU B 449 38.66 4.11 -26.24
N VAL B 450 37.56 4.66 -25.75
CA VAL B 450 37.54 5.30 -24.44
C VAL B 450 37.90 4.30 -23.35
N ARG B 451 37.26 3.13 -23.40
CA ARG B 451 37.51 2.08 -22.41
C ARG B 451 38.94 1.55 -22.50
N LYS B 452 39.50 1.58 -23.70
CA LYS B 452 40.87 1.11 -23.90
C LYS B 452 41.88 2.07 -23.28
N MET B 453 41.64 3.37 -23.46
CA MET B 453 42.54 4.38 -22.90
C MET B 453 42.56 4.34 -21.38
N ARG B 454 41.41 4.08 -20.78
CA ARG B 454 41.33 3.99 -19.33
C ARG B 454 42.19 2.84 -18.86
N SER B 455 42.10 1.71 -19.56
CA SER B 455 42.89 0.53 -19.22
C SER B 455 44.37 0.79 -19.36
N LYS B 456 44.79 1.15 -20.57
CA LYS B 456 46.21 1.42 -20.82
C LYS B 456 46.78 2.36 -19.76
N TYR B 457 45.99 3.34 -19.33
CA TYR B 457 46.43 4.30 -18.31
C TYR B 457 46.52 3.71 -16.90
N ARG B 458 45.44 3.04 -16.48
CA ARG B 458 45.41 2.42 -15.16
C ARG B 458 46.52 1.39 -15.04
N LYS B 459 46.87 0.79 -16.17
CA LYS B 459 47.92 -0.23 -16.21
C LYS B 459 49.30 0.42 -16.27
N GLY B 460 49.34 1.72 -16.59
CA GLY B 460 50.59 2.43 -16.65
C GLY B 460 51.20 2.44 -18.04
N GLU B 461 50.46 1.94 -19.02
CA GLU B 461 50.94 1.89 -20.39
C GLU B 461 50.97 3.29 -21.00
N ILE B 462 50.09 4.17 -20.50
CA ILE B 462 50.03 5.54 -20.99
C ILE B 462 50.35 6.53 -19.88
N SER B 463 50.77 7.73 -20.28
CA SER B 463 51.11 8.78 -19.33
C SER B 463 49.86 9.51 -18.84
N LYS B 464 49.96 10.09 -17.65
CA LYS B 464 48.83 10.84 -17.08
C LYS B 464 48.47 11.93 -18.07
N GLU B 465 49.48 12.70 -18.48
CA GLU B 465 49.27 13.78 -19.42
C GLU B 465 48.67 13.26 -20.71
N GLU B 466 49.08 12.05 -21.11
CA GLU B 466 48.58 11.44 -22.33
C GLU B 466 47.09 11.10 -22.20
N TYR B 467 46.72 10.49 -21.08
CA TYR B 467 45.33 10.12 -20.84
C TYR B 467 44.46 11.37 -20.69
N GLU B 468 44.93 12.31 -19.87
CA GLU B 468 44.18 13.55 -19.66
C GLU B 468 44.01 14.30 -20.97
N ALA B 469 44.98 14.16 -21.86
CA ALA B 469 44.92 14.81 -23.16
C ALA B 469 43.80 14.16 -23.97
N PHE B 470 43.66 12.85 -23.81
CA PHE B 470 42.63 12.09 -24.51
C PHE B 470 41.25 12.47 -23.99
N ILE B 471 41.15 12.62 -22.67
CA ILE B 471 39.89 12.98 -22.03
C ILE B 471 39.39 14.33 -22.56
N LYS B 472 40.26 15.33 -22.57
CA LYS B 472 39.87 16.65 -23.06
C LYS B 472 39.43 16.59 -24.51
N GLU B 473 40.02 15.67 -25.28
CA GLU B 473 39.66 15.51 -26.67
C GLU B 473 38.25 14.94 -26.74
N GLN B 474 37.96 13.97 -25.86
CA GLN B 474 36.64 13.36 -25.81
C GLN B 474 35.62 14.38 -25.31
N ILE B 475 36.01 15.19 -24.33
CA ILE B 475 35.13 16.21 -23.79
C ILE B 475 34.83 17.24 -24.87
N LYS B 476 35.88 17.66 -25.58
CA LYS B 476 35.73 18.64 -26.65
C LYS B 476 34.67 18.22 -27.66
N LYS B 477 34.76 16.97 -28.12
CA LYS B 477 33.81 16.44 -29.10
C LYS B 477 32.41 16.35 -28.51
N ALA B 478 32.35 16.05 -27.21
CA ALA B 478 31.08 15.94 -26.51
C ALA B 478 30.39 17.31 -26.49
N ILE B 479 31.15 18.33 -26.08
CA ILE B 479 30.62 19.68 -26.02
C ILE B 479 30.08 20.12 -27.38
N GLU B 480 30.86 19.85 -28.44
CA GLU B 480 30.43 20.23 -29.78
C GLU B 480 29.18 19.48 -30.24
N LEU B 481 29.13 18.19 -29.95
CA LEU B 481 27.97 17.39 -30.34
C LEU B 481 26.69 17.94 -29.72
N GLN B 482 26.79 18.34 -28.47
CA GLN B 482 25.63 18.86 -27.75
C GLN B 482 25.15 20.17 -28.34
N GLU B 483 26.09 21.06 -28.66
CA GLU B 483 25.72 22.34 -29.24
C GLU B 483 25.02 22.15 -30.58
N GLU B 484 25.51 21.19 -31.37
CA GLU B 484 24.92 20.92 -32.67
C GLU B 484 23.49 20.41 -32.56
N ILE B 485 23.24 19.53 -31.61
CA ILE B 485 21.89 18.99 -31.42
C ILE B 485 21.01 20.08 -30.83
N GLY B 486 21.62 21.01 -30.11
CA GLY B 486 20.86 22.11 -29.53
C GLY B 486 20.40 21.92 -28.09
N LEU B 487 21.27 21.39 -27.23
CA LEU B 487 20.91 21.19 -25.82
C LEU B 487 21.18 22.50 -25.07
N ASP B 488 20.31 22.83 -24.12
CA ASP B 488 20.45 24.07 -23.36
C ASP B 488 21.53 24.01 -22.28
N VAL B 489 21.54 22.92 -21.50
CA VAL B 489 22.55 22.76 -20.46
C VAL B 489 23.36 21.52 -20.79
N LEU B 490 24.68 21.66 -20.76
CA LEU B 490 25.56 20.56 -21.13
C LEU B 490 26.31 19.89 -20.00
N VAL B 491 26.81 18.70 -20.30
CA VAL B 491 27.59 17.89 -19.36
C VAL B 491 28.92 17.58 -20.05
N HIS B 492 29.96 17.30 -19.29
CA HIS B 492 31.25 17.00 -19.90
C HIS B 492 31.38 15.56 -20.40
N GLY B 493 30.40 14.71 -20.08
CA GLY B 493 30.44 13.33 -20.55
C GLY B 493 30.88 12.28 -19.57
N GLU B 494 31.76 12.64 -18.63
CA GLU B 494 32.26 11.70 -17.62
C GLU B 494 33.00 10.51 -18.23
N PHE B 495 33.75 10.76 -19.29
CA PHE B 495 34.51 9.71 -19.95
C PHE B 495 35.67 9.27 -19.06
N GLU B 496 36.02 10.12 -18.10
CA GLU B 496 37.12 9.82 -17.20
C GLU B 496 36.67 8.97 -16.02
N ARG B 497 35.38 8.64 -15.96
CA ARG B 497 34.85 7.86 -14.85
C ARG B 497 34.23 6.53 -15.28
N THR B 498 34.36 5.53 -14.42
CA THR B 498 33.77 4.22 -14.67
C THR B 498 32.76 4.01 -13.55
N ASP B 499 33.27 3.77 -12.34
CA ASP B 499 32.43 3.57 -11.17
C ASP B 499 32.38 4.91 -10.44
N MET B 500 31.21 5.57 -10.44
CA MET B 500 31.07 6.86 -9.79
C MET B 500 31.70 6.92 -8.40
N VAL B 501 31.19 6.09 -7.49
CA VAL B 501 31.70 6.06 -6.13
C VAL B 501 33.21 5.80 -6.04
N GLU B 502 33.73 4.92 -6.89
CA GLU B 502 35.15 4.64 -6.83
C GLU B 502 35.95 5.86 -7.27
N PHE B 503 35.43 6.58 -8.26
CA PHE B 503 36.09 7.78 -8.78
C PHE B 503 36.37 8.75 -7.63
N PHE B 504 35.37 8.98 -6.80
CA PHE B 504 35.53 9.90 -5.68
C PHE B 504 36.29 9.29 -4.51
N ALA B 505 36.05 8.01 -4.21
CA ALA B 505 36.74 7.34 -3.11
C ALA B 505 38.25 7.46 -3.25
N GLU B 506 38.74 7.30 -4.48
CA GLU B 506 40.17 7.38 -4.75
C GLU B 506 40.76 8.78 -4.58
N LYS B 507 39.90 9.77 -4.42
CA LYS B 507 40.35 11.15 -4.24
C LYS B 507 40.01 11.67 -2.85
N LEU B 508 39.61 10.77 -1.96
CA LEU B 508 39.25 11.16 -0.59
C LEU B 508 40.12 10.48 0.46
N ASN B 509 40.61 11.28 1.41
CA ASN B 509 41.42 10.74 2.49
C ASN B 509 40.49 10.05 3.48
N GLY B 510 40.99 8.98 4.11
CA GLY B 510 40.17 8.24 5.06
C GLY B 510 39.46 7.10 4.36
N ILE B 511 39.66 7.00 3.05
CA ILE B 511 39.03 5.93 2.30
C ILE B 511 40.09 5.17 1.50
N ALA B 512 40.01 3.84 1.50
CA ALA B 512 40.96 3.02 0.77
C ALA B 512 40.25 2.15 -0.25
N THR B 513 40.97 1.72 -1.28
CA THR B 513 40.39 0.85 -2.29
C THR B 513 41.26 -0.39 -2.35
N THR B 514 40.62 -1.53 -2.53
CA THR B 514 41.34 -2.80 -2.60
C THR B 514 41.76 -3.11 -4.02
N GLN B 515 42.52 -4.17 -4.18
CA GLN B 515 42.98 -4.63 -5.48
C GLN B 515 42.05 -5.72 -5.99
N ASN B 516 41.67 -6.64 -5.09
CA ASN B 516 40.82 -7.76 -5.48
C ASN B 516 39.51 -7.92 -4.69
N GLY B 517 39.13 -6.92 -3.92
CA GLY B 517 37.93 -7.01 -3.11
C GLY B 517 36.62 -6.95 -3.87
N TRP B 518 36.43 -7.89 -4.81
CA TRP B 518 35.22 -7.92 -5.62
C TRP B 518 34.00 -8.50 -4.93
N VAL B 519 32.85 -7.89 -5.18
CA VAL B 519 31.60 -8.31 -4.60
C VAL B 519 30.52 -8.41 -5.66
N LEU B 520 29.76 -9.50 -5.64
CA LEU B 520 28.71 -9.72 -6.62
C LEU B 520 27.58 -8.69 -6.49
N SER B 521 27.21 -8.07 -7.60
CA SER B 521 26.10 -7.12 -7.59
C SER B 521 24.90 -7.87 -8.17
N TYR B 522 25.12 -8.53 -9.31
CA TYR B 522 24.08 -9.34 -9.97
C TYR B 522 24.69 -10.01 -11.19
N GLY B 523 24.09 -11.11 -11.64
CA GLY B 523 24.61 -11.81 -12.81
C GLY B 523 26.10 -12.05 -12.75
N SER B 524 26.84 -11.44 -13.69
CA SER B 524 28.29 -11.58 -13.73
C SER B 524 28.93 -10.24 -13.36
N ARG B 525 28.10 -9.27 -12.98
CA ARG B 525 28.61 -7.94 -12.62
C ARG B 525 29.02 -7.84 -11.15
N CYS B 526 30.29 -7.48 -10.94
CA CYS B 526 30.84 -7.33 -9.59
C CYS B 526 31.37 -5.92 -9.40
N TYR B 527 31.38 -5.44 -8.15
CA TYR B 527 31.92 -4.13 -7.85
C TYR B 527 32.93 -4.29 -6.73
N ARG B 528 33.87 -3.35 -6.66
CA ARG B 528 34.90 -3.37 -5.64
C ARG B 528 34.59 -2.22 -4.67
N PRO B 529 33.89 -2.53 -3.56
CA PRO B 529 33.52 -1.54 -2.53
C PRO B 529 34.71 -0.87 -1.85
N PRO B 530 34.70 0.48 -1.80
CA PRO B 530 35.81 1.18 -1.14
C PRO B 530 35.66 0.90 0.35
N ILE B 531 36.66 1.27 1.14
CA ILE B 531 36.59 1.06 2.58
C ILE B 531 36.88 2.37 3.29
N ILE B 532 35.85 2.93 3.93
CA ILE B 532 36.01 4.19 4.67
C ILE B 532 36.54 3.77 6.05
N TYR B 533 37.85 3.88 6.22
CA TYR B 533 38.48 3.46 7.47
C TYR B 533 38.83 4.57 8.46
N GLY B 534 38.75 5.82 8.01
CA GLY B 534 39.08 6.92 8.91
C GLY B 534 38.31 8.19 8.58
N THR B 535 38.70 9.30 9.20
CA THR B 535 38.03 10.56 8.96
C THR B 535 38.15 10.94 7.49
N VAL B 536 37.02 11.20 6.86
CA VAL B 536 37.03 11.55 5.44
C VAL B 536 37.25 13.05 5.24
N THR B 537 38.20 13.38 4.37
CA THR B 537 38.50 14.76 4.03
C THR B 537 38.91 14.78 2.56
N ARG B 538 38.76 15.94 1.92
CA ARG B 538 39.12 16.09 0.52
C ARG B 538 40.35 16.99 0.42
N PRO B 539 41.54 16.40 0.22
CA PRO B 539 42.82 17.12 0.11
C PRO B 539 43.00 18.03 -1.10
N GLU B 540 42.24 17.81 -2.16
CA GLU B 540 42.37 18.65 -3.35
C GLU B 540 41.15 18.52 -4.26
N PRO B 541 40.94 19.51 -5.14
CA PRO B 541 39.78 19.46 -6.06
C PRO B 541 39.73 18.11 -6.78
N MET B 542 38.51 17.61 -6.96
CA MET B 542 38.33 16.30 -7.58
C MET B 542 37.86 16.31 -9.04
N THR B 543 37.12 17.34 -9.42
CA THR B 543 36.57 17.39 -10.77
C THR B 543 36.81 18.70 -11.50
N LEU B 544 37.44 19.66 -10.82
CA LEU B 544 37.69 20.97 -11.43
C LEU B 544 38.31 20.89 -12.83
N LYS B 545 39.44 20.18 -12.95
CA LYS B 545 40.13 20.05 -14.23
C LYS B 545 39.18 19.84 -15.41
N GLU B 546 38.44 18.74 -15.39
CA GLU B 546 37.52 18.45 -16.49
C GLU B 546 36.30 19.38 -16.58
N ILE B 547 35.77 19.79 -15.43
CA ILE B 547 34.61 20.68 -15.44
C ILE B 547 35.00 22.05 -15.98
N THR B 548 36.09 22.60 -15.47
CA THR B 548 36.60 23.90 -15.90
C THR B 548 36.90 23.89 -17.40
N TYR B 549 37.65 22.88 -17.84
CA TYR B 549 38.01 22.76 -19.25
C TYR B 549 36.78 22.74 -20.15
N ALA B 550 35.80 21.90 -19.83
CA ALA B 550 34.58 21.79 -20.62
C ALA B 550 33.85 23.12 -20.72
N GLN B 551 33.80 23.85 -19.61
CA GLN B 551 33.13 25.14 -19.59
C GLN B 551 33.90 26.15 -20.44
N SER B 552 35.23 26.04 -20.42
CA SER B 552 36.07 26.95 -21.18
C SER B 552 35.86 26.79 -22.69
N LEU B 553 35.12 25.76 -23.07
CA LEU B 553 34.84 25.49 -24.48
C LEU B 553 33.50 26.01 -24.98
N THR B 554 32.67 26.51 -24.07
CA THR B 554 31.35 26.99 -24.48
C THR B 554 30.84 28.10 -23.57
N GLU B 555 29.81 28.81 -24.02
CA GLU B 555 29.23 29.88 -23.22
C GLU B 555 27.99 29.31 -22.54
N LYS B 556 27.49 28.20 -23.07
CA LYS B 556 26.32 27.54 -22.48
C LYS B 556 26.75 26.99 -21.12
N PRO B 557 25.79 26.88 -20.18
CA PRO B 557 26.17 26.37 -18.87
C PRO B 557 26.52 24.88 -18.88
N VAL B 558 27.63 24.55 -18.25
CA VAL B 558 28.09 23.18 -18.13
C VAL B 558 27.92 22.83 -16.65
N LYS B 559 27.13 21.81 -16.37
CA LYS B 559 26.88 21.45 -14.99
C LYS B 559 27.96 20.59 -14.34
N GLY B 560 28.21 20.85 -13.07
CA GLY B 560 29.19 20.06 -12.34
C GLY B 560 28.48 18.73 -12.09
N MET B 561 29.24 17.65 -11.92
CA MET B 561 28.65 16.32 -11.70
C MET B 561 29.29 15.65 -10.51
N LEU B 562 28.53 15.53 -9.43
CA LEU B 562 29.03 14.91 -8.20
C LEU B 562 28.11 13.80 -7.69
N THR B 563 28.62 12.99 -6.77
CA THR B 563 27.85 11.92 -6.18
C THR B 563 27.64 12.28 -4.71
N GLY B 564 26.40 12.14 -4.25
CA GLY B 564 26.05 12.47 -2.88
C GLY B 564 26.77 11.68 -1.81
N PRO B 565 26.75 12.18 -0.56
CA PRO B 565 27.41 11.52 0.57
C PRO B 565 26.82 10.18 1.01
N VAL B 566 25.49 10.05 0.99
CA VAL B 566 24.86 8.80 1.38
C VAL B 566 25.17 7.69 0.37
N THR B 567 25.26 8.07 -0.90
CA THR B 567 25.55 7.10 -1.95
C THR B 567 26.98 6.59 -1.84
N ILE B 568 27.92 7.48 -1.52
CA ILE B 568 29.31 7.06 -1.35
C ILE B 568 29.37 6.06 -0.19
N MET B 569 28.62 6.34 0.87
CA MET B 569 28.58 5.44 2.03
C MET B 569 27.94 4.11 1.67
N SER B 570 26.79 4.19 1.02
CA SER B 570 26.02 3.02 0.62
C SER B 570 26.79 1.98 -0.20
N TRP B 571 27.74 2.44 -1.00
CA TRP B 571 28.52 1.54 -1.83
C TRP B 571 29.89 1.21 -1.26
N SER B 572 30.13 1.61 -0.02
CA SER B 572 31.42 1.37 0.60
C SER B 572 31.22 0.74 1.97
N TYR B 573 32.27 0.10 2.47
CA TYR B 573 32.21 -0.45 3.80
C TYR B 573 32.62 0.75 4.64
N TYR B 574 32.24 0.78 5.90
CA TYR B 574 32.62 1.91 6.76
C TYR B 574 32.68 1.46 8.21
N ARG B 575 33.42 2.21 9.01
CA ARG B 575 33.58 1.89 10.41
C ARG B 575 32.28 1.90 11.18
N GLU B 576 32.18 1.00 12.15
CA GLU B 576 30.98 0.89 12.96
C GLU B 576 31.21 1.46 14.34
N ASP B 577 32.42 1.96 14.58
CA ASP B 577 32.74 2.53 15.88
C ASP B 577 32.23 3.97 16.05
N ILE B 578 31.65 4.53 14.98
CA ILE B 578 31.09 5.88 15.06
C ILE B 578 29.75 5.95 14.33
N PRO B 579 28.85 6.82 14.82
CA PRO B 579 27.53 6.95 14.18
C PRO B 579 27.64 7.16 12.68
N GLU B 580 26.83 6.46 11.92
CA GLU B 580 26.89 6.60 10.48
C GLU B 580 26.56 8.02 10.01
N ARG B 581 25.75 8.77 10.75
CA ARG B 581 25.44 10.12 10.30
C ARG B 581 26.71 10.98 10.37
N GLU B 582 27.60 10.65 11.30
CA GLU B 582 28.83 11.40 11.43
C GLU B 582 29.70 11.16 10.20
N ILE B 583 29.74 9.91 9.77
CA ILE B 583 30.51 9.57 8.58
C ILE B 583 29.90 10.27 7.38
N ALA B 584 28.58 10.25 7.30
CA ALA B 584 27.87 10.89 6.20
C ALA B 584 28.17 12.39 6.16
N TYR B 585 28.22 13.03 7.32
CA TYR B 585 28.49 14.48 7.36
C TYR B 585 29.93 14.78 6.94
N GLN B 586 30.87 13.93 7.35
CA GLN B 586 32.27 14.14 7.00
C GLN B 586 32.37 14.13 5.47
N ILE B 587 31.73 13.15 4.85
CA ILE B 587 31.74 13.03 3.40
C ILE B 587 31.02 14.23 2.77
N ALA B 588 29.88 14.60 3.34
CA ALA B 588 29.10 15.72 2.82
C ALA B 588 29.92 17.01 2.88
N LEU B 589 30.69 17.17 3.95
CA LEU B 589 31.52 18.34 4.13
C LEU B 589 32.55 18.37 2.99
N ALA B 590 33.17 17.21 2.75
CA ALA B 590 34.15 17.09 1.69
C ALA B 590 33.54 17.44 0.34
N ILE B 591 32.33 16.96 0.08
CA ILE B 591 31.65 17.24 -1.19
C ILE B 591 31.30 18.72 -1.29
N ASN B 592 30.98 19.34 -0.15
CA ASN B 592 30.64 20.76 -0.18
C ASN B 592 31.86 21.60 -0.55
N GLU B 593 33.04 21.18 -0.11
CA GLU B 593 34.25 21.92 -0.44
C GLU B 593 34.42 21.92 -1.95
N GLU B 594 34.05 20.80 -2.57
CA GLU B 594 34.15 20.67 -4.02
C GLU B 594 33.13 21.60 -4.68
N VAL B 595 31.94 21.68 -4.10
CA VAL B 595 30.90 22.55 -4.63
C VAL B 595 31.36 24.01 -4.63
N LYS B 596 32.04 24.43 -3.56
CA LYS B 596 32.54 25.80 -3.46
C LYS B 596 33.66 26.07 -4.46
N ASP B 597 34.51 25.08 -4.72
CA ASP B 597 35.58 25.26 -5.68
C ASP B 597 34.98 25.42 -7.08
N LEU B 598 33.91 24.68 -7.34
CA LEU B 598 33.23 24.76 -8.63
C LEU B 598 32.59 26.14 -8.79
N GLU B 599 32.00 26.65 -7.71
CA GLU B 599 31.35 27.96 -7.75
C GLU B 599 32.39 29.03 -8.07
N GLU B 600 33.49 29.00 -7.34
CA GLU B 600 34.59 29.95 -7.53
C GLU B 600 35.14 29.89 -8.95
N ALA B 601 35.17 28.68 -9.50
CA ALA B 601 35.67 28.48 -10.85
C ALA B 601 34.67 29.02 -11.87
N GLY B 602 33.49 29.40 -11.40
CA GLY B 602 32.48 29.93 -12.30
C GLY B 602 31.38 28.98 -12.75
N ILE B 603 31.31 27.78 -12.19
CA ILE B 603 30.26 26.85 -12.58
C ILE B 603 28.93 27.28 -11.95
N LYS B 604 27.92 27.45 -12.81
CA LYS B 604 26.60 27.93 -12.40
C LYS B 604 25.57 26.86 -12.04
N ILE B 605 25.85 25.61 -12.39
CA ILE B 605 24.93 24.52 -12.12
C ILE B 605 25.72 23.30 -11.65
N VAL B 606 25.27 22.69 -10.56
CA VAL B 606 25.93 21.50 -10.03
C VAL B 606 24.90 20.43 -9.74
N GLN B 607 25.10 19.26 -10.34
CA GLN B 607 24.20 18.14 -10.15
C GLN B 607 24.78 17.20 -9.10
N ILE B 608 23.93 16.78 -8.17
CA ILE B 608 24.37 15.86 -7.13
C ILE B 608 23.51 14.61 -7.19
N ASP B 609 24.13 13.48 -7.57
CA ASP B 609 23.40 12.21 -7.66
C ASP B 609 23.38 11.51 -6.32
N GLU B 610 22.19 11.27 -5.80
CA GLU B 610 22.05 10.61 -4.51
C GLU B 610 21.04 9.46 -4.62
N PRO B 611 21.35 8.45 -5.44
CA PRO B 611 20.44 7.31 -5.61
C PRO B 611 20.21 6.57 -4.30
N ALA B 612 21.18 6.66 -3.39
CA ALA B 612 21.08 5.99 -2.09
C ALA B 612 20.07 6.63 -1.14
N PHE B 613 19.60 7.84 -1.45
CA PHE B 613 18.64 8.53 -0.60
C PHE B 613 17.57 7.53 -0.15
N ARG B 614 16.97 6.84 -1.11
CA ARG B 614 15.96 5.86 -0.77
C ARG B 614 16.52 4.44 -0.67
N GLU B 615 17.53 4.15 -1.48
CA GLU B 615 18.11 2.81 -1.49
C GLU B 615 18.83 2.38 -0.22
N LYS B 616 19.32 3.32 0.57
CA LYS B 616 20.00 2.95 1.80
C LYS B 616 19.04 3.03 3.00
N ALA B 617 17.78 3.35 2.75
CA ALA B 617 16.81 3.42 3.84
C ALA B 617 16.62 2.03 4.46
N PRO B 618 16.34 1.98 5.77
CA PRO B 618 16.13 0.73 6.51
C PRO B 618 15.04 -0.14 5.88
N ILE B 619 15.15 -1.46 6.06
CA ILE B 619 14.14 -2.38 5.54
C ILE B 619 12.80 -2.06 6.18
N LYS B 620 12.82 -1.70 7.47
CA LYS B 620 11.60 -1.35 8.17
C LYS B 620 11.27 0.11 7.91
N LYS B 621 10.15 0.34 7.22
CA LYS B 621 9.76 1.71 6.95
C LYS B 621 9.50 2.41 8.28
N SER B 622 9.29 1.63 9.35
CA SER B 622 9.03 2.22 10.67
C SER B 622 10.27 2.90 11.24
N LYS B 623 11.44 2.56 10.71
CA LYS B 623 12.69 3.18 11.16
C LYS B 623 13.11 4.29 10.19
N TRP B 624 12.25 4.59 9.22
CA TRP B 624 12.57 5.63 8.24
C TRP B 624 12.71 7.04 8.81
N PRO B 625 11.86 7.44 9.78
CA PRO B 625 11.99 8.78 10.34
C PRO B 625 13.40 9.17 10.77
N GLU B 626 14.03 8.34 11.59
CA GLU B 626 15.38 8.62 12.07
C GLU B 626 16.40 8.60 10.93
N TYR B 627 16.23 7.68 9.99
CA TYR B 627 17.16 7.58 8.88
C TYR B 627 17.13 8.82 8.00
N PHE B 628 15.96 9.17 7.49
CA PHE B 628 15.83 10.33 6.61
C PHE B 628 16.28 11.62 7.28
N GLU B 629 16.19 11.67 8.60
CA GLU B 629 16.62 12.87 9.29
C GLU B 629 18.09 13.17 8.95
N TRP B 630 18.97 12.17 9.06
CA TRP B 630 20.36 12.43 8.73
C TRP B 630 20.66 12.35 7.23
N ALA B 631 19.91 11.54 6.50
CA ALA B 631 20.11 11.44 5.05
C ALA B 631 19.82 12.81 4.45
N ILE B 632 18.75 13.45 4.92
CA ILE B 632 18.36 14.78 4.46
C ILE B 632 19.46 15.79 4.80
N ASN B 633 19.87 15.79 6.07
CA ASN B 633 20.92 16.68 6.55
C ASN B 633 22.21 16.52 5.73
N ALA B 634 22.60 15.26 5.50
CA ALA B 634 23.82 14.97 4.75
C ALA B 634 23.75 15.57 3.34
N PHE B 635 22.63 15.35 2.65
CA PHE B 635 22.50 15.91 1.31
C PHE B 635 22.57 17.42 1.36
N ASN B 636 21.83 18.03 2.29
CA ASN B 636 21.82 19.48 2.38
C ASN B 636 23.17 20.08 2.75
N LEU B 637 23.95 19.38 3.57
CA LEU B 637 25.26 19.89 3.94
C LEU B 637 26.13 19.91 2.68
N ALA B 638 26.02 18.86 1.87
CA ALA B 638 26.78 18.77 0.64
C ALA B 638 26.33 19.81 -0.39
N ALA B 639 25.01 20.01 -0.50
CA ALA B 639 24.44 20.94 -1.47
C ALA B 639 24.25 22.36 -0.94
N ASN B 640 24.88 22.68 0.19
CA ASN B 640 24.78 24.02 0.77
C ASN B 640 25.55 24.99 -0.13
N ALA B 641 24.94 25.36 -1.24
CA ALA B 641 25.55 26.24 -2.22
C ALA B 641 24.97 27.66 -2.21
N ARG B 642 25.74 28.60 -2.76
CA ARG B 642 25.31 30.00 -2.84
C ARG B 642 24.01 30.10 -3.60
N PRO B 643 23.19 31.11 -3.28
CA PRO B 643 21.90 31.34 -3.94
C PRO B 643 21.94 31.30 -5.47
N GLU B 644 23.01 31.84 -6.05
CA GLU B 644 23.15 31.89 -7.51
C GLU B 644 23.54 30.56 -8.17
N THR B 645 23.87 29.55 -7.37
CA THR B 645 24.26 28.25 -7.91
C THR B 645 23.05 27.33 -7.95
N GLN B 646 22.68 26.88 -9.14
CA GLN B 646 21.52 26.00 -9.30
C GLN B 646 21.92 24.55 -8.97
N ILE B 647 21.21 23.97 -8.01
CA ILE B 647 21.50 22.61 -7.60
C ILE B 647 20.47 21.65 -8.18
N HIS B 648 20.96 20.63 -8.86
CA HIS B 648 20.10 19.61 -9.45
C HIS B 648 20.25 18.31 -8.66
N ALA B 649 19.13 17.74 -8.25
CA ALA B 649 19.13 16.48 -7.52
C ALA B 649 18.80 15.44 -8.59
N HIS B 650 19.48 14.31 -8.55
CA HIS B 650 19.23 13.28 -9.54
C HIS B 650 18.94 11.93 -8.91
N MET B 651 17.72 11.44 -9.10
CA MET B 651 17.30 10.16 -8.56
C MET B 651 16.45 9.40 -9.58
N CYS B 652 16.97 8.28 -10.05
CA CYS B 652 16.25 7.48 -11.01
C CYS B 652 15.40 6.43 -10.29
N TYR B 653 14.28 6.89 -9.73
CA TYR B 653 13.33 6.06 -8.99
C TYR B 653 12.05 5.93 -9.83
N SER B 654 11.37 4.79 -9.71
CA SER B 654 10.14 4.57 -10.46
C SER B 654 8.94 5.30 -9.85
N ASP B 655 8.98 5.52 -8.54
CA ASP B 655 7.89 6.20 -7.85
C ASP B 655 8.41 7.05 -6.68
N PHE B 656 7.69 8.12 -6.35
CA PHE B 656 8.09 9.01 -5.26
C PHE B 656 7.05 9.13 -4.15
N ASN B 657 5.92 8.46 -4.30
CA ASN B 657 4.86 8.54 -3.32
C ASN B 657 5.23 8.28 -1.85
N GLU B 658 6.10 7.31 -1.60
CA GLU B 658 6.46 7.02 -0.21
C GLU B 658 7.60 7.86 0.36
N ILE B 659 8.25 8.68 -0.46
CA ILE B 659 9.36 9.51 0.03
C ILE B 659 9.27 10.99 -0.36
N ILE B 660 8.18 11.38 -1.02
CA ILE B 660 7.99 12.75 -1.46
C ILE B 660 8.09 13.73 -0.27
N GLU B 661 7.61 13.33 0.89
CA GLU B 661 7.68 14.20 2.06
C GLU B 661 9.15 14.44 2.46
N TYR B 662 10.00 13.45 2.22
CA TYR B 662 11.43 13.59 2.56
C TYR B 662 12.15 14.33 1.44
N ILE B 663 11.79 14.02 0.20
CA ILE B 663 12.36 14.68 -0.97
C ILE B 663 12.16 16.19 -0.83
N HIS B 664 10.95 16.57 -0.39
CA HIS B 664 10.60 17.96 -0.21
C HIS B 664 11.54 18.75 0.70
N GLN B 665 12.24 18.06 1.61
CA GLN B 665 13.15 18.72 2.53
C GLN B 665 14.56 18.93 1.99
N LEU B 666 14.85 18.39 0.81
CA LEU B 666 16.15 18.53 0.18
C LEU B 666 16.22 19.90 -0.47
N GLU B 667 17.32 20.62 -0.24
CA GLU B 667 17.44 21.97 -0.79
C GLU B 667 17.96 22.09 -2.23
N PHE B 668 17.44 21.25 -3.13
CA PHE B 668 17.84 21.34 -4.53
C PHE B 668 16.96 22.43 -5.14
N ASP B 669 17.25 22.80 -6.38
CA ASP B 669 16.46 23.78 -7.08
C ASP B 669 15.67 23.07 -8.18
N VAL B 670 16.24 21.99 -8.72
CA VAL B 670 15.54 21.19 -9.71
C VAL B 670 15.84 19.71 -9.41
N ILE B 671 14.87 18.84 -9.64
CA ILE B 671 15.06 17.41 -9.41
C ILE B 671 14.62 16.66 -10.67
N SER B 672 15.49 15.80 -11.18
CA SER B 672 15.18 15.02 -12.37
C SER B 672 14.57 13.67 -12.00
N ILE B 673 13.53 13.29 -12.74
CA ILE B 673 12.83 12.03 -12.49
C ILE B 673 12.65 11.24 -13.78
N GLU B 674 12.39 9.94 -13.65
CA GLU B 674 12.18 9.06 -14.79
C GLU B 674 10.69 8.92 -15.05
N ALA B 675 10.19 9.67 -16.04
CA ALA B 675 8.77 9.64 -16.36
C ALA B 675 8.40 8.79 -17.58
N SER B 676 9.39 8.28 -18.28
CA SER B 676 9.17 7.47 -19.48
C SER B 676 8.24 6.27 -19.30
N ARG B 677 8.63 5.34 -18.42
CA ARG B 677 7.84 4.13 -18.20
C ARG B 677 6.37 4.39 -17.86
N SER B 678 6.11 5.37 -17.00
CA SER B 678 4.75 5.69 -16.61
C SER B 678 4.07 6.68 -17.55
N LYS B 679 4.76 7.05 -18.61
CA LYS B 679 4.20 8.02 -19.55
C LYS B 679 3.81 9.28 -18.78
N GLY B 680 4.62 9.63 -17.79
CA GLY B 680 4.35 10.83 -17.00
C GLY B 680 3.46 10.68 -15.77
N GLU B 681 2.83 9.52 -15.60
CA GLU B 681 1.95 9.34 -14.45
C GLU B 681 2.68 9.47 -13.11
N ILE B 682 3.99 9.24 -13.13
CA ILE B 682 4.80 9.34 -11.91
C ILE B 682 4.73 10.76 -11.35
N ILE B 683 4.27 11.71 -12.16
CA ILE B 683 4.17 13.10 -11.73
C ILE B 683 3.07 13.28 -10.68
N SER B 684 2.21 12.27 -10.53
CA SER B 684 1.11 12.34 -9.57
C SER B 684 1.56 12.71 -8.16
N ALA B 685 2.65 12.12 -7.71
CA ALA B 685 3.16 12.39 -6.35
C ALA B 685 3.44 13.89 -6.17
N PHE B 686 3.94 14.53 -7.22
CA PHE B 686 4.25 15.94 -7.18
C PHE B 686 2.99 16.80 -7.30
N GLU B 687 2.06 16.40 -8.16
CA GLU B 687 0.81 17.14 -8.36
C GLU B 687 0.01 17.22 -7.08
N ASN B 688 0.01 16.14 -6.30
CA ASN B 688 -0.76 16.09 -5.07
C ASN B 688 -0.01 16.59 -3.84
N PHE B 689 1.20 17.10 -4.03
CA PHE B 689 1.96 17.61 -2.90
C PHE B 689 1.70 19.11 -2.80
N LYS B 690 0.78 19.47 -1.93
CA LYS B 690 0.41 20.86 -1.74
C LYS B 690 1.62 21.74 -1.50
N GLY B 691 1.74 22.80 -2.28
CA GLY B 691 2.87 23.71 -2.11
C GLY B 691 4.12 23.38 -2.89
N TRP B 692 4.06 22.37 -3.75
CA TRP B 692 5.25 22.03 -4.55
C TRP B 692 5.50 23.17 -5.52
N ILE B 693 6.73 23.68 -5.54
CA ILE B 693 7.08 24.78 -6.43
C ILE B 693 8.42 24.65 -7.14
N LYS B 694 9.16 23.58 -6.86
CA LYS B 694 10.47 23.45 -7.50
C LYS B 694 10.41 22.84 -8.88
N GLN B 695 11.48 23.03 -9.63
CA GLN B 695 11.56 22.53 -11.01
C GLN B 695 11.77 21.02 -11.08
N ILE B 696 11.19 20.41 -12.11
CA ILE B 696 11.27 18.97 -12.33
C ILE B 696 11.87 18.63 -13.70
N GLY B 697 12.94 17.86 -13.71
CA GLY B 697 13.56 17.44 -14.95
C GLY B 697 12.86 16.17 -15.39
N VAL B 698 11.90 16.30 -16.31
CA VAL B 698 11.12 15.17 -16.78
C VAL B 698 11.81 14.26 -17.80
N GLY B 699 12.00 13.00 -17.41
CA GLY B 699 12.64 12.04 -18.30
C GLY B 699 11.58 11.57 -19.27
N VAL B 700 11.82 11.78 -20.56
CA VAL B 700 10.85 11.40 -21.59
C VAL B 700 11.33 10.27 -22.49
N TRP B 701 12.46 9.67 -22.15
CA TRP B 701 13.02 8.60 -22.95
C TRP B 701 13.62 7.48 -22.10
N ASP B 702 13.12 6.26 -22.33
CA ASP B 702 13.58 5.09 -21.60
C ASP B 702 15.03 4.78 -22.00
N ILE B 703 15.97 5.12 -21.13
CA ILE B 703 17.38 4.89 -21.40
C ILE B 703 17.78 3.42 -21.34
N HIS B 704 16.82 2.56 -21.04
CA HIS B 704 17.12 1.12 -20.96
C HIS B 704 16.70 0.37 -22.21
N SER B 705 16.25 1.11 -23.22
CA SER B 705 15.83 0.51 -24.47
C SER B 705 16.62 1.13 -25.63
N PRO B 706 16.97 0.31 -26.63
CA PRO B 706 17.73 0.78 -27.79
C PRO B 706 16.88 1.65 -28.72
N ALA B 707 15.57 1.42 -28.68
CA ALA B 707 14.63 2.14 -29.51
C ALA B 707 14.68 3.65 -29.31
N VAL B 708 14.47 4.39 -30.41
CA VAL B 708 14.47 5.84 -30.38
C VAL B 708 13.02 6.25 -30.15
N PRO B 709 12.76 7.11 -29.15
CA PRO B 709 11.38 7.52 -28.92
C PRO B 709 10.95 8.51 -29.99
N SER B 710 9.68 8.48 -30.38
CA SER B 710 9.20 9.42 -31.39
C SER B 710 8.89 10.73 -30.67
N ILE B 711 8.86 11.83 -31.41
CA ILE B 711 8.57 13.11 -30.80
C ILE B 711 7.18 13.06 -30.19
N ASN B 712 6.26 12.41 -30.90
CA ASN B 712 4.89 12.28 -30.41
C ASN B 712 4.83 11.53 -29.08
N GLU B 713 5.70 10.54 -28.93
CA GLU B 713 5.72 9.75 -27.71
C GLU B 713 6.21 10.60 -26.55
N MET B 714 7.31 11.32 -26.76
CA MET B 714 7.87 12.17 -25.72
C MET B 714 6.87 13.29 -25.40
N ARG B 715 6.11 13.71 -26.40
CA ARG B 715 5.12 14.76 -26.23
C ARG B 715 4.01 14.35 -25.25
N GLU B 716 3.55 13.11 -25.34
CA GLU B 716 2.50 12.64 -24.46
C GLU B 716 2.95 12.74 -23.00
N ILE B 717 4.23 12.48 -22.76
CA ILE B 717 4.78 12.53 -21.41
C ILE B 717 4.79 13.96 -20.88
N VAL B 718 5.31 14.89 -21.67
CA VAL B 718 5.37 16.28 -21.25
C VAL B 718 3.97 16.86 -21.03
N GLU B 719 3.04 16.49 -21.91
CA GLU B 719 1.69 16.99 -21.78
C GLU B 719 1.04 16.47 -20.50
N ARG B 720 1.37 15.24 -20.14
CA ARG B 720 0.80 14.66 -18.91
C ARG B 720 1.31 15.45 -17.70
N VAL B 721 2.61 15.69 -17.65
CA VAL B 721 3.19 16.42 -16.52
C VAL B 721 2.72 17.88 -16.47
N LEU B 722 2.17 18.37 -17.58
CA LEU B 722 1.68 19.75 -17.66
C LEU B 722 0.21 19.94 -17.33
N ARG B 723 -0.51 18.87 -17.02
CA ARG B 723 -1.93 19.04 -16.73
C ARG B 723 -2.20 19.80 -15.42
N VAL B 724 -1.20 19.89 -14.55
CA VAL B 724 -1.38 20.60 -13.29
C VAL B 724 -0.25 21.56 -12.96
N LEU B 725 0.98 21.04 -12.95
CA LEU B 725 2.15 21.86 -12.64
C LEU B 725 2.45 22.92 -13.70
N PRO B 726 2.78 24.15 -13.25
CA PRO B 726 3.10 25.28 -14.13
C PRO B 726 4.18 24.92 -15.15
N LYS B 727 4.02 25.40 -16.37
CA LYS B 727 4.97 25.10 -17.43
C LYS B 727 6.42 25.50 -17.13
N GLU B 728 6.61 26.57 -16.36
CA GLU B 728 7.98 27.02 -16.05
C GLU B 728 8.80 26.09 -15.14
N LEU B 729 8.16 25.10 -14.55
CA LEU B 729 8.89 24.17 -13.68
C LEU B 729 9.50 23.02 -14.48
N ILE B 730 9.02 22.83 -15.70
CA ILE B 730 9.46 21.72 -16.56
C ILE B 730 10.73 21.80 -17.38
N TRP B 731 11.56 20.77 -17.24
CA TRP B 731 12.81 20.62 -17.99
C TRP B 731 12.66 19.33 -18.79
N ILE B 732 13.31 19.23 -19.94
CA ILE B 732 13.22 18.00 -20.76
C ILE B 732 14.59 17.30 -20.80
N ASN B 733 14.59 16.02 -20.45
CA ASN B 733 15.82 15.24 -20.43
C ASN B 733 15.54 13.74 -20.51
N PRO B 734 16.60 12.93 -20.67
CA PRO B 734 16.40 11.48 -20.74
C PRO B 734 16.10 10.95 -19.35
N ASP B 735 15.69 9.68 -19.25
CA ASP B 735 15.37 9.08 -17.97
C ASP B 735 16.54 9.06 -16.99
N CYS B 736 17.69 8.57 -17.45
CA CYS B 736 18.85 8.49 -16.58
C CYS B 736 20.16 8.55 -17.39
N GLY B 737 21.22 7.97 -16.85
CA GLY B 737 22.51 7.97 -17.54
C GLY B 737 22.42 7.36 -18.93
N LEU B 738 23.41 7.66 -19.78
CA LEU B 738 23.41 7.17 -21.15
C LEU B 738 24.53 6.18 -21.51
N LYS B 739 25.37 5.85 -20.53
CA LYS B 739 26.48 4.94 -20.77
C LYS B 739 26.10 3.53 -21.27
N THR B 740 24.88 3.09 -21.04
CA THR B 740 24.49 1.75 -21.47
C THR B 740 23.96 1.69 -22.90
N ARG B 741 23.76 2.85 -23.53
CA ARG B 741 23.26 2.88 -24.89
C ARG B 741 24.38 3.21 -25.89
N ASN B 742 24.06 3.12 -27.18
CA ASN B 742 25.03 3.41 -28.22
C ASN B 742 24.86 4.83 -28.76
N TRP B 743 25.93 5.38 -29.33
CA TRP B 743 25.89 6.73 -29.88
C TRP B 743 24.85 6.95 -30.97
N ASP B 744 24.63 5.94 -31.81
CA ASP B 744 23.65 6.10 -32.89
C ASP B 744 22.22 5.91 -32.38
N GLU B 745 22.09 5.67 -31.09
CA GLU B 745 20.78 5.51 -30.48
C GLU B 745 20.52 6.80 -29.71
N VAL B 746 21.59 7.34 -29.15
CA VAL B 746 21.55 8.57 -28.38
C VAL B 746 21.37 9.81 -29.25
N ILE B 747 22.13 9.89 -30.34
CA ILE B 747 22.05 11.03 -31.25
C ILE B 747 20.61 11.34 -31.67
N PRO B 748 19.96 10.40 -32.38
CA PRO B 748 18.58 10.65 -32.82
C PRO B 748 17.62 10.94 -31.67
N SER B 749 17.80 10.25 -30.55
CA SER B 749 16.94 10.44 -29.40
C SER B 749 17.02 11.86 -28.84
N LEU B 750 18.24 12.38 -28.71
CA LEU B 750 18.45 13.73 -28.21
C LEU B 750 17.85 14.73 -29.20
N ARG B 751 18.10 14.50 -30.49
CA ARG B 751 17.58 15.37 -31.55
C ARG B 751 16.08 15.52 -31.37
N ASN B 752 15.39 14.39 -31.31
CA ASN B 752 13.93 14.38 -31.13
C ASN B 752 13.55 15.11 -29.85
N MET B 753 14.38 14.94 -28.83
CA MET B 753 14.10 15.58 -27.55
C MET B 753 14.22 17.09 -27.70
N VAL B 754 15.30 17.56 -28.32
CA VAL B 754 15.49 18.98 -28.53
C VAL B 754 14.39 19.53 -29.43
N ALA B 755 14.07 18.80 -30.49
CA ALA B 755 13.03 19.21 -31.43
C ALA B 755 11.70 19.36 -30.71
N LEU B 756 11.32 18.34 -29.95
CA LEU B 756 10.06 18.36 -29.20
C LEU B 756 10.00 19.56 -28.28
N ALA B 757 11.11 19.89 -27.64
CA ALA B 757 11.16 21.04 -26.73
C ALA B 757 10.83 22.30 -27.52
N LYS B 758 11.47 22.47 -28.66
CA LYS B 758 11.24 23.63 -29.52
C LYS B 758 9.76 23.76 -29.86
N GLU B 759 9.13 22.65 -30.23
CA GLU B 759 7.72 22.66 -30.58
C GLU B 759 6.86 23.05 -29.38
N MET B 760 7.24 22.54 -28.21
CA MET B 760 6.51 22.82 -26.98
C MET B 760 6.45 24.31 -26.66
N ARG B 761 7.60 24.97 -26.58
CA ARG B 761 7.60 26.39 -26.26
C ARG B 761 6.95 27.23 -27.35
N GLU B 762 7.03 26.77 -28.60
CA GLU B 762 6.41 27.51 -29.69
C GLU B 762 4.90 27.53 -29.49
N LYS B 763 4.39 26.52 -28.80
CA LYS B 763 2.96 26.43 -28.54
C LYS B 763 2.55 27.38 -27.42
#